data_4C7Q
#
_entry.id   4C7Q
#
_cell.length_a   1.000
_cell.length_b   1.000
_cell.length_c   1.000
_cell.angle_alpha   90.00
_cell.angle_beta   90.00
_cell.angle_gamma   90.00
#
_symmetry.space_group_name_H-M   'P 1'
#
_entity_poly.entity_id   1
_entity_poly.type   'polypeptide(L)'
_entity_poly.pdbx_seq_one_letter_code
;GMAEVEYRCFVGGLAWATTDQTLGEAFSQFGEILDSKIINDRETGRSRGFGFVTFKDEKAMRDAIEGMNGQDLDGRNITV
NEAQSR
;
_entity_poly.pdbx_strand_id   A
#
# COMPACT_ATOMS: atom_id res chain seq x y z
N GLY A 1 -14.89 10.08 2.41
CA GLY A 1 -15.57 11.34 2.64
C GLY A 1 -16.01 12.01 1.35
N MET A 2 -16.50 11.22 0.39
CA MET A 2 -16.98 11.73 -0.90
C MET A 2 -17.55 10.57 -1.71
N ALA A 3 -16.79 9.53 -1.77
CA ALA A 3 -17.16 8.32 -2.45
C ALA A 3 -16.55 7.19 -1.67
N GLU A 4 -17.37 6.56 -0.86
CA GLU A 4 -16.88 5.54 0.04
C GLU A 4 -16.93 4.21 -0.67
N VAL A 5 -15.77 3.73 -1.04
CA VAL A 5 -15.62 2.49 -1.75
C VAL A 5 -14.14 2.11 -1.66
N GLU A 6 -13.79 0.94 -2.16
CA GLU A 6 -12.44 0.50 -2.17
C GLU A 6 -11.59 1.41 -3.02
N TYR A 7 -10.63 1.97 -2.41
CA TYR A 7 -9.64 2.69 -3.11
C TYR A 7 -8.35 1.96 -3.03
N ARG A 8 -8.10 1.26 -4.07
CA ARG A 8 -6.99 0.37 -4.17
C ARG A 8 -5.76 1.13 -4.65
N CYS A 9 -4.73 1.07 -3.88
CA CYS A 9 -3.49 1.68 -4.22
C CYS A 9 -2.46 0.58 -4.45
N PHE A 10 -1.56 0.81 -5.39
CA PHE A 10 -0.54 -0.14 -5.71
C PHE A 10 0.78 0.35 -5.15
N VAL A 11 1.36 -0.44 -4.28
CA VAL A 11 2.63 -0.11 -3.72
C VAL A 11 3.63 -1.18 -4.15
N GLY A 12 4.57 -0.78 -4.93
CA GLY A 12 5.56 -1.67 -5.42
C GLY A 12 6.92 -1.22 -4.99
N GLY A 13 7.82 -2.12 -4.86
CA GLY A 13 9.13 -1.76 -4.47
C GLY A 13 9.24 -1.73 -2.98
N LEU A 14 8.68 -2.72 -2.37
CA LEU A 14 8.73 -2.89 -0.95
C LEU A 14 9.93 -3.74 -0.63
N ALA A 15 10.20 -3.93 0.60
CA ALA A 15 11.31 -4.72 0.99
C ALA A 15 10.81 -6.15 1.14
N TRP A 16 11.68 -7.12 1.02
CA TRP A 16 11.28 -8.50 1.14
C TRP A 16 10.92 -8.90 2.56
N ALA A 17 11.13 -7.99 3.48
CA ALA A 17 10.78 -8.19 4.86
C ALA A 17 9.52 -7.39 5.21
N THR A 18 8.98 -6.67 4.21
CA THR A 18 7.79 -5.86 4.41
C THR A 18 6.58 -6.74 4.64
N THR A 19 5.94 -6.53 5.74
CA THR A 19 4.78 -7.28 6.08
C THR A 19 3.57 -6.39 5.86
N ASP A 20 2.40 -6.97 5.74
CA ASP A 20 1.21 -6.17 5.62
C ASP A 20 0.86 -5.49 6.91
N GLN A 21 1.39 -6.03 7.97
CA GLN A 21 1.30 -5.43 9.29
C GLN A 21 2.03 -4.07 9.29
N THR A 22 3.26 -4.06 8.78
CA THR A 22 4.05 -2.84 8.72
C THR A 22 3.53 -1.91 7.61
N LEU A 23 3.10 -2.51 6.51
CA LEU A 23 2.55 -1.77 5.37
C LEU A 23 1.30 -0.98 5.77
N GLY A 24 0.34 -1.69 6.36
CA GLY A 24 -0.94 -1.11 6.72
C GLY A 24 -0.82 0.09 7.62
N GLU A 25 -0.20 -0.09 8.77
CA GLU A 25 -0.07 0.98 9.76
C GLU A 25 0.70 2.19 9.26
N ALA A 26 1.60 1.97 8.33
CA ALA A 26 2.34 3.04 7.72
C ALA A 26 1.38 3.96 6.94
N PHE A 27 0.40 3.35 6.30
CA PHE A 27 -0.57 4.08 5.52
C PHE A 27 -1.76 4.53 6.37
N SER A 28 -1.97 3.86 7.51
CA SER A 28 -3.03 4.24 8.47
C SER A 28 -2.76 5.65 9.02
N GLN A 29 -1.50 6.05 8.99
CA GLN A 29 -1.07 7.35 9.46
C GLN A 29 -1.49 8.44 8.45
N PHE A 30 -1.79 8.03 7.23
CA PHE A 30 -2.20 8.95 6.19
C PHE A 30 -3.70 8.89 5.93
N GLY A 31 -4.24 7.68 5.87
CA GLY A 31 -5.62 7.60 5.53
C GLY A 31 -6.32 6.38 6.04
N GLU A 32 -7.62 6.40 5.83
CA GLU A 32 -8.54 5.33 6.20
C GLU A 32 -8.26 4.06 5.42
N ILE A 33 -7.91 3.02 6.13
CA ILE A 33 -7.56 1.74 5.54
C ILE A 33 -8.75 0.76 5.69
N LEU A 34 -8.93 -0.07 4.67
CA LEU A 34 -9.93 -1.14 4.71
C LEU A 34 -9.23 -2.48 4.68
N ASP A 35 -8.14 -2.52 3.95
CA ASP A 35 -7.39 -3.74 3.68
C ASP A 35 -5.98 -3.36 3.27
N SER A 36 -5.04 -4.18 3.61
CA SER A 36 -3.67 -3.97 3.26
C SER A 36 -2.98 -5.31 3.25
N LYS A 37 -2.60 -5.79 2.10
CA LYS A 37 -2.01 -7.10 2.00
C LYS A 37 -0.80 -7.13 1.13
N ILE A 38 0.18 -7.88 1.58
CA ILE A 38 1.40 -8.11 0.85
C ILE A 38 1.22 -9.32 -0.03
N ILE A 39 1.62 -9.20 -1.27
CA ILE A 39 1.58 -10.30 -2.16
C ILE A 39 2.88 -11.05 -2.00
N ASN A 40 2.78 -12.25 -1.54
CA ASN A 40 3.97 -13.01 -1.27
C ASN A 40 4.31 -13.96 -2.38
N ASP A 41 5.52 -14.42 -2.34
CA ASP A 41 6.07 -15.29 -3.33
C ASP A 41 5.97 -16.70 -2.81
N ARG A 42 5.10 -17.47 -3.40
CA ARG A 42 4.81 -18.83 -2.94
C ARG A 42 5.98 -19.72 -3.26
N GLU A 43 6.48 -19.51 -4.45
CA GLU A 43 7.53 -20.25 -5.07
C GLU A 43 8.80 -20.31 -4.23
N THR A 44 9.24 -19.20 -3.68
CA THR A 44 10.44 -19.20 -2.88
C THR A 44 10.17 -18.97 -1.40
N GLY A 45 8.95 -18.58 -1.07
CA GLY A 45 8.62 -18.29 0.31
C GLY A 45 9.03 -16.89 0.71
N ARG A 46 9.16 -16.02 -0.27
CA ARG A 46 9.54 -14.64 -0.02
C ARG A 46 8.32 -13.74 -0.21
N SER A 47 8.57 -12.47 -0.33
CA SER A 47 7.56 -11.54 -0.73
C SER A 47 7.74 -11.31 -2.24
N ARG A 48 6.74 -10.76 -2.90
CA ARG A 48 6.89 -10.43 -4.32
C ARG A 48 7.59 -9.10 -4.44
N GLY A 49 7.60 -8.34 -3.37
CA GLY A 49 8.22 -7.05 -3.37
C GLY A 49 7.22 -5.94 -3.61
N PHE A 50 5.94 -6.26 -3.48
CA PHE A 50 4.89 -5.27 -3.65
C PHE A 50 3.64 -5.73 -2.90
N GLY A 51 2.69 -4.84 -2.76
CA GLY A 51 1.48 -5.14 -2.09
C GLY A 51 0.39 -4.16 -2.45
N PHE A 52 -0.79 -4.39 -1.94
CA PHE A 52 -1.91 -3.54 -2.21
C PHE A 52 -2.44 -2.94 -0.94
N VAL A 53 -2.85 -1.70 -1.01
CA VAL A 53 -3.42 -1.01 0.12
C VAL A 53 -4.81 -0.53 -0.28
N THR A 54 -5.77 -0.78 0.54
CA THR A 54 -7.12 -0.41 0.28
C THR A 54 -7.56 0.70 1.21
N PHE A 55 -7.92 1.78 0.63
CA PHE A 55 -8.40 2.91 1.33
C PHE A 55 -9.90 2.99 1.27
N LYS A 56 -10.45 3.71 2.21
CA LYS A 56 -11.89 3.93 2.30
C LYS A 56 -12.29 5.19 1.52
N ASP A 57 -11.32 6.07 1.34
CA ASP A 57 -11.56 7.36 0.72
C ASP A 57 -10.52 7.66 -0.35
N GLU A 58 -10.94 8.38 -1.36
CA GLU A 58 -10.10 8.75 -2.50
C GLU A 58 -8.98 9.69 -2.10
N LYS A 59 -9.29 10.68 -1.27
CA LYS A 59 -8.33 11.69 -0.88
C LYS A 59 -7.35 11.11 0.10
N ALA A 60 -7.88 10.28 0.99
CA ALA A 60 -7.08 9.58 1.96
C ALA A 60 -6.05 8.71 1.26
N MET A 61 -6.42 8.22 0.08
CA MET A 61 -5.53 7.43 -0.74
C MET A 61 -4.54 8.34 -1.45
N ARG A 62 -5.07 9.39 -2.11
CA ARG A 62 -4.26 10.38 -2.86
C ARG A 62 -3.07 10.89 -2.05
N ASP A 63 -3.35 11.48 -0.88
CA ASP A 63 -2.26 12.03 0.00
C ASP A 63 -1.23 10.97 0.34
N ALA A 64 -1.72 9.76 0.58
CA ALA A 64 -0.88 8.65 0.99
C ALA A 64 0.04 8.22 -0.14
N ILE A 65 -0.37 8.47 -1.35
CA ILE A 65 0.39 8.11 -2.51
C ILE A 65 1.56 9.06 -2.69
N GLU A 66 1.29 10.34 -2.78
CA GLU A 66 2.34 11.33 -2.93
C GLU A 66 3.24 11.39 -1.69
N GLY A 67 2.65 11.21 -0.52
CA GLY A 67 3.40 11.28 0.71
C GLY A 67 4.29 10.07 0.98
N MET A 68 3.95 8.94 0.41
CA MET A 68 4.74 7.71 0.63
C MET A 68 5.68 7.40 -0.50
N ASN A 69 5.38 7.85 -1.68
CA ASN A 69 6.19 7.53 -2.84
C ASN A 69 7.56 8.16 -2.72
N GLY A 70 8.59 7.33 -2.65
CA GLY A 70 9.93 7.83 -2.57
C GLY A 70 10.58 7.60 -1.23
N GLN A 71 9.80 7.50 -0.16
CA GLN A 71 10.39 7.33 1.16
C GLN A 71 10.63 5.87 1.48
N ASP A 72 11.14 5.61 2.66
CA ASP A 72 11.51 4.25 3.05
C ASP A 72 10.40 3.59 3.82
N LEU A 73 10.23 2.32 3.57
CA LEU A 73 9.32 1.50 4.33
C LEU A 73 9.96 0.12 4.43
N ASP A 74 10.41 -0.20 5.64
CA ASP A 74 11.05 -1.48 5.99
C ASP A 74 12.40 -1.68 5.32
N GLY A 75 13.10 -0.59 5.03
CA GLY A 75 14.43 -0.71 4.48
C GLY A 75 14.50 -0.59 2.97
N ARG A 76 13.42 -0.18 2.35
CA ARG A 76 13.46 0.09 0.95
C ARG A 76 12.65 1.33 0.62
N ASN A 77 13.18 2.16 -0.27
CA ASN A 77 12.41 3.28 -0.82
C ASN A 77 11.28 2.70 -1.62
N ILE A 78 10.11 3.02 -1.22
CA ILE A 78 8.93 2.46 -1.81
C ILE A 78 8.38 3.31 -2.93
N THR A 79 7.81 2.65 -3.91
CA THR A 79 7.20 3.31 -5.02
C THR A 79 5.68 3.13 -4.90
N VAL A 80 4.99 4.22 -4.72
CA VAL A 80 3.57 4.20 -4.51
C VAL A 80 2.89 4.91 -5.65
N ASN A 81 1.85 4.30 -6.18
CA ASN A 81 1.16 4.90 -7.31
C ASN A 81 -0.31 4.55 -7.30
N GLU A 82 -1.04 5.17 -8.19
CA GLU A 82 -2.44 5.03 -8.31
C GLU A 82 -2.79 3.72 -8.95
N ALA A 83 -3.75 3.06 -8.39
CA ALA A 83 -4.19 1.80 -8.93
C ALA A 83 -5.65 1.88 -9.27
N GLN A 84 -6.33 2.88 -8.67
CA GLN A 84 -7.79 3.09 -8.79
C GLN A 84 -8.60 1.88 -8.20
N SER A 85 -9.89 2.09 -7.93
CA SER A 85 -10.79 1.06 -7.40
C SER A 85 -10.80 -0.20 -8.27
N ARG A 86 -10.53 -1.35 -7.66
CA ARG A 86 -10.47 -2.62 -8.36
C ARG A 86 -11.29 -3.69 -7.65
N GLY A 1 -22.61 4.69 6.20
CA GLY A 1 -22.11 6.00 6.56
C GLY A 1 -22.21 6.90 5.38
N MET A 2 -21.14 7.58 5.06
CA MET A 2 -21.15 8.53 3.96
C MET A 2 -19.98 8.33 3.03
N ALA A 3 -19.05 7.45 3.40
CA ALA A 3 -17.86 7.24 2.60
C ALA A 3 -17.26 5.89 2.87
N GLU A 4 -17.88 4.87 2.33
CA GLU A 4 -17.39 3.54 2.45
C GLU A 4 -17.24 2.93 1.06
N VAL A 5 -16.06 3.03 0.54
CA VAL A 5 -15.75 2.53 -0.77
C VAL A 5 -14.28 2.12 -0.75
N GLU A 6 -13.90 1.18 -1.59
CA GLU A 6 -12.54 0.75 -1.59
C GLU A 6 -11.72 1.44 -2.66
N TYR A 7 -10.70 2.08 -2.21
CA TYR A 7 -9.70 2.62 -3.07
C TYR A 7 -8.43 1.93 -2.76
N ARG A 8 -7.54 1.83 -3.68
CA ARG A 8 -6.42 0.99 -3.45
C ARG A 8 -5.15 1.54 -4.06
N CYS A 9 -4.10 1.40 -3.33
CA CYS A 9 -2.81 1.88 -3.71
C CYS A 9 -1.90 0.69 -3.99
N PHE A 10 -1.04 0.83 -4.97
CA PHE A 10 -0.08 -0.18 -5.34
C PHE A 10 1.25 0.23 -4.77
N VAL A 11 1.82 -0.61 -3.94
CA VAL A 11 3.10 -0.31 -3.39
C VAL A 11 4.06 -1.43 -3.73
N GLY A 12 5.02 -1.13 -4.54
CA GLY A 12 6.00 -2.09 -4.96
C GLY A 12 7.37 -1.70 -4.49
N GLY A 13 8.25 -2.66 -4.40
CA GLY A 13 9.58 -2.39 -3.95
C GLY A 13 9.60 -2.38 -2.45
N LEU A 14 9.17 -3.47 -1.88
CA LEU A 14 9.03 -3.58 -0.45
C LEU A 14 10.33 -4.05 0.20
N ALA A 15 10.37 -3.93 1.51
CA ALA A 15 11.55 -4.16 2.28
C ALA A 15 11.68 -5.56 2.83
N TRP A 16 12.54 -5.70 3.83
CA TRP A 16 12.91 -6.99 4.38
C TRP A 16 11.82 -7.47 5.31
N ALA A 17 11.35 -6.57 6.11
CA ALA A 17 10.40 -6.89 7.17
C ALA A 17 9.02 -6.34 6.89
N THR A 18 8.75 -6.01 5.66
CA THR A 18 7.46 -5.47 5.31
C THR A 18 6.38 -6.57 5.33
N THR A 19 5.41 -6.40 6.19
CA THR A 19 4.30 -7.28 6.27
C THR A 19 3.07 -6.51 5.81
N ASP A 20 1.95 -7.17 5.66
CA ASP A 20 0.77 -6.51 5.17
C ASP A 20 0.22 -5.57 6.22
N GLN A 21 0.38 -5.95 7.49
CA GLN A 21 0.00 -5.12 8.61
C GLN A 21 0.82 -3.82 8.59
N THR A 22 2.16 -3.98 8.58
CA THR A 22 3.07 -2.84 8.65
C THR A 22 2.94 -1.89 7.47
N LEU A 23 2.61 -2.46 6.32
CA LEU A 23 2.38 -1.68 5.13
C LEU A 23 1.11 -0.84 5.31
N GLY A 24 0.11 -1.42 5.94
CA GLY A 24 -1.15 -0.75 6.13
C GLY A 24 -1.11 0.31 7.21
N GLU A 25 -0.50 -0.03 8.33
CA GLU A 25 -0.42 0.88 9.48
C GLU A 25 0.37 2.15 9.13
N ALA A 26 1.34 2.01 8.23
CA ALA A 26 2.14 3.14 7.77
C ALA A 26 1.25 4.16 7.04
N PHE A 27 0.28 3.65 6.30
CA PHE A 27 -0.63 4.51 5.54
C PHE A 27 -1.84 4.94 6.33
N SER A 28 -2.04 4.34 7.51
CA SER A 28 -3.18 4.64 8.37
C SER A 28 -3.14 6.08 8.89
N GLN A 29 -1.98 6.71 8.71
CA GLN A 29 -1.76 8.09 9.09
C GLN A 29 -2.60 9.03 8.19
N PHE A 30 -2.90 8.59 6.97
CA PHE A 30 -3.68 9.40 6.07
C PHE A 30 -5.13 8.98 6.01
N GLY A 31 -5.40 7.70 6.05
CA GLY A 31 -6.77 7.29 6.02
C GLY A 31 -7.00 5.92 6.57
N GLU A 32 -8.27 5.61 6.78
CA GLU A 32 -8.69 4.32 7.27
C GLU A 32 -8.38 3.25 6.25
N ILE A 33 -7.70 2.23 6.69
CA ILE A 33 -7.30 1.13 5.85
C ILE A 33 -8.31 0.01 5.99
N LEU A 34 -8.81 -0.48 4.87
CA LEU A 34 -9.77 -1.56 4.89
C LEU A 34 -9.05 -2.88 5.01
N ASP A 35 -7.91 -2.97 4.34
CA ASP A 35 -7.03 -4.14 4.34
C ASP A 35 -5.79 -3.76 3.57
N SER A 36 -4.72 -4.41 3.83
CA SER A 36 -3.48 -4.17 3.19
C SER A 36 -2.85 -5.52 2.97
N LYS A 37 -2.19 -5.74 1.84
CA LYS A 37 -1.66 -7.04 1.51
C LYS A 37 -0.34 -7.01 0.83
N ILE A 38 0.47 -7.97 1.18
CA ILE A 38 1.69 -8.26 0.46
C ILE A 38 1.28 -9.35 -0.49
N ILE A 39 1.38 -9.10 -1.76
CA ILE A 39 0.89 -10.06 -2.70
C ILE A 39 1.98 -11.06 -3.03
N ASN A 40 1.60 -12.32 -2.95
CA ASN A 40 2.52 -13.39 -3.17
C ASN A 40 2.40 -13.99 -4.55
N ASP A 41 3.48 -14.55 -4.97
CA ASP A 41 3.67 -15.12 -6.28
C ASP A 41 3.46 -16.61 -6.15
N ARG A 42 2.41 -17.11 -6.75
CA ARG A 42 2.05 -18.52 -6.63
C ARG A 42 2.99 -19.43 -7.41
N GLU A 43 3.58 -18.89 -8.47
CA GLU A 43 4.44 -19.66 -9.32
C GLU A 43 5.83 -19.92 -8.73
N THR A 44 6.42 -18.95 -8.09
CA THR A 44 7.70 -19.15 -7.45
C THR A 44 7.53 -19.55 -5.98
N GLY A 45 6.37 -19.24 -5.43
CA GLY A 45 6.07 -19.57 -4.06
C GLY A 45 6.67 -18.58 -3.08
N ARG A 46 6.76 -17.32 -3.47
CA ARG A 46 7.30 -16.28 -2.58
C ARG A 46 6.56 -14.98 -2.80
N SER A 47 6.91 -13.94 -2.08
CA SER A 47 6.27 -12.64 -2.27
C SER A 47 6.70 -12.03 -3.61
N ARG A 48 5.80 -11.29 -4.29
CA ARG A 48 6.15 -10.75 -5.63
C ARG A 48 6.94 -9.45 -5.49
N GLY A 49 7.11 -9.00 -4.26
CA GLY A 49 7.88 -7.80 -4.01
C GLY A 49 7.04 -6.55 -3.95
N PHE A 50 5.73 -6.71 -4.06
CA PHE A 50 4.83 -5.59 -3.99
C PHE A 50 3.57 -5.98 -3.24
N GLY A 51 2.76 -5.00 -2.96
CA GLY A 51 1.53 -5.23 -2.30
C GLY A 51 0.52 -4.15 -2.62
N PHE A 52 -0.62 -4.25 -2.01
CA PHE A 52 -1.69 -3.30 -2.21
C PHE A 52 -2.23 -2.85 -0.88
N VAL A 53 -2.59 -1.60 -0.80
CA VAL A 53 -3.18 -1.05 0.40
C VAL A 53 -4.56 -0.52 0.05
N THR A 54 -5.57 -1.00 0.72
CA THR A 54 -6.93 -0.59 0.46
C THR A 54 -7.37 0.49 1.45
N PHE A 55 -7.80 1.60 0.92
CA PHE A 55 -8.23 2.74 1.66
C PHE A 55 -9.72 2.89 1.58
N LYS A 56 -10.28 3.46 2.59
CA LYS A 56 -11.70 3.76 2.66
C LYS A 56 -11.98 5.15 2.06
N ASP A 57 -10.97 6.00 2.09
CA ASP A 57 -11.08 7.38 1.61
C ASP A 57 -10.33 7.58 0.32
N GLU A 58 -10.94 8.31 -0.57
CA GLU A 58 -10.42 8.61 -1.89
C GLU A 58 -9.25 9.55 -1.77
N LYS A 59 -9.39 10.53 -0.89
CA LYS A 59 -8.37 11.52 -0.67
C LYS A 59 -7.13 10.86 -0.11
N ALA A 60 -7.33 10.04 0.92
CA ALA A 60 -6.28 9.32 1.62
C ALA A 60 -5.46 8.46 0.70
N MET A 61 -6.09 7.93 -0.34
CA MET A 61 -5.38 7.13 -1.31
C MET A 61 -4.35 8.01 -2.02
N ARG A 62 -4.73 9.23 -2.33
CA ARG A 62 -3.84 10.16 -2.99
C ARG A 62 -2.81 10.70 -2.03
N ASP A 63 -3.25 11.03 -0.80
CA ASP A 63 -2.34 11.53 0.26
C ASP A 63 -1.20 10.54 0.45
N ALA A 64 -1.54 9.27 0.32
CA ALA A 64 -0.62 8.18 0.48
C ALA A 64 0.39 8.13 -0.66
N ILE A 65 -0.08 8.42 -1.86
CA ILE A 65 0.76 8.37 -3.04
C ILE A 65 1.68 9.57 -3.08
N GLU A 66 1.09 10.73 -2.97
CA GLU A 66 1.80 11.98 -3.01
C GLU A 66 2.72 12.17 -1.78
N GLY A 67 2.46 11.41 -0.73
CA GLY A 67 3.26 11.51 0.46
C GLY A 67 4.34 10.43 0.58
N MET A 68 4.01 9.19 0.24
CA MET A 68 4.95 8.08 0.44
C MET A 68 5.71 7.68 -0.80
N ASN A 69 5.52 8.36 -1.90
CA ASN A 69 6.20 7.97 -3.15
C ASN A 69 7.71 8.17 -3.03
N GLY A 70 8.45 7.07 -3.10
CA GLY A 70 9.89 7.16 -3.12
C GLY A 70 10.53 7.16 -1.75
N GLN A 71 9.73 7.18 -0.68
CA GLN A 71 10.30 7.22 0.66
C GLN A 71 10.86 5.86 1.03
N ASP A 72 11.65 5.84 2.07
CA ASP A 72 12.22 4.60 2.56
C ASP A 72 11.31 4.01 3.58
N LEU A 73 11.17 2.73 3.54
CA LEU A 73 10.46 2.01 4.52
C LEU A 73 11.24 0.72 4.73
N ASP A 74 11.93 0.63 5.88
CA ASP A 74 12.69 -0.58 6.29
C ASP A 74 13.90 -0.84 5.34
N GLY A 75 14.46 0.23 4.80
CA GLY A 75 15.63 0.10 3.97
C GLY A 75 15.27 -0.16 2.53
N ARG A 76 14.11 0.25 2.14
CA ARG A 76 13.70 0.14 0.77
C ARG A 76 12.94 1.37 0.35
N ASN A 77 13.23 1.86 -0.83
CA ASN A 77 12.45 2.95 -1.39
C ASN A 77 11.24 2.35 -2.04
N ILE A 78 10.13 2.56 -1.43
CA ILE A 78 8.89 2.02 -1.90
C ILE A 78 8.30 2.84 -3.03
N THR A 79 7.78 2.17 -4.00
CA THR A 79 7.17 2.81 -5.12
C THR A 79 5.66 2.76 -4.92
N VAL A 80 5.08 3.92 -4.75
CA VAL A 80 3.69 4.04 -4.43
C VAL A 80 2.93 4.68 -5.59
N ASN A 81 1.89 4.02 -6.07
CA ASN A 81 1.07 4.56 -7.16
C ASN A 81 -0.39 4.16 -6.98
N GLU A 82 -1.25 4.71 -7.82
CA GLU A 82 -2.67 4.54 -7.71
C GLU A 82 -3.13 3.26 -8.39
N ALA A 83 -3.62 2.34 -7.59
CA ALA A 83 -4.09 1.08 -8.11
C ALA A 83 -5.58 1.15 -8.38
N GLN A 84 -6.24 2.13 -7.75
CA GLN A 84 -7.71 2.31 -7.84
C GLN A 84 -8.46 1.07 -7.35
N SER A 85 -9.76 1.06 -7.53
CA SER A 85 -10.58 -0.09 -7.21
C SER A 85 -10.37 -1.19 -8.29
N ARG A 86 -9.13 -1.58 -8.46
CA ARG A 86 -8.72 -2.57 -9.45
C ARG A 86 -7.91 -3.64 -8.75
N GLY A 1 -24.56 6.25 0.26
CA GLY A 1 -23.96 7.59 0.32
C GLY A 1 -23.25 7.90 -0.95
N MET A 2 -21.93 7.92 -0.91
CA MET A 2 -21.10 8.26 -2.09
C MET A 2 -19.61 8.10 -1.78
N ALA A 3 -19.28 7.64 -0.58
CA ALA A 3 -17.89 7.54 -0.17
C ALA A 3 -17.61 6.13 0.28
N GLU A 4 -18.52 5.25 -0.07
CA GLU A 4 -18.40 3.87 0.30
C GLU A 4 -17.88 3.10 -0.90
N VAL A 5 -16.59 3.15 -1.09
CA VAL A 5 -15.94 2.50 -2.20
C VAL A 5 -14.50 2.23 -1.78
N GLU A 6 -13.83 1.34 -2.45
CA GLU A 6 -12.47 1.05 -2.12
C GLU A 6 -11.52 1.89 -2.96
N TYR A 7 -10.54 2.44 -2.33
CA TYR A 7 -9.50 3.10 -3.01
C TYR A 7 -8.21 2.43 -2.74
N ARG A 8 -7.94 1.51 -3.58
CA ARG A 8 -6.83 0.65 -3.48
C ARG A 8 -5.60 1.29 -4.11
N CYS A 9 -4.54 1.38 -3.38
CA CYS A 9 -3.30 1.91 -3.89
C CYS A 9 -2.31 0.78 -4.01
N PHE A 10 -1.52 0.82 -5.03
CA PHE A 10 -0.56 -0.20 -5.33
C PHE A 10 0.77 0.23 -4.75
N VAL A 11 1.42 -0.63 -4.01
CA VAL A 11 2.69 -0.32 -3.46
C VAL A 11 3.68 -1.39 -3.90
N GLY A 12 4.62 -1.00 -4.70
CA GLY A 12 5.60 -1.91 -5.19
C GLY A 12 6.98 -1.53 -4.76
N GLY A 13 7.82 -2.51 -4.58
CA GLY A 13 9.17 -2.25 -4.16
C GLY A 13 9.24 -2.15 -2.66
N LEU A 14 8.72 -3.15 -2.01
CA LEU A 14 8.69 -3.20 -0.57
C LEU A 14 10.01 -3.66 0.00
N ALA A 15 10.12 -3.58 1.30
CA ALA A 15 11.35 -3.83 1.97
C ALA A 15 11.52 -5.24 2.49
N TRP A 16 12.51 -5.37 3.31
CA TRP A 16 13.04 -6.63 3.76
C TRP A 16 12.18 -7.25 4.85
N ALA A 17 11.55 -6.43 5.65
CA ALA A 17 10.76 -6.93 6.78
C ALA A 17 9.34 -6.41 6.75
N THR A 18 8.99 -5.74 5.67
CA THR A 18 7.69 -5.14 5.56
C THR A 18 6.62 -6.21 5.32
N THR A 19 5.69 -6.31 6.25
CA THR A 19 4.58 -7.22 6.10
C THR A 19 3.36 -6.40 5.74
N ASP A 20 2.25 -7.05 5.47
CA ASP A 20 1.01 -6.33 5.16
C ASP A 20 0.43 -5.64 6.35
N GLN A 21 0.82 -6.11 7.52
CA GLN A 21 0.43 -5.45 8.73
C GLN A 21 1.11 -4.10 8.74
N THR A 22 2.43 -4.15 8.60
CA THR A 22 3.29 -3.03 8.58
C THR A 22 2.94 -2.06 7.45
N LEU A 23 2.54 -2.61 6.33
CA LEU A 23 2.14 -1.83 5.19
C LEU A 23 0.87 -1.06 5.54
N GLY A 24 -0.11 -1.76 6.07
CA GLY A 24 -1.36 -1.14 6.44
C GLY A 24 -1.21 -0.13 7.57
N GLU A 25 -0.47 -0.49 8.62
CA GLU A 25 -0.30 0.38 9.79
C GLU A 25 0.41 1.69 9.43
N ALA A 26 1.37 1.61 8.52
CA ALA A 26 2.11 2.78 8.07
C ALA A 26 1.21 3.76 7.33
N PHE A 27 0.27 3.22 6.56
CA PHE A 27 -0.66 4.03 5.80
C PHE A 27 -1.85 4.47 6.65
N SER A 28 -2.00 3.89 7.83
CA SER A 28 -3.11 4.23 8.74
C SER A 28 -2.94 5.65 9.30
N GLN A 29 -1.74 6.19 9.16
CA GLN A 29 -1.45 7.54 9.59
C GLN A 29 -1.96 8.54 8.53
N PHE A 30 -2.26 8.02 7.35
CA PHE A 30 -2.73 8.83 6.25
C PHE A 30 -4.24 8.71 6.10
N GLY A 31 -4.76 7.52 6.28
CA GLY A 31 -6.18 7.33 6.14
C GLY A 31 -6.63 6.03 6.69
N GLU A 32 -7.87 5.70 6.42
CA GLU A 32 -8.48 4.51 6.92
C GLU A 32 -8.33 3.35 5.95
N ILE A 33 -7.88 2.22 6.48
CA ILE A 33 -7.53 1.08 5.68
C ILE A 33 -8.63 0.04 5.72
N LEU A 34 -9.06 -0.39 4.56
CA LEU A 34 -10.04 -1.44 4.43
C LEU A 34 -9.33 -2.79 4.38
N ASP A 35 -8.25 -2.86 3.62
CA ASP A 35 -7.47 -4.08 3.48
C ASP A 35 -6.08 -3.74 2.97
N SER A 36 -5.13 -4.57 3.27
CA SER A 36 -3.80 -4.42 2.78
C SER A 36 -3.15 -5.79 2.81
N LYS A 37 -2.58 -6.22 1.70
CA LYS A 37 -1.95 -7.53 1.62
C LYS A 37 -0.68 -7.51 0.81
N ILE A 38 0.27 -8.34 1.22
CA ILE A 38 1.49 -8.54 0.47
C ILE A 38 1.23 -9.59 -0.58
N ILE A 39 1.67 -9.34 -1.77
CA ILE A 39 1.47 -10.28 -2.84
C ILE A 39 2.66 -11.22 -2.94
N ASN A 40 2.40 -12.45 -2.66
CA ASN A 40 3.39 -13.48 -2.71
C ASN A 40 3.32 -14.29 -4.01
N ASP A 41 4.35 -15.06 -4.23
CA ASP A 41 4.59 -15.80 -5.46
C ASP A 41 4.06 -17.23 -5.31
N ARG A 42 3.20 -17.66 -6.21
CA ARG A 42 2.62 -19.00 -6.14
C ARG A 42 3.64 -20.06 -6.52
N GLU A 43 4.25 -19.81 -7.65
CA GLU A 43 5.15 -20.71 -8.32
C GLU A 43 6.37 -21.11 -7.46
N THR A 44 6.93 -20.18 -6.74
CA THR A 44 8.10 -20.48 -5.93
C THR A 44 7.86 -20.39 -4.43
N GLY A 45 6.68 -19.91 -4.03
CA GLY A 45 6.38 -19.78 -2.61
C GLY A 45 7.08 -18.58 -1.97
N ARG A 46 7.60 -17.72 -2.81
CA ARG A 46 8.32 -16.54 -2.37
C ARG A 46 7.37 -15.35 -2.22
N SER A 47 7.93 -14.21 -1.96
CA SER A 47 7.20 -12.98 -1.93
C SER A 47 7.54 -12.20 -3.21
N ARG A 48 6.64 -11.38 -3.71
CA ARG A 48 6.94 -10.63 -4.92
C ARG A 48 7.31 -9.18 -4.65
N GLY A 49 7.45 -8.85 -3.38
CA GLY A 49 7.95 -7.56 -2.96
C GLY A 49 7.02 -6.40 -3.25
N PHE A 50 5.74 -6.66 -3.31
CA PHE A 50 4.79 -5.60 -3.50
C PHE A 50 3.47 -5.99 -2.88
N GLY A 51 2.57 -5.05 -2.80
CA GLY A 51 1.29 -5.27 -2.25
C GLY A 51 0.39 -4.10 -2.53
N PHE A 52 -0.70 -4.00 -1.83
CA PHE A 52 -1.61 -2.90 -1.99
C PHE A 52 -2.20 -2.47 -0.67
N VAL A 53 -2.63 -1.23 -0.60
CA VAL A 53 -3.27 -0.69 0.58
C VAL A 53 -4.59 -0.09 0.17
N THR A 54 -5.64 -0.60 0.71
CA THR A 54 -6.95 -0.14 0.37
C THR A 54 -7.48 0.85 1.38
N PHE A 55 -7.81 2.01 0.90
CA PHE A 55 -8.45 3.05 1.67
C PHE A 55 -9.89 3.07 1.27
N LYS A 56 -10.69 3.85 1.92
CA LYS A 56 -12.07 3.98 1.50
C LYS A 56 -12.28 5.38 0.95
N ASP A 57 -11.43 6.30 1.35
CA ASP A 57 -11.47 7.66 0.86
C ASP A 57 -10.36 7.90 -0.14
N GLU A 58 -10.65 8.66 -1.19
CA GLU A 58 -9.65 8.90 -2.20
C GLU A 58 -8.70 9.98 -1.80
N LYS A 59 -9.17 10.95 -1.06
CA LYS A 59 -8.33 12.05 -0.62
C LYS A 59 -7.15 11.53 0.20
N ALA A 60 -7.45 10.75 1.20
CA ALA A 60 -6.44 10.15 2.05
C ALA A 60 -5.54 9.20 1.25
N MET A 61 -6.11 8.56 0.24
CA MET A 61 -5.38 7.61 -0.58
C MET A 61 -4.40 8.34 -1.52
N ARG A 62 -4.85 9.41 -2.16
CA ARG A 62 -4.02 10.20 -3.10
C ARG A 62 -2.83 10.80 -2.38
N ASP A 63 -3.10 11.37 -1.23
CA ASP A 63 -2.07 11.99 -0.39
C ASP A 63 -1.14 10.94 0.18
N ALA A 64 -1.63 9.73 0.32
CA ALA A 64 -0.83 8.64 0.85
C ALA A 64 0.12 8.14 -0.21
N ILE A 65 -0.29 8.26 -1.46
CA ILE A 65 0.52 7.82 -2.57
C ILE A 65 1.79 8.63 -2.63
N GLU A 66 1.67 9.92 -2.77
CA GLU A 66 2.82 10.78 -2.90
C GLU A 66 3.51 11.01 -1.56
N GLY A 67 2.80 10.72 -0.49
CA GLY A 67 3.37 10.81 0.82
C GLY A 67 4.28 9.63 1.14
N MET A 68 4.19 8.58 0.34
CA MET A 68 5.02 7.39 0.52
C MET A 68 5.88 7.10 -0.71
N ASN A 69 5.42 7.53 -1.85
CA ASN A 69 6.08 7.27 -3.13
C ASN A 69 7.44 7.92 -3.20
N GLY A 70 8.47 7.11 -3.31
CA GLY A 70 9.80 7.63 -3.45
C GLY A 70 10.61 7.57 -2.18
N GLN A 71 9.96 7.48 -1.04
CA GLN A 71 10.70 7.51 0.21
C GLN A 71 11.11 6.10 0.63
N ASP A 72 11.86 6.03 1.71
CA ASP A 72 12.33 4.78 2.24
C ASP A 72 11.35 4.28 3.28
N LEU A 73 11.06 3.03 3.20
CA LEU A 73 10.26 2.39 4.16
C LEU A 73 10.91 1.07 4.46
N ASP A 74 11.47 0.96 5.67
CA ASP A 74 12.06 -0.29 6.19
C ASP A 74 13.35 -0.70 5.40
N GLY A 75 14.04 0.30 4.85
CA GLY A 75 15.30 0.05 4.18
C GLY A 75 15.16 -0.14 2.70
N ARG A 76 14.01 0.19 2.18
CA ARG A 76 13.75 0.12 0.78
C ARG A 76 12.95 1.33 0.34
N ASN A 77 13.24 1.83 -0.82
CA ASN A 77 12.49 2.93 -1.37
C ASN A 77 11.31 2.38 -2.14
N ILE A 78 10.15 2.74 -1.69
CA ILE A 78 8.89 2.22 -2.20
C ILE A 78 8.30 3.10 -3.30
N THR A 79 7.56 2.46 -4.17
CA THR A 79 6.84 3.12 -5.24
C THR A 79 5.36 2.92 -4.97
N VAL A 80 4.62 3.99 -4.92
CA VAL A 80 3.20 3.91 -4.64
C VAL A 80 2.45 4.60 -5.77
N ASN A 81 1.35 4.02 -6.17
CA ASN A 81 0.50 4.57 -7.22
C ASN A 81 -0.93 4.07 -7.02
N GLU A 82 -1.86 4.58 -7.79
CA GLU A 82 -3.24 4.19 -7.62
C GLU A 82 -3.50 2.86 -8.32
N ALA A 83 -4.04 1.91 -7.58
CA ALA A 83 -4.42 0.64 -8.13
C ALA A 83 -5.86 0.75 -8.59
N GLN A 84 -6.56 1.69 -7.94
CA GLN A 84 -7.93 2.09 -8.20
C GLN A 84 -8.94 1.03 -7.70
N SER A 85 -10.22 1.37 -7.68
CA SER A 85 -11.29 0.52 -7.19
C SER A 85 -11.42 -0.77 -8.02
N ARG A 86 -10.89 -1.87 -7.46
CA ARG A 86 -10.88 -3.21 -8.03
C ARG A 86 -10.05 -4.18 -7.16
N GLY A 1 -8.91 9.02 -8.89
CA GLY A 1 -9.25 9.73 -10.12
C GLY A 1 -10.54 10.55 -9.99
N MET A 2 -10.70 11.24 -8.86
CA MET A 2 -11.86 12.10 -8.55
C MET A 2 -13.15 11.29 -8.37
N ALA A 3 -13.14 10.43 -7.36
CA ALA A 3 -14.29 9.60 -7.01
C ALA A 3 -14.07 8.98 -5.65
N GLU A 4 -14.92 9.26 -4.71
CA GLU A 4 -14.79 8.69 -3.39
C GLU A 4 -15.38 7.30 -3.38
N VAL A 5 -14.52 6.33 -3.34
CA VAL A 5 -14.89 4.93 -3.38
C VAL A 5 -13.67 4.12 -2.91
N GLU A 6 -13.88 2.87 -2.55
CA GLU A 6 -12.82 1.97 -2.14
C GLU A 6 -11.72 1.89 -3.21
N TYR A 7 -10.59 2.48 -2.94
CA TYR A 7 -9.49 2.48 -3.87
C TYR A 7 -8.46 1.46 -3.55
N ARG A 8 -8.04 0.76 -4.57
CA ARG A 8 -6.93 -0.14 -4.44
C ARG A 8 -5.70 0.69 -4.81
N CYS A 9 -4.70 0.66 -3.99
CA CYS A 9 -3.48 1.40 -4.23
C CYS A 9 -2.35 0.41 -4.45
N PHE A 10 -1.44 0.73 -5.34
CA PHE A 10 -0.32 -0.13 -5.69
C PHE A 10 0.92 0.36 -4.99
N VAL A 11 1.56 -0.51 -4.24
CA VAL A 11 2.81 -0.19 -3.61
C VAL A 11 3.83 -1.27 -3.98
N GLY A 12 4.83 -0.90 -4.71
CA GLY A 12 5.85 -1.82 -5.12
C GLY A 12 7.20 -1.38 -4.63
N GLY A 13 8.17 -2.27 -4.67
CA GLY A 13 9.50 -1.93 -4.21
C GLY A 13 9.57 -2.03 -2.71
N LEU A 14 9.00 -3.09 -2.20
CA LEU A 14 8.89 -3.29 -0.78
C LEU A 14 10.18 -3.83 -0.18
N ALA A 15 10.19 -3.92 1.11
CA ALA A 15 11.35 -4.31 1.85
C ALA A 15 11.19 -5.69 2.46
N TRP A 16 12.15 -6.09 3.27
CA TRP A 16 12.14 -7.41 3.87
C TRP A 16 11.19 -7.44 5.05
N ALA A 17 11.17 -6.35 5.79
CA ALA A 17 10.30 -6.24 6.95
C ALA A 17 8.90 -5.78 6.56
N THR A 18 8.62 -5.71 5.28
CA THR A 18 7.34 -5.31 4.82
C THR A 18 6.34 -6.47 4.90
N THR A 19 5.35 -6.30 5.69
CA THR A 19 4.28 -7.23 5.87
C THR A 19 3.05 -6.49 5.68
N ASP A 20 1.99 -7.19 5.67
CA ASP A 20 0.70 -6.63 5.47
C ASP A 20 0.40 -5.64 6.57
N GLN A 21 0.85 -5.97 7.78
CA GLN A 21 0.68 -5.14 8.93
C GLN A 21 1.57 -3.90 8.86
N THR A 22 2.88 -4.11 8.63
CA THR A 22 3.80 -2.99 8.62
C THR A 22 3.56 -2.03 7.44
N LEU A 23 3.02 -2.56 6.34
CA LEU A 23 2.67 -1.73 5.21
C LEU A 23 1.38 -0.99 5.52
N GLY A 24 0.44 -1.70 6.13
CA GLY A 24 -0.84 -1.12 6.49
C GLY A 24 -0.69 0.02 7.46
N GLU A 25 0.02 -0.23 8.55
CA GLU A 25 0.23 0.77 9.59
C GLU A 25 1.03 1.97 9.12
N ALA A 26 1.87 1.78 8.13
CA ALA A 26 2.59 2.87 7.54
C ALA A 26 1.59 3.86 6.90
N PHE A 27 0.58 3.30 6.28
CA PHE A 27 -0.44 4.09 5.62
C PHE A 27 -1.63 4.47 6.51
N SER A 28 -1.77 3.83 7.67
CA SER A 28 -2.94 4.07 8.54
C SER A 28 -2.91 5.48 9.15
N GLN A 29 -1.74 6.10 9.09
CA GLN A 29 -1.54 7.46 9.55
C GLN A 29 -2.18 8.45 8.56
N PHE A 30 -2.44 7.99 7.35
CA PHE A 30 -3.00 8.83 6.31
C PHE A 30 -4.51 8.62 6.21
N GLY A 31 -4.93 7.37 6.33
CA GLY A 31 -6.33 7.07 6.30
C GLY A 31 -6.59 5.68 6.80
N GLU A 32 -7.83 5.39 7.14
CA GLU A 32 -8.22 4.11 7.64
C GLU A 32 -8.07 3.07 6.53
N ILE A 33 -7.24 2.10 6.79
CA ILE A 33 -6.97 1.05 5.86
C ILE A 33 -8.10 0.05 5.91
N LEU A 34 -8.69 -0.24 4.78
CA LEU A 34 -9.76 -1.22 4.74
C LEU A 34 -9.16 -2.61 4.68
N ASP A 35 -8.10 -2.74 3.91
CA ASP A 35 -7.35 -3.97 3.81
C ASP A 35 -6.01 -3.65 3.22
N SER A 36 -5.07 -4.49 3.41
CA SER A 36 -3.74 -4.31 2.91
C SER A 36 -3.14 -5.67 2.74
N LYS A 37 -2.76 -5.99 1.54
CA LYS A 37 -2.20 -7.28 1.26
C LYS A 37 -1.01 -7.21 0.35
N ILE A 38 0.07 -7.78 0.83
CA ILE A 38 1.26 -7.97 0.05
C ILE A 38 0.94 -9.09 -0.91
N ILE A 39 1.46 -9.02 -2.10
CA ILE A 39 1.24 -10.10 -3.01
C ILE A 39 2.25 -11.17 -2.69
N ASN A 40 1.75 -12.30 -2.30
CA ASN A 40 2.58 -13.38 -1.82
C ASN A 40 2.80 -14.47 -2.84
N ASP A 41 3.75 -15.29 -2.50
CA ASP A 41 4.12 -16.49 -3.23
C ASP A 41 3.15 -17.56 -2.77
N ARG A 42 2.24 -17.96 -3.63
CA ARG A 42 1.19 -18.89 -3.23
C ARG A 42 1.66 -20.33 -3.01
N GLU A 43 2.87 -20.63 -3.39
CA GLU A 43 3.41 -21.94 -3.22
C GLU A 43 4.12 -22.13 -1.88
N THR A 44 4.88 -21.15 -1.46
CA THR A 44 5.65 -21.28 -0.22
C THR A 44 5.29 -20.24 0.83
N GLY A 45 4.67 -19.15 0.41
CA GLY A 45 4.31 -18.11 1.36
C GLY A 45 5.27 -16.92 1.36
N ARG A 46 6.19 -16.89 0.40
CA ARG A 46 7.14 -15.77 0.26
C ARG A 46 6.40 -14.49 -0.20
N SER A 47 7.14 -13.45 -0.53
CA SER A 47 6.56 -12.22 -1.02
C SER A 47 6.95 -12.01 -2.50
N ARG A 48 6.17 -11.22 -3.23
CA ARG A 48 6.49 -10.90 -4.63
C ARG A 48 7.19 -9.54 -4.74
N GLY A 49 7.27 -8.82 -3.63
CA GLY A 49 7.99 -7.56 -3.63
C GLY A 49 7.11 -6.34 -3.79
N PHE A 50 5.82 -6.57 -3.93
CA PHE A 50 4.87 -5.49 -4.05
C PHE A 50 3.55 -5.90 -3.42
N GLY A 51 2.70 -4.95 -3.16
CA GLY A 51 1.45 -5.22 -2.53
C GLY A 51 0.43 -4.16 -2.85
N PHE A 52 -0.77 -4.38 -2.38
CA PHE A 52 -1.85 -3.44 -2.61
C PHE A 52 -2.52 -3.11 -1.29
N VAL A 53 -2.81 -1.84 -1.10
CA VAL A 53 -3.47 -1.32 0.10
C VAL A 53 -4.83 -0.75 -0.32
N THR A 54 -5.83 -0.91 0.50
CA THR A 54 -7.16 -0.40 0.20
C THR A 54 -7.55 0.77 1.11
N PHE A 55 -7.92 1.87 0.49
CA PHE A 55 -8.36 3.06 1.16
C PHE A 55 -9.84 3.28 0.88
N LYS A 56 -10.51 3.90 1.81
CA LYS A 56 -11.93 4.19 1.71
C LYS A 56 -12.23 5.45 0.92
N ASP A 57 -11.42 6.45 1.11
CA ASP A 57 -11.60 7.74 0.48
C ASP A 57 -10.43 8.03 -0.42
N GLU A 58 -10.62 8.91 -1.37
CA GLU A 58 -9.58 9.21 -2.32
C GLU A 58 -8.59 10.20 -1.71
N LYS A 59 -9.07 10.99 -0.76
CA LYS A 59 -8.24 11.92 -0.01
C LYS A 59 -7.05 11.20 0.61
N ALA A 60 -7.32 10.21 1.43
CA ALA A 60 -6.30 9.42 2.09
C ALA A 60 -5.48 8.62 1.10
N MET A 61 -6.11 8.19 0.04
CA MET A 61 -5.45 7.38 -0.96
C MET A 61 -4.41 8.21 -1.72
N ARG A 62 -4.78 9.41 -2.17
CA ARG A 62 -3.82 10.28 -2.86
C ARG A 62 -2.77 10.78 -1.90
N ASP A 63 -3.20 11.05 -0.69
CA ASP A 63 -2.34 11.58 0.39
C ASP A 63 -1.21 10.59 0.64
N ALA A 64 -1.54 9.32 0.52
CA ALA A 64 -0.61 8.25 0.72
C ALA A 64 0.36 8.14 -0.46
N ILE A 65 -0.10 8.48 -1.63
CA ILE A 65 0.73 8.41 -2.82
C ILE A 65 1.70 9.57 -2.82
N GLU A 66 1.15 10.76 -2.75
CA GLU A 66 1.91 11.99 -2.77
C GLU A 66 2.86 12.13 -1.57
N GLY A 67 2.51 11.50 -0.46
CA GLY A 67 3.34 11.59 0.72
C GLY A 67 4.26 10.40 0.96
N MET A 68 3.97 9.25 0.38
CA MET A 68 4.77 8.05 0.67
C MET A 68 5.55 7.53 -0.51
N ASN A 69 5.32 8.05 -1.69
CA ASN A 69 6.06 7.55 -2.84
C ASN A 69 7.51 8.03 -2.81
N GLY A 70 8.41 7.09 -2.69
CA GLY A 70 9.81 7.41 -2.70
C GLY A 70 10.43 7.43 -1.32
N GLN A 71 9.62 7.27 -0.28
CA GLN A 71 10.16 7.30 1.08
C GLN A 71 10.83 5.98 1.44
N ASP A 72 11.52 5.95 2.56
CA ASP A 72 12.22 4.75 2.99
C ASP A 72 11.37 3.95 3.93
N LEU A 73 11.22 2.71 3.63
CA LEU A 73 10.58 1.80 4.50
C LEU A 73 11.49 0.56 4.51
N ASP A 74 12.19 0.38 5.63
CA ASP A 74 13.13 -0.74 5.82
C ASP A 74 14.23 -0.77 4.73
N GLY A 75 14.87 0.39 4.54
CA GLY A 75 16.01 0.49 3.62
C GLY A 75 15.60 0.35 2.17
N ARG A 76 14.36 0.68 1.89
CA ARG A 76 13.81 0.57 0.56
C ARG A 76 12.97 1.76 0.26
N ASN A 77 12.89 2.10 -0.99
CA ASN A 77 12.07 3.21 -1.41
C ASN A 77 10.88 2.65 -2.08
N ILE A 78 9.77 2.76 -1.43
CA ILE A 78 8.55 2.21 -1.94
C ILE A 78 7.94 3.11 -3.00
N THR A 79 7.45 2.49 -4.02
CA THR A 79 6.80 3.17 -5.10
C THR A 79 5.30 3.02 -4.92
N VAL A 80 4.64 4.13 -4.69
CA VAL A 80 3.23 4.14 -4.38
C VAL A 80 2.49 4.86 -5.50
N ASN A 81 1.42 4.28 -5.99
CA ASN A 81 0.63 4.91 -7.03
C ASN A 81 -0.82 4.47 -6.94
N GLU A 82 -1.65 5.12 -7.72
CA GLU A 82 -3.06 4.83 -7.75
C GLU A 82 -3.29 3.68 -8.69
N ALA A 83 -3.68 2.54 -8.13
CA ALA A 83 -3.97 1.38 -8.94
C ALA A 83 -5.30 1.63 -9.62
N GLN A 84 -6.14 2.41 -8.91
CA GLN A 84 -7.42 2.93 -9.36
C GLN A 84 -8.51 1.87 -9.50
N SER A 85 -9.62 2.13 -8.89
CA SER A 85 -10.74 1.27 -8.95
C SER A 85 -11.70 1.77 -10.04
N ARG A 86 -12.13 0.89 -10.92
CA ARG A 86 -13.07 1.26 -11.97
C ARG A 86 -14.37 0.51 -11.76
N GLY A 1 -14.29 9.66 -3.02
CA GLY A 1 -14.96 8.42 -2.60
C GLY A 1 -15.82 8.64 -1.37
N MET A 2 -15.25 9.35 -0.38
CA MET A 2 -15.90 9.72 0.87
C MET A 2 -16.03 8.55 1.83
N ALA A 3 -16.91 7.62 1.53
CA ALA A 3 -17.13 6.52 2.44
C ALA A 3 -17.57 5.27 1.72
N GLU A 4 -16.90 4.18 2.07
CA GLU A 4 -17.23 2.79 1.70
C GLU A 4 -16.93 2.50 0.25
N VAL A 5 -16.20 3.38 -0.34
CA VAL A 5 -15.76 3.25 -1.67
C VAL A 5 -14.31 2.87 -1.60
N GLU A 6 -14.03 1.66 -1.91
CA GLU A 6 -12.70 1.14 -1.78
C GLU A 6 -11.74 1.69 -2.81
N TYR A 7 -10.72 2.35 -2.33
CA TYR A 7 -9.69 2.81 -3.19
C TYR A 7 -8.41 2.11 -2.92
N ARG A 8 -8.03 1.32 -3.85
CA ARG A 8 -6.88 0.48 -3.73
C ARG A 8 -5.67 1.14 -4.36
N CYS A 9 -4.58 1.11 -3.66
CA CYS A 9 -3.35 1.68 -4.09
C CYS A 9 -2.34 0.56 -4.33
N PHE A 10 -1.52 0.74 -5.34
CA PHE A 10 -0.47 -0.19 -5.68
C PHE A 10 0.82 0.30 -5.05
N VAL A 11 1.41 -0.50 -4.22
CA VAL A 11 2.67 -0.15 -3.65
C VAL A 11 3.68 -1.17 -4.12
N GLY A 12 4.60 -0.72 -4.91
CA GLY A 12 5.60 -1.59 -5.45
C GLY A 12 6.96 -1.19 -5.01
N GLY A 13 7.82 -2.15 -4.86
CA GLY A 13 9.14 -1.86 -4.43
C GLY A 13 9.21 -1.86 -2.95
N LEU A 14 8.83 -2.96 -2.37
CA LEU A 14 8.86 -3.16 -0.94
C LEU A 14 10.08 -3.98 -0.57
N ALA A 15 10.30 -4.17 0.70
CA ALA A 15 11.44 -4.91 1.16
C ALA A 15 11.05 -6.30 1.64
N TRP A 16 12.00 -7.04 2.16
CA TRP A 16 11.79 -8.43 2.53
C TRP A 16 11.08 -8.61 3.87
N ALA A 17 11.15 -7.62 4.73
CA ALA A 17 10.53 -7.76 6.05
C ALA A 17 9.21 -7.02 6.09
N THR A 18 8.88 -6.41 4.98
CA THR A 18 7.68 -5.68 4.84
C THR A 18 6.50 -6.66 4.87
N THR A 19 5.66 -6.50 5.85
CA THR A 19 4.50 -7.31 6.00
C THR A 19 3.31 -6.47 5.94
N ASP A 20 2.19 -7.11 6.00
CA ASP A 20 0.94 -6.49 5.88
C ASP A 20 0.73 -5.49 7.00
N GLN A 21 1.34 -5.76 8.15
CA GLN A 21 1.26 -4.89 9.30
C GLN A 21 2.04 -3.62 9.01
N THR A 22 3.25 -3.79 8.48
CA THR A 22 4.11 -2.70 8.13
C THR A 22 3.45 -1.80 7.07
N LEU A 23 2.75 -2.44 6.14
CA LEU A 23 2.07 -1.75 5.08
C LEU A 23 0.88 -0.98 5.63
N GLY A 24 0.08 -1.67 6.43
CA GLY A 24 -1.11 -1.10 7.03
C GLY A 24 -0.83 0.12 7.87
N GLU A 25 0.02 -0.04 8.86
CA GLU A 25 0.31 1.03 9.81
C GLU A 25 1.03 2.23 9.19
N ALA A 26 1.75 2.00 8.14
CA ALA A 26 2.38 3.08 7.45
C ALA A 26 1.30 3.98 6.83
N PHE A 27 0.31 3.36 6.22
CA PHE A 27 -0.73 4.08 5.54
C PHE A 27 -1.94 4.43 6.42
N SER A 28 -2.05 3.83 7.60
CA SER A 28 -3.18 4.09 8.51
C SER A 28 -3.16 5.54 9.01
N GLN A 29 -1.98 6.11 8.99
CA GLN A 29 -1.75 7.48 9.38
C GLN A 29 -2.17 8.45 8.27
N PHE A 30 -2.49 7.92 7.10
CA PHE A 30 -2.93 8.73 5.99
C PHE A 30 -4.42 8.54 5.73
N GLY A 31 -4.92 7.36 6.03
CA GLY A 31 -6.31 7.10 5.84
C GLY A 31 -6.74 5.81 6.45
N GLU A 32 -8.04 5.60 6.52
CA GLU A 32 -8.60 4.38 7.04
C GLU A 32 -8.28 3.23 6.10
N ILE A 33 -7.74 2.18 6.66
CA ILE A 33 -7.31 1.02 5.92
C ILE A 33 -8.42 -0.02 5.91
N LEU A 34 -8.92 -0.32 4.73
CA LEU A 34 -9.95 -1.34 4.59
C LEU A 34 -9.27 -2.68 4.34
N ASP A 35 -8.08 -2.61 3.77
CA ASP A 35 -7.28 -3.78 3.39
C ASP A 35 -5.85 -3.35 3.17
N SER A 36 -4.94 -4.24 3.49
CA SER A 36 -3.54 -4.02 3.28
C SER A 36 -2.86 -5.37 3.13
N LYS A 37 -2.57 -5.75 1.92
CA LYS A 37 -1.99 -7.03 1.65
C LYS A 37 -0.76 -6.97 0.79
N ILE A 38 0.29 -7.57 1.28
CA ILE A 38 1.50 -7.74 0.55
C ILE A 38 1.26 -8.90 -0.40
N ILE A 39 1.68 -8.76 -1.63
CA ILE A 39 1.57 -9.82 -2.56
C ILE A 39 2.72 -10.76 -2.33
N ASN A 40 2.45 -11.80 -1.62
CA ASN A 40 3.42 -12.80 -1.34
C ASN A 40 3.46 -13.79 -2.47
N ASP A 41 4.47 -14.56 -2.48
CA ASP A 41 4.67 -15.56 -3.46
C ASP A 41 3.87 -16.76 -3.05
N ARG A 42 3.06 -17.23 -3.95
CA ARG A 42 2.18 -18.35 -3.68
C ARG A 42 2.97 -19.66 -3.60
N GLU A 43 4.09 -19.70 -4.31
CA GLU A 43 4.82 -20.93 -4.45
C GLU A 43 5.81 -21.10 -3.28
N THR A 44 6.53 -20.04 -2.97
CA THR A 44 7.57 -20.09 -1.96
C THR A 44 7.24 -19.34 -0.66
N GLY A 45 6.18 -18.56 -0.66
CA GLY A 45 5.75 -17.84 0.55
C GLY A 45 6.45 -16.51 0.78
N ARG A 46 7.55 -16.28 0.09
CA ARG A 46 8.33 -15.02 0.20
C ARG A 46 7.55 -13.83 -0.36
N SER A 47 7.85 -12.65 0.08
CA SER A 47 7.24 -11.45 -0.44
C SER A 47 7.63 -11.27 -1.93
N ARG A 48 6.66 -10.90 -2.79
CA ARG A 48 6.97 -10.69 -4.20
C ARG A 48 7.46 -9.28 -4.51
N GLY A 49 7.55 -8.47 -3.47
CA GLY A 49 8.15 -7.16 -3.62
C GLY A 49 7.16 -6.03 -3.79
N PHE A 50 5.88 -6.32 -3.71
CA PHE A 50 4.88 -5.28 -3.83
C PHE A 50 3.61 -5.71 -3.10
N GLY A 51 2.69 -4.79 -2.95
CA GLY A 51 1.46 -5.07 -2.27
C GLY A 51 0.40 -4.05 -2.60
N PHE A 52 -0.77 -4.26 -2.07
CA PHE A 52 -1.89 -3.37 -2.29
C PHE A 52 -2.46 -2.93 -0.96
N VAL A 53 -2.97 -1.74 -0.93
CA VAL A 53 -3.60 -1.21 0.24
C VAL A 53 -4.90 -0.52 -0.16
N THR A 54 -5.95 -0.77 0.56
CA THR A 54 -7.25 -0.26 0.26
C THR A 54 -7.68 0.81 1.28
N PHE A 55 -8.11 1.95 0.77
CA PHE A 55 -8.54 3.07 1.56
C PHE A 55 -10.03 3.31 1.44
N LYS A 56 -10.55 4.10 2.37
CA LYS A 56 -11.98 4.45 2.45
C LYS A 56 -12.31 5.60 1.48
N ASP A 57 -11.30 6.42 1.17
CA ASP A 57 -11.46 7.54 0.23
C ASP A 57 -10.29 7.58 -0.72
N GLU A 58 -10.50 8.22 -1.83
CA GLU A 58 -9.53 8.33 -2.85
C GLU A 58 -8.47 9.33 -2.54
N LYS A 59 -8.79 10.43 -1.86
CA LYS A 59 -7.71 11.35 -1.58
C LYS A 59 -6.86 10.75 -0.53
N ALA A 60 -7.46 10.02 0.40
CA ALA A 60 -6.71 9.28 1.43
C ALA A 60 -5.70 8.34 0.74
N MET A 61 -6.11 7.82 -0.41
CA MET A 61 -5.27 7.01 -1.26
C MET A 61 -4.18 7.89 -1.90
N ARG A 62 -4.56 9.08 -2.37
CA ARG A 62 -3.58 10.02 -2.95
C ARG A 62 -2.62 10.54 -1.90
N ASP A 63 -3.11 10.88 -0.70
CA ASP A 63 -2.27 11.36 0.43
C ASP A 63 -1.23 10.33 0.77
N ALA A 64 -1.61 9.08 0.61
CA ALA A 64 -0.72 7.97 0.85
C ALA A 64 0.39 7.99 -0.18
N ILE A 65 0.05 8.40 -1.37
CA ILE A 65 1.00 8.53 -2.44
C ILE A 65 1.84 9.79 -2.18
N GLU A 66 1.16 10.90 -1.94
CA GLU A 66 1.75 12.21 -1.71
C GLU A 66 2.79 12.20 -0.59
N GLY A 67 2.52 11.48 0.48
CA GLY A 67 3.44 11.47 1.60
C GLY A 67 4.35 10.25 1.67
N MET A 68 4.12 9.24 0.85
CA MET A 68 4.95 8.02 0.95
C MET A 68 5.71 7.70 -0.35
N ASN A 69 5.41 8.40 -1.43
CA ASN A 69 6.06 8.09 -2.73
C ASN A 69 7.56 8.43 -2.71
N GLY A 70 8.40 7.42 -2.87
CA GLY A 70 9.82 7.66 -3.04
C GLY A 70 10.64 7.43 -1.79
N GLN A 71 10.02 7.55 -0.64
CA GLN A 71 10.76 7.40 0.60
C GLN A 71 10.96 5.95 1.01
N ASP A 72 11.60 5.75 2.14
CA ASP A 72 11.99 4.44 2.61
C ASP A 72 10.90 3.81 3.44
N LEU A 73 10.77 2.54 3.30
CA LEU A 73 9.94 1.73 4.11
C LEU A 73 10.65 0.37 4.19
N ASP A 74 11.16 0.07 5.38
CA ASP A 74 11.81 -1.23 5.69
C ASP A 74 13.15 -1.40 4.93
N GLY A 75 13.81 -0.28 4.63
CA GLY A 75 15.11 -0.34 3.99
C GLY A 75 15.02 -0.34 2.48
N ARG A 76 13.88 0.05 2.01
CA ARG A 76 13.61 0.11 0.60
C ARG A 76 12.83 1.37 0.24
N ASN A 77 13.18 1.96 -0.88
CA ASN A 77 12.44 3.09 -1.43
C ASN A 77 11.23 2.55 -2.12
N ILE A 78 10.12 2.90 -1.61
CA ILE A 78 8.86 2.38 -2.08
C ILE A 78 8.23 3.29 -3.13
N THR A 79 7.58 2.68 -4.08
CA THR A 79 6.89 3.40 -5.09
C THR A 79 5.39 3.21 -4.86
N VAL A 80 4.72 4.28 -4.54
CA VAL A 80 3.31 4.25 -4.21
C VAL A 80 2.54 4.97 -5.30
N ASN A 81 1.56 4.31 -5.88
CA ASN A 81 0.70 4.93 -6.89
C ASN A 81 -0.67 4.29 -6.82
N GLU A 82 -1.69 4.99 -7.26
CA GLU A 82 -3.05 4.48 -7.15
C GLU A 82 -3.28 3.35 -8.13
N ALA A 83 -4.14 2.48 -7.75
CA ALA A 83 -4.41 1.27 -8.48
C ALA A 83 -5.88 1.15 -8.86
N GLN A 84 -6.55 2.28 -8.91
CA GLN A 84 -7.95 2.27 -9.30
C GLN A 84 -8.14 1.92 -10.78
N SER A 85 -9.35 1.50 -11.12
CA SER A 85 -9.67 1.06 -12.44
C SER A 85 -9.77 2.23 -13.43
N ARG A 86 -8.69 2.46 -14.12
CA ARG A 86 -8.60 3.51 -15.10
C ARG A 86 -9.26 3.08 -16.40
N GLY A 1 -21.89 9.44 -2.99
CA GLY A 1 -21.53 10.29 -1.84
C GLY A 1 -20.17 10.89 -2.04
N MET A 2 -19.17 10.14 -1.68
CA MET A 2 -17.78 10.49 -1.81
C MET A 2 -17.06 9.19 -1.71
N ALA A 3 -16.24 8.88 -2.71
CA ALA A 3 -15.56 7.59 -2.81
C ALA A 3 -16.58 6.47 -3.02
N GLU A 4 -16.97 6.28 -4.26
CA GLU A 4 -18.00 5.29 -4.60
C GLU A 4 -17.34 3.95 -4.92
N VAL A 5 -16.05 3.94 -4.75
CA VAL A 5 -15.18 2.81 -5.05
C VAL A 5 -14.18 2.78 -3.91
N GLU A 6 -13.51 1.67 -3.66
CA GLU A 6 -12.54 1.66 -2.63
C GLU A 6 -11.25 2.20 -3.22
N TYR A 7 -10.44 2.85 -2.43
CA TYR A 7 -9.28 3.38 -3.01
C TYR A 7 -8.06 2.58 -2.80
N ARG A 8 -7.88 1.71 -3.75
CA ARG A 8 -6.87 0.74 -3.77
C ARG A 8 -5.59 1.35 -4.33
N CYS A 9 -4.55 1.22 -3.60
CA CYS A 9 -3.27 1.77 -3.94
C CYS A 9 -2.30 0.62 -4.15
N PHE A 10 -1.37 0.80 -5.03
CA PHE A 10 -0.38 -0.19 -5.35
C PHE A 10 0.95 0.30 -4.84
N VAL A 11 1.58 -0.47 -4.00
CA VAL A 11 2.88 -0.12 -3.53
C VAL A 11 3.82 -1.24 -3.91
N GLY A 12 4.73 -0.93 -4.78
CA GLY A 12 5.69 -1.88 -5.22
C GLY A 12 7.07 -1.45 -4.85
N GLY A 13 7.95 -2.39 -4.71
CA GLY A 13 9.30 -2.08 -4.34
C GLY A 13 9.43 -2.03 -2.86
N LEU A 14 8.86 -3.03 -2.22
CA LEU A 14 8.89 -3.16 -0.78
C LEU A 14 10.10 -3.98 -0.39
N ALA A 15 10.34 -4.13 0.88
CA ALA A 15 11.46 -4.88 1.33
C ALA A 15 11.04 -6.31 1.65
N TRP A 16 12.00 -7.10 2.03
CA TRP A 16 11.77 -8.50 2.39
C TRP A 16 11.18 -8.63 3.78
N ALA A 17 11.30 -7.58 4.56
CA ALA A 17 10.80 -7.56 5.92
C ALA A 17 9.44 -6.90 6.01
N THR A 18 9.03 -6.26 4.93
CA THR A 18 7.78 -5.55 4.89
C THR A 18 6.60 -6.54 4.98
N THR A 19 5.83 -6.41 6.02
CA THR A 19 4.66 -7.24 6.20
C THR A 19 3.46 -6.45 5.93
N ASP A 20 2.38 -7.16 5.91
CA ASP A 20 1.10 -6.62 5.65
C ASP A 20 0.73 -5.59 6.71
N GLN A 21 1.25 -5.80 7.91
CA GLN A 21 1.00 -4.89 9.00
C GLN A 21 1.73 -3.61 8.70
N THR A 22 3.03 -3.72 8.48
CA THR A 22 3.93 -2.62 8.24
C THR A 22 3.46 -1.74 7.07
N LEU A 23 2.92 -2.37 6.05
CA LEU A 23 2.42 -1.64 4.90
C LEU A 23 1.15 -0.87 5.29
N GLY A 24 0.26 -1.53 5.99
CA GLY A 24 -0.99 -0.92 6.38
C GLY A 24 -0.82 0.16 7.46
N GLU A 25 0.01 -0.12 8.46
CA GLU A 25 0.19 0.77 9.61
C GLU A 25 0.70 2.15 9.19
N ALA A 26 1.60 2.18 8.22
CA ALA A 26 2.19 3.41 7.72
C ALA A 26 1.14 4.29 7.03
N PHE A 27 0.21 3.65 6.35
CA PHE A 27 -0.81 4.37 5.62
C PHE A 27 -2.03 4.69 6.47
N SER A 28 -2.10 4.11 7.66
CA SER A 28 -3.23 4.32 8.57
C SER A 28 -3.28 5.78 9.07
N GLN A 29 -2.19 6.50 8.83
CA GLN A 29 -2.09 7.91 9.20
C GLN A 29 -2.88 8.79 8.21
N PHE A 30 -3.31 8.20 7.11
CA PHE A 30 -4.04 8.96 6.08
C PHE A 30 -5.50 8.56 6.07
N GLY A 31 -5.75 7.28 6.12
CA GLY A 31 -7.10 6.81 6.16
C GLY A 31 -7.14 5.40 6.64
N GLU A 32 -8.31 4.93 6.99
CA GLU A 32 -8.48 3.58 7.45
C GLU A 32 -8.22 2.63 6.30
N ILE A 33 -7.47 1.62 6.59
CA ILE A 33 -7.13 0.63 5.62
C ILE A 33 -8.22 -0.41 5.62
N LEU A 34 -8.90 -0.53 4.51
CA LEU A 34 -10.01 -1.46 4.40
C LEU A 34 -9.46 -2.86 4.15
N ASP A 35 -8.40 -2.92 3.36
CA ASP A 35 -7.72 -4.17 3.08
C ASP A 35 -6.32 -3.86 2.62
N SER A 36 -5.38 -4.69 2.96
CA SER A 36 -4.04 -4.54 2.54
C SER A 36 -3.39 -5.90 2.56
N LYS A 37 -2.69 -6.22 1.50
CA LYS A 37 -2.01 -7.48 1.40
C LYS A 37 -0.77 -7.36 0.58
N ILE A 38 0.30 -7.89 1.10
CA ILE A 38 1.53 -8.03 0.38
C ILE A 38 1.31 -9.17 -0.59
N ILE A 39 1.77 -9.02 -1.79
CA ILE A 39 1.66 -10.07 -2.73
C ILE A 39 2.81 -11.02 -2.47
N ASN A 40 2.47 -12.13 -1.88
CA ASN A 40 3.45 -13.11 -1.53
C ASN A 40 3.63 -14.10 -2.65
N ASP A 41 4.66 -14.86 -2.55
CA ASP A 41 4.99 -15.86 -3.50
C ASP A 41 4.50 -17.16 -2.92
N ARG A 42 3.53 -17.76 -3.55
CA ARG A 42 2.87 -18.97 -3.02
C ARG A 42 3.84 -20.13 -3.11
N GLU A 43 4.54 -20.13 -4.21
CA GLU A 43 5.45 -21.15 -4.61
C GLU A 43 6.61 -21.33 -3.61
N THR A 44 7.12 -20.24 -3.07
CA THR A 44 8.23 -20.33 -2.12
C THR A 44 7.90 -19.84 -0.71
N GLY A 45 6.80 -19.13 -0.54
CA GLY A 45 6.39 -18.65 0.78
C GLY A 45 6.97 -17.29 1.13
N ARG A 46 7.74 -16.73 0.23
CA ARG A 46 8.38 -15.43 0.45
C ARG A 46 7.44 -14.29 0.01
N SER A 47 7.87 -13.08 0.17
CA SER A 47 7.12 -11.93 -0.31
C SER A 47 7.66 -11.56 -1.71
N ARG A 48 6.79 -11.02 -2.58
CA ARG A 48 7.24 -10.65 -3.92
C ARG A 48 7.60 -9.17 -4.03
N GLY A 49 7.63 -8.50 -2.89
CA GLY A 49 8.13 -7.14 -2.84
C GLY A 49 7.14 -6.08 -3.27
N PHE A 50 5.86 -6.38 -3.24
CA PHE A 50 4.85 -5.38 -3.55
C PHE A 50 3.53 -5.79 -2.94
N GLY A 51 2.61 -4.86 -2.82
CA GLY A 51 1.34 -5.16 -2.24
C GLY A 51 0.32 -4.07 -2.48
N PHE A 52 -0.89 -4.32 -2.09
CA PHE A 52 -1.97 -3.37 -2.25
C PHE A 52 -2.41 -2.82 -0.90
N VAL A 53 -2.81 -1.57 -0.91
CA VAL A 53 -3.32 -0.89 0.27
C VAL A 53 -4.65 -0.23 -0.10
N THR A 54 -5.71 -0.61 0.53
CA THR A 54 -6.98 -0.02 0.26
C THR A 54 -7.39 1.01 1.29
N PHE A 55 -7.66 2.18 0.80
CA PHE A 55 -8.09 3.30 1.59
C PHE A 55 -9.58 3.45 1.52
N LYS A 56 -10.14 4.02 2.56
CA LYS A 56 -11.57 4.27 2.59
C LYS A 56 -11.91 5.54 1.82
N ASP A 57 -11.02 6.51 1.88
CA ASP A 57 -11.29 7.80 1.28
C ASP A 57 -10.53 7.99 0.03
N GLU A 58 -11.14 8.73 -0.84
CA GLU A 58 -10.64 9.04 -2.14
C GLU A 58 -9.41 9.93 -2.01
N LYS A 59 -9.51 10.92 -1.14
CA LYS A 59 -8.41 11.81 -0.94
C LYS A 59 -7.29 11.11 -0.19
N ALA A 60 -7.67 10.29 0.81
CA ALA A 60 -6.70 9.59 1.70
C ALA A 60 -5.71 8.78 0.92
N MET A 61 -6.17 8.20 -0.17
CA MET A 61 -5.33 7.44 -1.06
C MET A 61 -4.24 8.36 -1.63
N ARG A 62 -4.66 9.51 -2.11
CA ARG A 62 -3.75 10.46 -2.71
C ARG A 62 -2.84 11.15 -1.71
N ASP A 63 -3.36 11.40 -0.50
CA ASP A 63 -2.53 12.00 0.59
C ASP A 63 -1.34 11.08 0.83
N ALA A 64 -1.60 9.79 0.69
CA ALA A 64 -0.63 8.76 0.90
C ALA A 64 0.34 8.69 -0.27
N ILE A 65 -0.20 8.64 -1.47
CA ILE A 65 0.59 8.48 -2.68
C ILE A 65 1.58 9.62 -2.88
N GLU A 66 1.09 10.85 -2.82
CA GLU A 66 1.91 12.00 -3.12
C GLU A 66 2.97 12.24 -2.02
N GLY A 67 2.78 11.63 -0.86
CA GLY A 67 3.72 11.81 0.23
C GLY A 67 4.67 10.65 0.43
N MET A 68 4.17 9.43 0.30
CA MET A 68 4.97 8.23 0.56
C MET A 68 5.66 7.67 -0.65
N ASN A 69 5.39 8.20 -1.81
CA ASN A 69 6.04 7.68 -3.01
C ASN A 69 7.50 8.09 -3.03
N GLY A 70 8.38 7.13 -2.96
CA GLY A 70 9.79 7.42 -3.01
C GLY A 70 10.48 7.32 -1.67
N GLN A 71 9.71 7.17 -0.58
CA GLN A 71 10.32 7.11 0.74
C GLN A 71 10.83 5.70 1.05
N ASP A 72 11.39 5.54 2.22
CA ASP A 72 11.92 4.25 2.67
C ASP A 72 10.87 3.51 3.46
N LEU A 73 10.90 2.22 3.33
CA LEU A 73 10.13 1.33 4.12
C LEU A 73 10.93 0.05 4.28
N ASP A 74 11.43 -0.14 5.49
CA ASP A 74 12.20 -1.33 5.90
C ASP A 74 13.57 -1.40 5.22
N GLY A 75 14.13 -0.25 4.85
CA GLY A 75 15.44 -0.23 4.23
C GLY A 75 15.35 -0.34 2.72
N ARG A 76 14.20 -0.04 2.21
CA ARG A 76 13.94 -0.08 0.81
C ARG A 76 13.09 1.12 0.39
N ASN A 77 13.39 1.69 -0.75
CA ASN A 77 12.61 2.78 -1.29
C ASN A 77 11.43 2.23 -2.06
N ILE A 78 10.27 2.65 -1.64
CA ILE A 78 9.04 2.14 -2.15
C ILE A 78 8.41 3.05 -3.20
N THR A 79 7.76 2.44 -4.16
CA THR A 79 7.08 3.16 -5.20
C THR A 79 5.57 3.01 -4.98
N VAL A 80 4.93 4.12 -4.72
CA VAL A 80 3.51 4.15 -4.39
C VAL A 80 2.73 4.78 -5.54
N ASN A 81 1.69 4.12 -5.99
CA ASN A 81 0.86 4.67 -7.07
C ASN A 81 -0.61 4.36 -6.86
N GLU A 82 -1.44 4.95 -7.69
CA GLU A 82 -2.85 4.84 -7.62
C GLU A 82 -3.27 3.69 -8.50
N ALA A 83 -3.75 2.67 -7.88
CA ALA A 83 -4.15 1.51 -8.60
C ALA A 83 -5.61 1.62 -8.92
N GLN A 84 -6.35 2.16 -7.95
CA GLN A 84 -7.83 2.15 -7.90
C GLN A 84 -8.40 0.76 -8.26
N SER A 85 -9.68 0.71 -8.41
CA SER A 85 -10.31 -0.43 -8.96
C SER A 85 -10.79 -0.02 -10.35
N ARG A 86 -9.85 -0.10 -11.30
CA ARG A 86 -10.10 0.36 -12.67
C ARG A 86 -11.14 -0.53 -13.35
N GLY A 1 -19.14 10.91 -3.15
CA GLY A 1 -18.54 11.32 -1.89
C GLY A 1 -17.06 11.12 -1.94
N MET A 2 -16.57 10.12 -1.23
CA MET A 2 -15.15 9.84 -1.15
C MET A 2 -14.86 8.50 -0.48
N ALA A 3 -15.90 7.73 -0.15
CA ALA A 3 -15.69 6.49 0.59
C ALA A 3 -16.78 5.46 0.27
N GLU A 4 -17.30 5.51 -0.94
CA GLU A 4 -18.39 4.61 -1.33
C GLU A 4 -17.83 3.34 -1.95
N VAL A 5 -16.55 3.20 -1.88
CA VAL A 5 -15.84 2.09 -2.46
C VAL A 5 -14.45 2.09 -1.85
N GLU A 6 -13.74 0.99 -1.95
CA GLU A 6 -12.40 0.94 -1.45
C GLU A 6 -11.47 1.55 -2.49
N TYR A 7 -10.38 2.09 -2.02
CA TYR A 7 -9.36 2.57 -2.90
C TYR A 7 -8.07 1.82 -2.73
N ARG A 8 -7.89 0.89 -3.63
CA ARG A 8 -6.79 -0.03 -3.64
C ARG A 8 -5.62 0.65 -4.36
N CYS A 9 -4.52 0.80 -3.68
CA CYS A 9 -3.33 1.43 -4.19
C CYS A 9 -2.25 0.39 -4.37
N PHE A 10 -1.42 0.58 -5.36
CA PHE A 10 -0.36 -0.35 -5.67
C PHE A 10 0.95 0.19 -5.14
N VAL A 11 1.62 -0.58 -4.34
CA VAL A 11 2.90 -0.17 -3.84
C VAL A 11 3.91 -1.25 -4.18
N GLY A 12 4.81 -0.93 -5.05
CA GLY A 12 5.84 -1.82 -5.44
C GLY A 12 7.16 -1.36 -4.94
N GLY A 13 8.12 -2.24 -4.99
CA GLY A 13 9.44 -1.93 -4.54
C GLY A 13 9.65 -2.38 -3.13
N LEU A 14 8.65 -3.09 -2.60
CA LEU A 14 8.63 -3.54 -1.20
C LEU A 14 9.71 -4.58 -0.91
N ALA A 15 9.90 -4.85 0.36
CA ALA A 15 10.88 -5.80 0.80
C ALA A 15 10.18 -7.06 1.27
N TRP A 16 10.95 -8.09 1.57
CA TRP A 16 10.40 -9.34 2.09
C TRP A 16 10.08 -9.13 3.57
N ALA A 17 10.77 -8.17 4.18
CA ALA A 17 10.59 -7.86 5.59
C ALA A 17 9.37 -6.99 5.81
N THR A 18 8.87 -6.38 4.73
CA THR A 18 7.72 -5.54 4.78
C THR A 18 6.49 -6.39 5.05
N THR A 19 5.83 -6.14 6.16
CA THR A 19 4.66 -6.89 6.48
C THR A 19 3.45 -6.11 6.01
N ASP A 20 2.31 -6.77 5.91
CA ASP A 20 1.12 -6.08 5.47
C ASP A 20 0.61 -5.21 6.61
N GLN A 21 1.03 -5.55 7.82
CA GLN A 21 0.75 -4.75 8.99
C GLN A 21 1.52 -3.43 8.93
N THR A 22 2.84 -3.50 8.71
CA THR A 22 3.67 -2.29 8.65
C THR A 22 3.28 -1.43 7.45
N LEU A 23 2.89 -2.08 6.37
CA LEU A 23 2.41 -1.42 5.18
C LEU A 23 1.12 -0.63 5.51
N GLY A 24 0.24 -1.26 6.28
CA GLY A 24 -1.01 -0.62 6.65
C GLY A 24 -0.81 0.54 7.59
N GLU A 25 -0.06 0.30 8.66
CA GLU A 25 0.20 1.30 9.71
C GLU A 25 0.93 2.52 9.22
N ALA A 26 1.70 2.38 8.17
CA ALA A 26 2.35 3.51 7.58
C ALA A 26 1.30 4.46 6.98
N PHE A 27 0.35 3.88 6.30
CA PHE A 27 -0.65 4.64 5.58
C PHE A 27 -1.89 4.98 6.40
N SER A 28 -2.04 4.40 7.58
CA SER A 28 -3.21 4.65 8.42
C SER A 28 -3.26 6.10 8.92
N GLN A 29 -2.13 6.79 8.80
CA GLN A 29 -2.02 8.19 9.15
C GLN A 29 -2.70 9.06 8.07
N PHE A 30 -2.89 8.51 6.87
CA PHE A 30 -3.54 9.24 5.80
C PHE A 30 -5.02 8.99 5.83
N GLY A 31 -5.39 7.74 6.01
CA GLY A 31 -6.78 7.41 6.06
C GLY A 31 -7.00 6.02 6.55
N GLU A 32 -8.25 5.64 6.66
CA GLU A 32 -8.63 4.34 7.16
C GLU A 32 -8.22 3.25 6.19
N ILE A 33 -7.49 2.31 6.72
CA ILE A 33 -7.01 1.18 5.97
C ILE A 33 -8.01 0.07 6.10
N LEU A 34 -8.52 -0.38 4.98
CA LEU A 34 -9.49 -1.46 4.98
C LEU A 34 -8.77 -2.79 4.85
N ASP A 35 -7.61 -2.74 4.22
CA ASP A 35 -6.76 -3.90 3.98
C ASP A 35 -5.42 -3.40 3.48
N SER A 36 -4.44 -4.18 3.65
CA SER A 36 -3.12 -3.92 3.19
C SER A 36 -2.49 -5.27 3.02
N LYS A 37 -1.85 -5.51 1.90
CA LYS A 37 -1.32 -6.83 1.63
C LYS A 37 0.00 -6.83 0.96
N ILE A 38 0.81 -7.78 1.34
CA ILE A 38 2.06 -8.07 0.70
C ILE A 38 1.79 -9.32 -0.08
N ILE A 39 1.97 -9.28 -1.35
CA ILE A 39 1.67 -10.42 -2.17
C ILE A 39 2.95 -11.18 -2.39
N ASN A 40 2.91 -12.44 -2.11
CA ASN A 40 4.08 -13.28 -2.15
C ASN A 40 4.20 -14.06 -3.45
N ASP A 41 5.38 -14.61 -3.62
CA ASP A 41 5.73 -15.48 -4.73
C ASP A 41 5.34 -16.87 -4.28
N ARG A 42 4.27 -17.42 -4.81
CA ARG A 42 3.83 -18.76 -4.39
C ARG A 42 4.70 -19.87 -4.94
N GLU A 43 5.60 -19.53 -5.82
CA GLU A 43 6.45 -20.49 -6.47
C GLU A 43 7.58 -20.91 -5.55
N THR A 44 8.22 -19.93 -4.95
CA THR A 44 9.39 -20.16 -4.14
C THR A 44 9.22 -19.69 -2.69
N GLY A 45 8.34 -18.74 -2.45
CA GLY A 45 8.18 -18.20 -1.11
C GLY A 45 8.80 -16.82 -0.97
N ARG A 46 9.10 -16.19 -2.09
CA ARG A 46 9.62 -14.82 -2.09
C ARG A 46 8.43 -13.87 -1.96
N SER A 47 8.68 -12.61 -2.15
CA SER A 47 7.63 -11.66 -2.24
C SER A 47 7.50 -11.29 -3.72
N ARG A 48 6.39 -10.70 -4.13
CA ARG A 48 6.24 -10.25 -5.53
C ARG A 48 6.97 -8.94 -5.74
N GLY A 49 7.45 -8.39 -4.65
CA GLY A 49 8.13 -7.12 -4.68
C GLY A 49 7.17 -5.98 -4.60
N PHE A 50 5.93 -6.29 -4.30
CA PHE A 50 4.91 -5.27 -4.18
C PHE A 50 3.78 -5.74 -3.30
N GLY A 51 2.88 -4.84 -3.07
CA GLY A 51 1.73 -5.10 -2.31
C GLY A 51 0.68 -4.07 -2.60
N PHE A 52 -0.41 -4.13 -1.89
CA PHE A 52 -1.52 -3.23 -2.09
C PHE A 52 -1.96 -2.64 -0.78
N VAL A 53 -2.38 -1.40 -0.82
CA VAL A 53 -2.90 -0.71 0.34
C VAL A 53 -4.32 -0.31 0.02
N THR A 54 -5.23 -0.57 0.90
CA THR A 54 -6.60 -0.26 0.68
C THR A 54 -7.06 0.84 1.59
N PHE A 55 -7.41 1.93 1.01
CA PHE A 55 -7.94 3.02 1.74
C PHE A 55 -9.42 3.01 1.63
N LYS A 56 -10.06 3.56 2.61
CA LYS A 56 -11.49 3.70 2.58
C LYS A 56 -11.82 5.00 1.86
N ASP A 57 -10.88 5.91 1.88
CA ASP A 57 -11.11 7.24 1.42
C ASP A 57 -10.30 7.54 0.18
N GLU A 58 -10.95 8.18 -0.76
CA GLU A 58 -10.34 8.65 -1.99
C GLU A 58 -9.31 9.74 -1.67
N LYS A 59 -9.64 10.58 -0.71
CA LYS A 59 -8.79 11.69 -0.31
C LYS A 59 -7.50 11.18 0.36
N ALA A 60 -7.58 10.01 0.96
CA ALA A 60 -6.42 9.45 1.63
C ALA A 60 -5.52 8.78 0.61
N MET A 61 -6.15 8.15 -0.37
CA MET A 61 -5.47 7.45 -1.48
C MET A 61 -4.51 8.43 -2.18
N ARG A 62 -5.06 9.57 -2.58
CA ARG A 62 -4.39 10.62 -3.30
C ARG A 62 -3.14 11.06 -2.54
N ASP A 63 -3.35 11.38 -1.30
CA ASP A 63 -2.34 11.96 -0.45
C ASP A 63 -1.30 10.97 -0.02
N ALA A 64 -1.66 9.71 0.00
CA ALA A 64 -0.73 8.66 0.36
C ALA A 64 0.31 8.51 -0.73
N ILE A 65 -0.15 8.65 -1.95
CA ILE A 65 0.71 8.58 -3.11
C ILE A 65 1.72 9.73 -3.08
N GLU A 66 1.22 10.93 -2.88
CA GLU A 66 2.07 12.12 -2.85
C GLU A 66 3.03 12.10 -1.65
N GLY A 67 2.52 11.73 -0.49
CA GLY A 67 3.32 11.80 0.71
C GLY A 67 4.29 10.65 0.91
N MET A 68 4.02 9.47 0.36
CA MET A 68 4.90 8.34 0.63
C MET A 68 5.58 7.71 -0.57
N ASN A 69 5.36 8.23 -1.74
CA ASN A 69 6.04 7.67 -2.91
C ASN A 69 7.50 8.07 -2.88
N GLY A 70 8.38 7.10 -2.77
CA GLY A 70 9.79 7.39 -2.77
C GLY A 70 10.41 7.42 -1.39
N GLN A 71 9.63 7.09 -0.36
CA GLN A 71 10.18 7.07 0.99
C GLN A 71 10.61 5.66 1.37
N ASP A 72 11.08 5.49 2.59
CA ASP A 72 11.51 4.21 3.09
C ASP A 72 10.40 3.59 3.93
N LEU A 73 10.31 2.30 3.89
CA LEU A 73 9.42 1.51 4.68
C LEU A 73 10.06 0.16 4.89
N ASP A 74 10.38 -0.14 6.14
CA ASP A 74 10.99 -1.43 6.56
C ASP A 74 12.40 -1.60 6.02
N GLY A 75 13.09 -0.48 5.79
CA GLY A 75 14.46 -0.54 5.28
C GLY A 75 14.46 -0.73 3.79
N ARG A 76 13.41 -0.30 3.18
CA ARG A 76 13.23 -0.44 1.79
C ARG A 76 12.60 0.82 1.21
N ASN A 77 13.05 1.22 0.06
CA ASN A 77 12.47 2.38 -0.61
C ASN A 77 11.31 1.89 -1.44
N ILE A 78 10.19 2.52 -1.27
CA ILE A 78 8.95 2.03 -1.83
C ILE A 78 8.31 3.02 -2.83
N THR A 79 7.68 2.47 -3.84
CA THR A 79 7.01 3.25 -4.85
C THR A 79 5.48 3.09 -4.69
N VAL A 80 4.78 4.18 -4.47
CA VAL A 80 3.34 4.17 -4.24
C VAL A 80 2.64 4.77 -5.46
N ASN A 81 1.67 4.06 -6.02
CA ASN A 81 1.00 4.52 -7.24
C ASN A 81 -0.41 3.93 -7.40
N GLU A 82 -1.10 4.44 -8.43
CA GLU A 82 -2.43 4.09 -8.83
C GLU A 82 -2.60 2.58 -9.07
N ALA A 83 -3.71 2.06 -8.63
CA ALA A 83 -4.06 0.68 -8.85
C ALA A 83 -5.51 0.55 -9.21
N GLN A 84 -6.21 1.67 -9.27
CA GLN A 84 -7.65 1.60 -9.49
C GLN A 84 -8.07 2.34 -10.78
N SER A 85 -7.06 2.73 -11.52
CA SER A 85 -7.14 3.32 -12.85
C SER A 85 -8.18 4.45 -13.04
N ARG A 86 -7.85 5.60 -12.53
CA ARG A 86 -8.63 6.80 -12.80
C ARG A 86 -8.05 7.55 -13.99
N GLY A 1 -14.23 8.25 4.67
CA GLY A 1 -15.34 9.20 4.75
C GLY A 1 -15.08 10.39 3.88
N MET A 2 -14.76 10.17 2.62
CA MET A 2 -14.38 11.27 1.72
C MET A 2 -15.06 11.20 0.35
N ALA A 3 -15.76 10.11 0.05
CA ALA A 3 -16.39 9.92 -1.28
C ALA A 3 -17.49 8.88 -1.23
N GLU A 4 -17.14 7.81 -0.58
CA GLU A 4 -17.98 6.65 -0.29
C GLU A 4 -17.99 5.62 -1.38
N VAL A 5 -16.90 4.88 -1.42
CA VAL A 5 -16.62 3.82 -2.35
C VAL A 5 -15.34 3.17 -1.81
N GLU A 6 -14.65 2.35 -2.56
CA GLU A 6 -13.34 1.81 -2.15
C GLU A 6 -12.27 2.29 -3.12
N TYR A 7 -11.07 2.49 -2.62
CA TYR A 7 -9.95 2.85 -3.45
C TYR A 7 -8.79 1.91 -3.21
N ARG A 8 -7.96 1.78 -4.20
CA ARG A 8 -6.92 0.79 -4.16
C ARG A 8 -5.60 1.43 -4.53
N CYS A 9 -4.60 1.14 -3.80
CA CYS A 9 -3.29 1.65 -4.05
C CYS A 9 -2.38 0.50 -4.37
N PHE A 10 -1.46 0.75 -5.26
CA PHE A 10 -0.47 -0.21 -5.65
C PHE A 10 0.83 0.26 -5.08
N VAL A 11 1.46 -0.56 -4.29
CA VAL A 11 2.72 -0.19 -3.73
C VAL A 11 3.74 -1.23 -4.16
N GLY A 12 4.67 -0.82 -4.96
CA GLY A 12 5.68 -1.70 -5.44
C GLY A 12 7.05 -1.24 -5.04
N GLY A 13 8.00 -2.14 -5.10
CA GLY A 13 9.33 -1.79 -4.73
C GLY A 13 9.49 -1.79 -3.25
N LEU A 14 8.95 -2.81 -2.64
CA LEU A 14 9.00 -3.01 -1.21
C LEU A 14 10.18 -3.90 -0.88
N ALA A 15 10.42 -4.11 0.39
CA ALA A 15 11.49 -4.96 0.80
C ALA A 15 10.98 -6.39 0.84
N TRP A 16 11.88 -7.34 0.87
CA TRP A 16 11.49 -8.75 0.88
C TRP A 16 10.97 -9.15 2.25
N ALA A 17 11.08 -8.24 3.20
CA ALA A 17 10.64 -8.46 4.55
C ALA A 17 9.46 -7.54 4.89
N THR A 18 9.02 -6.74 3.92
CA THR A 18 7.90 -5.86 4.13
C THR A 18 6.63 -6.66 4.37
N THR A 19 6.00 -6.41 5.49
CA THR A 19 4.85 -7.13 5.88
C THR A 19 3.61 -6.30 5.64
N ASP A 20 2.47 -6.95 5.67
CA ASP A 20 1.20 -6.30 5.51
C ASP A 20 0.91 -5.39 6.67
N GLN A 21 1.33 -5.79 7.86
CA GLN A 21 1.23 -4.94 9.03
C GLN A 21 2.05 -3.66 8.87
N THR A 22 3.36 -3.79 8.58
CA THR A 22 4.22 -2.60 8.42
C THR A 22 3.72 -1.69 7.28
N LEU A 23 3.10 -2.29 6.28
CA LEU A 23 2.48 -1.58 5.17
C LEU A 23 1.27 -0.79 5.69
N GLY A 24 0.34 -1.50 6.31
CA GLY A 24 -0.90 -0.93 6.77
C GLY A 24 -0.73 0.13 7.83
N GLU A 25 0.08 -0.16 8.84
CA GLU A 25 0.30 0.75 9.96
C GLU A 25 0.81 2.11 9.49
N ALA A 26 1.71 2.09 8.52
CA ALA A 26 2.29 3.30 7.97
C ALA A 26 1.22 4.15 7.28
N PHE A 27 0.46 3.53 6.40
CA PHE A 27 -0.55 4.25 5.64
C PHE A 27 -1.76 4.67 6.49
N SER A 28 -1.92 4.05 7.65
CA SER A 28 -3.03 4.38 8.56
C SER A 28 -2.87 5.80 9.14
N GLN A 29 -1.68 6.36 9.01
CA GLN A 29 -1.41 7.69 9.51
C GLN A 29 -1.91 8.74 8.54
N PHE A 30 -2.15 8.34 7.29
CA PHE A 30 -2.59 9.25 6.25
C PHE A 30 -3.99 8.92 5.77
N GLY A 31 -4.26 7.65 5.56
CA GLY A 31 -5.51 7.29 5.01
C GLY A 31 -6.20 6.19 5.73
N GLU A 32 -7.50 6.20 5.64
CA GLU A 32 -8.37 5.19 6.20
C GLU A 32 -8.10 3.86 5.48
N ILE A 33 -7.64 2.88 6.21
CA ILE A 33 -7.29 1.58 5.67
C ILE A 33 -8.45 0.62 5.84
N LEU A 34 -8.80 -0.08 4.78
CA LEU A 34 -9.83 -1.11 4.85
C LEU A 34 -9.15 -2.48 4.79
N ASP A 35 -8.03 -2.51 4.11
CA ASP A 35 -7.25 -3.71 3.86
C ASP A 35 -5.87 -3.29 3.39
N SER A 36 -4.88 -4.08 3.68
CA SER A 36 -3.55 -3.82 3.26
C SER A 36 -2.80 -5.12 3.17
N LYS A 37 -2.64 -5.62 1.98
CA LYS A 37 -1.97 -6.88 1.81
C LYS A 37 -0.81 -6.84 0.87
N ILE A 38 0.28 -7.35 1.36
CA ILE A 38 1.44 -7.59 0.57
C ILE A 38 1.15 -8.82 -0.25
N ILE A 39 1.61 -8.85 -1.45
CA ILE A 39 1.48 -10.03 -2.24
C ILE A 39 2.60 -10.94 -1.79
N ASN A 40 2.23 -12.03 -1.19
CA ASN A 40 3.19 -12.92 -0.61
C ASN A 40 3.79 -13.80 -1.67
N ASP A 41 4.93 -14.31 -1.37
CA ASP A 41 5.69 -15.10 -2.29
C ASP A 41 5.26 -16.54 -2.21
N ARG A 42 4.78 -17.04 -3.33
CA ARG A 42 4.26 -18.39 -3.42
C ARG A 42 5.36 -19.44 -3.34
N GLU A 43 6.55 -19.10 -3.79
CA GLU A 43 7.64 -20.05 -3.84
C GLU A 43 8.31 -20.23 -2.47
N THR A 44 8.48 -19.15 -1.74
CA THR A 44 9.22 -19.19 -0.49
C THR A 44 8.45 -18.75 0.76
N GLY A 45 7.28 -18.16 0.59
CA GLY A 45 6.53 -17.69 1.76
C GLY A 45 6.96 -16.28 2.18
N ARG A 46 7.72 -15.65 1.34
CA ARG A 46 8.22 -14.28 1.55
C ARG A 46 7.22 -13.27 1.01
N SER A 47 7.69 -12.10 0.65
CA SER A 47 6.89 -11.11 -0.01
C SER A 47 7.40 -10.98 -1.46
N ARG A 48 6.50 -10.69 -2.42
CA ARG A 48 6.90 -10.55 -3.84
C ARG A 48 7.58 -9.21 -4.10
N GLY A 49 7.57 -8.35 -3.11
CA GLY A 49 8.20 -7.06 -3.25
C GLY A 49 7.22 -5.97 -3.61
N PHE A 50 5.94 -6.27 -3.51
CA PHE A 50 4.91 -5.29 -3.77
C PHE A 50 3.62 -5.73 -3.08
N GLY A 51 2.67 -4.84 -2.98
CA GLY A 51 1.43 -5.14 -2.36
C GLY A 51 0.36 -4.16 -2.75
N PHE A 52 -0.84 -4.41 -2.29
CA PHE A 52 -1.97 -3.56 -2.56
C PHE A 52 -2.57 -3.09 -1.26
N VAL A 53 -3.05 -1.87 -1.26
CA VAL A 53 -3.68 -1.32 -0.08
C VAL A 53 -5.08 -0.85 -0.45
N THR A 54 -6.05 -1.24 0.30
CA THR A 54 -7.38 -0.81 0.12
C THR A 54 -7.65 0.37 1.03
N PHE A 55 -7.85 1.48 0.44
CA PHE A 55 -8.15 2.68 1.14
C PHE A 55 -9.62 2.90 1.09
N LYS A 56 -10.12 3.57 2.07
CA LYS A 56 -11.51 3.87 2.13
C LYS A 56 -11.91 4.83 1.02
N ASP A 57 -11.20 5.91 0.85
CA ASP A 57 -11.60 6.88 -0.15
C ASP A 57 -10.42 7.47 -0.87
N GLU A 58 -10.72 8.31 -1.85
CA GLU A 58 -9.73 8.89 -2.76
C GLU A 58 -8.75 9.84 -2.12
N LYS A 59 -9.22 10.76 -1.31
CA LYS A 59 -8.36 11.70 -0.63
C LYS A 59 -7.44 10.98 0.31
N ALA A 60 -8.01 10.00 1.00
CA ALA A 60 -7.27 9.17 1.93
C ALA A 60 -6.25 8.34 1.18
N MET A 61 -6.56 8.00 -0.06
CA MET A 61 -5.66 7.23 -0.88
C MET A 61 -4.56 8.14 -1.44
N ARG A 62 -4.97 9.21 -2.12
CA ARG A 62 -4.07 10.15 -2.80
C ARG A 62 -3.05 10.75 -1.87
N ASP A 63 -3.51 11.33 -0.76
CA ASP A 63 -2.61 11.96 0.23
C ASP A 63 -1.53 10.98 0.72
N ALA A 64 -1.93 9.73 0.89
CA ALA A 64 -1.05 8.68 1.36
C ALA A 64 -0.02 8.33 0.29
N ILE A 65 -0.48 8.32 -0.94
CA ILE A 65 0.36 8.01 -2.09
C ILE A 65 1.37 9.11 -2.32
N GLU A 66 0.88 10.29 -2.48
CA GLU A 66 1.67 11.43 -2.84
C GLU A 66 2.54 11.92 -1.67
N GLY A 67 2.20 11.50 -0.47
CA GLY A 67 3.00 11.83 0.68
C GLY A 67 4.07 10.78 1.00
N MET A 68 3.82 9.52 0.64
CA MET A 68 4.78 8.45 0.98
C MET A 68 5.52 7.87 -0.22
N ASN A 69 5.28 8.37 -1.38
CA ASN A 69 5.95 7.85 -2.55
C ASN A 69 7.41 8.27 -2.56
N GLY A 70 8.31 7.33 -2.47
CA GLY A 70 9.71 7.64 -2.49
C GLY A 70 10.39 7.46 -1.16
N GLN A 71 9.62 7.26 -0.10
CA GLN A 71 10.20 7.12 1.24
C GLN A 71 10.66 5.67 1.46
N ASP A 72 11.17 5.40 2.66
CA ASP A 72 11.64 4.08 3.02
C ASP A 72 10.55 3.33 3.76
N LEU A 73 10.51 2.06 3.54
CA LEU A 73 9.67 1.16 4.27
C LEU A 73 10.39 -0.17 4.37
N ASP A 74 10.82 -0.48 5.57
CA ASP A 74 11.50 -1.74 5.92
C ASP A 74 12.88 -1.85 5.28
N GLY A 75 13.52 -0.70 5.03
CA GLY A 75 14.88 -0.70 4.50
C GLY A 75 14.90 -0.66 2.98
N ARG A 76 13.81 -0.24 2.42
CA ARG A 76 13.67 -0.12 1.00
C ARG A 76 12.90 1.14 0.63
N ASN A 77 13.32 1.79 -0.44
CA ASN A 77 12.61 2.95 -0.96
C ASN A 77 11.47 2.46 -1.83
N ILE A 78 10.31 2.83 -1.45
CA ILE A 78 9.10 2.28 -2.00
C ILE A 78 8.41 3.22 -3.01
N THR A 79 7.75 2.61 -3.96
CA THR A 79 6.95 3.31 -4.92
C THR A 79 5.49 3.14 -4.54
N VAL A 80 4.88 4.22 -4.20
CA VAL A 80 3.50 4.20 -3.82
C VAL A 80 2.75 4.88 -4.93
N ASN A 81 1.91 4.18 -5.61
CA ASN A 81 1.21 4.75 -6.71
C ASN A 81 -0.27 4.41 -6.72
N GLU A 82 -1.01 5.17 -7.45
CA GLU A 82 -2.43 5.07 -7.54
C GLU A 82 -2.83 3.90 -8.42
N ALA A 83 -3.68 3.07 -7.90
CA ALA A 83 -4.26 2.01 -8.67
C ALA A 83 -5.74 2.34 -8.92
N GLN A 84 -6.29 3.17 -8.01
CA GLN A 84 -7.73 3.50 -7.93
C GLN A 84 -8.60 2.25 -7.90
N SER A 85 -9.87 2.44 -8.09
CA SER A 85 -10.83 1.35 -8.19
C SER A 85 -10.79 0.78 -9.64
N ARG A 86 -9.63 0.86 -10.27
CA ARG A 86 -9.44 0.45 -11.65
C ARG A 86 -8.95 -0.98 -11.70
N GLY A 1 -16.57 9.13 2.35
CA GLY A 1 -17.31 10.39 2.27
C GLY A 1 -17.11 11.08 0.94
N MET A 2 -17.11 10.31 -0.14
CA MET A 2 -16.87 10.85 -1.47
C MET A 2 -17.32 9.82 -2.49
N ALA A 3 -16.71 8.67 -2.41
CA ALA A 3 -17.01 7.54 -3.24
C ALA A 3 -16.76 6.33 -2.39
N GLU A 4 -17.82 5.77 -1.86
CA GLU A 4 -17.70 4.70 -0.91
C GLU A 4 -17.51 3.37 -1.63
N VAL A 5 -16.28 3.01 -1.83
CA VAL A 5 -15.90 1.80 -2.49
C VAL A 5 -14.46 1.52 -2.07
N GLU A 6 -13.87 0.43 -2.48
CA GLU A 6 -12.51 0.18 -2.11
C GLU A 6 -11.57 0.99 -2.98
N TYR A 7 -10.73 1.74 -2.35
CA TYR A 7 -9.72 2.42 -3.05
C TYR A 7 -8.43 1.73 -2.92
N ARG A 8 -8.18 0.92 -3.89
CA ARG A 8 -7.05 0.08 -3.96
C ARG A 8 -5.91 0.90 -4.58
N CYS A 9 -4.79 0.94 -3.90
CA CYS A 9 -3.62 1.66 -4.34
C CYS A 9 -2.48 0.67 -4.55
N PHE A 10 -1.62 0.94 -5.51
CA PHE A 10 -0.53 0.05 -5.85
C PHE A 10 0.74 0.49 -5.12
N VAL A 11 1.33 -0.42 -4.37
CA VAL A 11 2.57 -0.15 -3.70
C VAL A 11 3.57 -1.22 -4.12
N GLY A 12 4.59 -0.81 -4.80
CA GLY A 12 5.58 -1.72 -5.28
C GLY A 12 6.95 -1.28 -4.88
N GLY A 13 7.87 -2.21 -4.86
CA GLY A 13 9.21 -1.89 -4.50
C GLY A 13 9.34 -1.86 -3.01
N LEU A 14 9.11 -3.00 -2.43
CA LEU A 14 9.19 -3.19 -1.00
C LEU A 14 10.52 -3.86 -0.66
N ALA A 15 10.80 -4.02 0.60
CA ALA A 15 12.03 -4.62 1.02
C ALA A 15 11.86 -6.09 1.36
N TRP A 16 12.82 -6.64 2.06
CA TRP A 16 12.90 -8.05 2.30
C TRP A 16 11.92 -8.49 3.38
N ALA A 17 11.69 -7.64 4.35
CA ALA A 17 10.89 -8.03 5.50
C ALA A 17 9.59 -7.25 5.57
N THR A 18 9.32 -6.51 4.52
CA THR A 18 8.15 -5.70 4.46
C THR A 18 6.89 -6.59 4.39
N THR A 19 6.06 -6.43 5.37
CA THR A 19 4.85 -7.18 5.46
C THR A 19 3.67 -6.22 5.37
N ASP A 20 2.48 -6.77 5.31
CA ASP A 20 1.27 -5.97 5.27
C ASP A 20 0.98 -5.40 6.61
N GLN A 21 1.52 -6.04 7.62
CA GLN A 21 1.44 -5.57 8.98
C GLN A 21 2.14 -4.22 9.11
N THR A 22 3.34 -4.13 8.56
CA THR A 22 4.09 -2.90 8.61
C THR A 22 3.59 -1.89 7.56
N LEU A 23 3.03 -2.40 6.47
CA LEU A 23 2.49 -1.56 5.41
C LEU A 23 1.24 -0.84 5.91
N GLY A 24 0.39 -1.59 6.63
CA GLY A 24 -0.85 -1.07 7.13
C GLY A 24 -0.66 0.15 8.00
N GLU A 25 0.11 0.03 9.05
CA GLU A 25 0.35 1.13 9.98
C GLU A 25 1.04 2.32 9.30
N ALA A 26 1.82 2.05 8.27
CA ALA A 26 2.47 3.09 7.53
C ALA A 26 1.44 3.99 6.83
N PHE A 27 0.43 3.38 6.24
CA PHE A 27 -0.62 4.12 5.55
C PHE A 27 -1.78 4.51 6.46
N SER A 28 -1.83 3.88 7.63
CA SER A 28 -2.88 4.11 8.63
C SER A 28 -2.83 5.58 9.10
N GLN A 29 -1.64 6.16 9.07
CA GLN A 29 -1.41 7.54 9.46
C GLN A 29 -1.94 8.52 8.38
N PHE A 30 -2.29 7.98 7.22
CA PHE A 30 -2.74 8.81 6.11
C PHE A 30 -4.23 8.70 5.86
N GLY A 31 -4.77 7.51 5.95
CA GLY A 31 -6.16 7.36 5.65
C GLY A 31 -6.78 6.12 6.21
N GLU A 32 -8.09 6.05 6.09
CA GLU A 32 -8.89 4.94 6.56
C GLU A 32 -8.61 3.72 5.68
N ILE A 33 -8.10 2.69 6.30
CA ILE A 33 -7.74 1.49 5.58
C ILE A 33 -8.80 0.41 5.77
N LEU A 34 -9.25 -0.16 4.67
CA LEU A 34 -10.22 -1.25 4.68
C LEU A 34 -9.51 -2.58 4.66
N ASP A 35 -8.37 -2.59 4.01
CA ASP A 35 -7.57 -3.79 3.77
C ASP A 35 -6.17 -3.36 3.39
N SER A 36 -5.22 -4.18 3.69
CA SER A 36 -3.86 -3.92 3.36
C SER A 36 -3.14 -5.24 3.27
N LYS A 37 -2.81 -5.66 2.07
CA LYS A 37 -2.19 -6.93 1.88
C LYS A 37 -1.05 -6.88 0.90
N ILE A 38 0.01 -7.53 1.27
CA ILE A 38 1.12 -7.69 0.40
C ILE A 38 0.82 -8.87 -0.47
N ILE A 39 1.22 -8.81 -1.71
CA ILE A 39 1.02 -9.92 -2.58
C ILE A 39 2.07 -10.94 -2.27
N ASN A 40 1.63 -12.00 -1.65
CA ASN A 40 2.53 -13.02 -1.21
C ASN A 40 2.90 -13.95 -2.33
N ASP A 41 4.00 -14.57 -2.13
CA ASP A 41 4.59 -15.46 -3.05
C ASP A 41 4.13 -16.88 -2.79
N ARG A 42 3.63 -17.51 -3.81
CA ARG A 42 3.12 -18.87 -3.73
C ARG A 42 4.30 -19.82 -3.59
N GLU A 43 5.39 -19.42 -4.21
CA GLU A 43 6.56 -20.23 -4.36
C GLU A 43 7.36 -20.37 -3.05
N THR A 44 7.82 -19.26 -2.48
CA THR A 44 8.59 -19.34 -1.24
C THR A 44 7.75 -18.97 0.00
N GLY A 45 6.53 -18.50 -0.22
CA GLY A 45 5.66 -18.11 0.88
C GLY A 45 6.00 -16.73 1.44
N ARG A 46 6.81 -16.00 0.72
CA ARG A 46 7.24 -14.68 1.16
C ARG A 46 6.39 -13.59 0.50
N SER A 47 6.90 -12.39 0.45
CA SER A 47 6.28 -11.28 -0.23
C SER A 47 6.86 -11.22 -1.65
N ARG A 48 6.06 -10.82 -2.65
CA ARG A 48 6.57 -10.76 -4.04
C ARG A 48 7.22 -9.41 -4.36
N GLY A 49 7.35 -8.57 -3.36
CA GLY A 49 8.02 -7.30 -3.55
C GLY A 49 7.07 -6.14 -3.77
N PHE A 50 5.78 -6.41 -3.78
CA PHE A 50 4.80 -5.37 -3.94
C PHE A 50 3.51 -5.78 -3.23
N GLY A 51 2.62 -4.85 -3.03
CA GLY A 51 1.39 -5.12 -2.35
C GLY A 51 0.37 -4.06 -2.65
N PHE A 52 -0.78 -4.19 -2.07
CA PHE A 52 -1.83 -3.23 -2.26
C PHE A 52 -2.37 -2.76 -0.92
N VAL A 53 -2.77 -1.53 -0.87
CA VAL A 53 -3.40 -0.98 0.29
C VAL A 53 -4.77 -0.45 -0.11
N THR A 54 -5.74 -0.68 0.71
CA THR A 54 -7.10 -0.36 0.41
C THR A 54 -7.65 0.69 1.33
N PHE A 55 -8.07 1.76 0.75
CA PHE A 55 -8.70 2.83 1.44
C PHE A 55 -10.18 2.83 1.12
N LYS A 56 -10.92 3.69 1.76
CA LYS A 56 -12.33 3.82 1.47
C LYS A 56 -12.57 5.13 0.73
N ASP A 57 -11.73 6.11 1.00
CA ASP A 57 -11.83 7.40 0.34
C ASP A 57 -10.67 7.58 -0.56
N GLU A 58 -10.91 8.09 -1.75
CA GLU A 58 -9.87 8.24 -2.73
C GLU A 58 -8.96 9.39 -2.42
N LYS A 59 -9.49 10.43 -1.79
CA LYS A 59 -8.66 11.58 -1.44
C LYS A 59 -7.54 11.14 -0.52
N ALA A 60 -7.91 10.34 0.49
CA ALA A 60 -6.97 9.83 1.49
C ALA A 60 -5.94 8.90 0.85
N MET A 61 -6.34 8.30 -0.25
CA MET A 61 -5.46 7.44 -1.00
C MET A 61 -4.34 8.27 -1.65
N ARG A 62 -4.67 9.47 -2.12
CA ARG A 62 -3.66 10.34 -2.74
C ARG A 62 -2.69 10.87 -1.71
N ASP A 63 -3.22 11.24 -0.52
CA ASP A 63 -2.34 11.66 0.62
C ASP A 63 -1.29 10.59 0.88
N ALA A 64 -1.73 9.35 0.75
CA ALA A 64 -0.89 8.20 1.00
C ALA A 64 0.16 8.05 -0.09
N ILE A 65 -0.25 8.28 -1.32
CA ILE A 65 0.65 8.17 -2.46
C ILE A 65 1.72 9.25 -2.40
N GLU A 66 1.27 10.47 -2.34
CA GLU A 66 2.12 11.64 -2.37
C GLU A 66 3.00 11.75 -1.11
N GLY A 67 2.56 11.17 -0.01
CA GLY A 67 3.32 11.24 1.22
C GLY A 67 4.17 10.01 1.50
N MET A 68 4.07 8.98 0.67
CA MET A 68 4.85 7.74 0.88
C MET A 68 5.76 7.39 -0.29
N ASN A 69 5.43 7.83 -1.47
CA ASN A 69 6.20 7.46 -2.66
C ASN A 69 7.60 8.08 -2.61
N GLY A 70 8.61 7.25 -2.56
CA GLY A 70 9.96 7.73 -2.58
C GLY A 70 10.69 7.55 -1.27
N GLN A 71 9.97 7.48 -0.18
CA GLN A 71 10.62 7.36 1.11
C GLN A 71 10.88 5.92 1.50
N ASP A 72 11.58 5.73 2.60
CA ASP A 72 12.05 4.41 3.00
C ASP A 72 11.03 3.70 3.86
N LEU A 73 10.93 2.44 3.63
CA LEU A 73 10.19 1.55 4.42
C LEU A 73 10.91 0.21 4.41
N ASP A 74 11.49 -0.14 5.56
CA ASP A 74 12.19 -1.42 5.78
C ASP A 74 13.51 -1.52 4.96
N GLY A 75 14.11 -0.36 4.67
CA GLY A 75 15.38 -0.36 3.95
C GLY A 75 15.21 -0.26 2.45
N ARG A 76 14.04 0.11 2.03
CA ARG A 76 13.74 0.28 0.65
C ARG A 76 12.88 1.52 0.42
N ASN A 77 13.17 2.23 -0.64
CA ASN A 77 12.37 3.37 -1.06
C ASN A 77 11.16 2.81 -1.75
N ILE A 78 10.05 2.91 -1.10
CA ILE A 78 8.84 2.36 -1.60
C ILE A 78 8.25 3.21 -2.71
N THR A 79 7.72 2.56 -3.69
CA THR A 79 7.15 3.22 -4.80
C THR A 79 5.64 3.05 -4.73
N VAL A 80 4.95 4.14 -4.54
CA VAL A 80 3.52 4.12 -4.36
C VAL A 80 2.90 4.88 -5.52
N ASN A 81 1.89 4.31 -6.12
CA ASN A 81 1.25 4.96 -7.25
C ASN A 81 -0.24 4.71 -7.29
N GLU A 82 -0.87 5.41 -8.20
CA GLU A 82 -2.27 5.40 -8.39
C GLU A 82 -2.69 4.09 -9.05
N ALA A 83 -3.71 3.48 -8.52
CA ALA A 83 -4.19 2.25 -9.06
C ALA A 83 -5.52 2.46 -9.76
N GLN A 84 -6.14 3.63 -9.51
CA GLN A 84 -7.42 3.99 -10.15
C GLN A 84 -7.20 4.27 -11.63
N SER A 85 -6.41 5.29 -11.90
CA SER A 85 -6.13 5.67 -13.26
C SER A 85 -4.73 5.21 -13.68
N ARG A 86 -3.93 4.89 -12.69
CA ARG A 86 -2.53 4.45 -12.87
C ARG A 86 -1.71 5.49 -13.62
N GLY A 1 -21.70 6.93 -2.15
CA GLY A 1 -22.51 7.93 -1.47
C GLY A 1 -21.79 9.24 -1.46
N MET A 2 -20.92 9.41 -0.51
CA MET A 2 -20.16 10.63 -0.37
C MET A 2 -18.73 10.35 -0.77
N ALA A 3 -18.08 9.52 0.01
CA ALA A 3 -16.69 9.14 -0.21
C ALA A 3 -16.37 7.94 0.64
N GLU A 4 -16.90 6.82 0.25
CA GLU A 4 -16.71 5.57 0.97
C GLU A 4 -16.37 4.45 -0.02
N VAL A 5 -16.05 4.85 -1.22
CA VAL A 5 -15.72 3.92 -2.29
C VAL A 5 -14.29 3.49 -2.13
N GLU A 6 -14.03 2.21 -2.32
CA GLU A 6 -12.71 1.69 -2.14
C GLU A 6 -11.76 2.19 -3.20
N TYR A 7 -10.59 2.53 -2.78
CA TYR A 7 -9.55 2.85 -3.69
C TYR A 7 -8.38 1.97 -3.44
N ARG A 8 -8.09 1.18 -4.40
CA ARG A 8 -7.04 0.24 -4.35
C ARG A 8 -5.75 0.95 -4.76
N CYS A 9 -4.77 0.85 -3.93
CA CYS A 9 -3.50 1.47 -4.18
C CYS A 9 -2.45 0.40 -4.40
N PHE A 10 -1.55 0.64 -5.32
CA PHE A 10 -0.49 -0.27 -5.63
C PHE A 10 0.77 0.23 -4.95
N VAL A 11 1.35 -0.57 -4.11
CA VAL A 11 2.58 -0.19 -3.48
C VAL A 11 3.63 -1.20 -3.87
N GLY A 12 4.60 -0.76 -4.60
CA GLY A 12 5.66 -1.60 -5.05
C GLY A 12 6.99 -1.10 -4.59
N GLY A 13 7.97 -1.95 -4.61
CA GLY A 13 9.28 -1.56 -4.15
C GLY A 13 9.38 -1.79 -2.67
N LEU A 14 8.83 -2.89 -2.25
CA LEU A 14 8.79 -3.25 -0.86
C LEU A 14 10.03 -4.01 -0.43
N ALA A 15 10.09 -4.26 0.84
CA ALA A 15 11.26 -4.79 1.45
C ALA A 15 11.07 -6.20 2.00
N TRP A 16 12.05 -6.67 2.79
CA TRP A 16 12.02 -8.01 3.37
C TRP A 16 11.10 -7.99 4.54
N ALA A 17 11.27 -6.96 5.36
CA ALA A 17 10.54 -6.84 6.61
C ALA A 17 9.15 -6.26 6.41
N THR A 18 8.76 -6.03 5.18
CA THR A 18 7.47 -5.50 4.93
C THR A 18 6.42 -6.61 4.98
N THR A 19 5.53 -6.51 5.92
CA THR A 19 4.42 -7.41 6.00
C THR A 19 3.18 -6.59 5.79
N ASP A 20 2.03 -7.21 5.74
CA ASP A 20 0.79 -6.46 5.58
C ASP A 20 0.42 -5.70 6.80
N GLN A 21 0.98 -6.10 7.92
CA GLN A 21 0.83 -5.37 9.16
C GLN A 21 1.54 -4.04 8.96
N THR A 22 2.80 -4.15 8.56
CA THR A 22 3.67 -3.04 8.33
C THR A 22 3.12 -2.10 7.26
N LEU A 23 2.44 -2.69 6.29
CA LEU A 23 1.83 -1.94 5.22
C LEU A 23 0.69 -1.08 5.79
N GLY A 24 -0.14 -1.70 6.61
CA GLY A 24 -1.27 -1.04 7.20
C GLY A 24 -0.86 -0.01 8.23
N GLU A 25 0.08 -0.35 9.11
CA GLU A 25 0.53 0.53 10.19
C GLU A 25 1.19 1.79 9.62
N ALA A 26 1.79 1.66 8.44
CA ALA A 26 2.42 2.78 7.79
C ALA A 26 1.37 3.67 7.13
N PHE A 27 0.56 3.10 6.25
CA PHE A 27 -0.37 3.88 5.44
C PHE A 27 -1.58 4.43 6.19
N SER A 28 -1.87 3.92 7.37
CA SER A 28 -2.98 4.41 8.18
C SER A 28 -2.71 5.83 8.69
N GLN A 29 -1.45 6.24 8.59
CA GLN A 29 -1.02 7.57 8.97
C GLN A 29 -1.58 8.61 8.00
N PHE A 30 -1.86 8.19 6.78
CA PHE A 30 -2.38 9.08 5.76
C PHE A 30 -3.80 8.73 5.34
N GLY A 31 -4.08 7.45 5.25
CA GLY A 31 -5.37 7.08 4.78
C GLY A 31 -5.98 5.99 5.58
N GLU A 32 -7.30 6.02 5.68
CA GLU A 32 -8.05 5.01 6.38
C GLU A 32 -7.95 3.69 5.62
N ILE A 33 -7.77 2.63 6.36
CA ILE A 33 -7.46 1.33 5.80
C ILE A 33 -8.68 0.41 5.86
N LEU A 34 -9.16 -0.01 4.70
CA LEU A 34 -10.26 -0.97 4.66
C LEU A 34 -9.65 -2.37 4.59
N ASP A 35 -8.45 -2.41 4.04
CA ASP A 35 -7.70 -3.63 3.79
C ASP A 35 -6.27 -3.25 3.38
N SER A 36 -5.32 -4.08 3.71
CA SER A 36 -3.94 -3.88 3.33
C SER A 36 -3.25 -5.23 3.31
N LYS A 37 -2.91 -5.69 2.13
CA LYS A 37 -2.30 -6.99 1.99
C LYS A 37 -1.09 -7.00 1.08
N ILE A 38 -0.10 -7.75 1.50
CA ILE A 38 1.08 -7.96 0.71
C ILE A 38 0.83 -9.14 -0.16
N ILE A 39 1.23 -9.06 -1.38
CA ILE A 39 1.06 -10.16 -2.27
C ILE A 39 2.26 -11.06 -2.12
N ASN A 40 2.00 -12.23 -1.62
CA ASN A 40 3.03 -13.21 -1.41
C ASN A 40 3.35 -13.92 -2.70
N ASP A 41 4.56 -14.33 -2.81
CA ASP A 41 5.07 -15.01 -3.96
C ASP A 41 4.73 -16.46 -3.80
N ARG A 42 3.98 -17.00 -4.73
CA ARG A 42 3.50 -18.38 -4.62
C ARG A 42 4.64 -19.37 -4.85
N GLU A 43 5.60 -18.97 -5.65
CA GLU A 43 6.69 -19.83 -6.04
C GLU A 43 7.74 -19.98 -4.93
N THR A 44 8.05 -18.91 -4.23
CA THR A 44 9.08 -18.96 -3.18
C THR A 44 8.52 -18.78 -1.76
N GLY A 45 7.33 -18.24 -1.63
CA GLY A 45 6.74 -18.04 -0.32
C GLY A 45 7.17 -16.73 0.33
N ARG A 46 7.83 -15.89 -0.43
CA ARG A 46 8.32 -14.60 0.08
C ARG A 46 7.31 -13.50 -0.31
N SER A 47 7.58 -12.27 0.03
CA SER A 47 6.80 -11.15 -0.46
C SER A 47 7.23 -10.90 -1.93
N ARG A 48 6.30 -10.61 -2.86
CA ARG A 48 6.69 -10.45 -4.27
C ARG A 48 7.40 -9.10 -4.50
N GLY A 49 7.48 -8.31 -3.46
CA GLY A 49 8.13 -7.03 -3.55
C GLY A 49 7.13 -5.91 -3.73
N PHE A 50 5.86 -6.24 -3.63
CA PHE A 50 4.82 -5.24 -3.73
C PHE A 50 3.56 -5.74 -3.00
N GLY A 51 2.61 -4.87 -2.84
CA GLY A 51 1.38 -5.20 -2.19
C GLY A 51 0.30 -4.22 -2.55
N PHE A 52 -0.89 -4.43 -2.05
CA PHE A 52 -2.01 -3.58 -2.34
C PHE A 52 -2.63 -3.07 -1.07
N VAL A 53 -3.10 -1.87 -1.11
CA VAL A 53 -3.77 -1.27 0.02
C VAL A 53 -5.14 -0.83 -0.42
N THR A 54 -6.11 -1.03 0.40
CA THR A 54 -7.44 -0.59 0.13
C THR A 54 -7.77 0.58 1.03
N PHE A 55 -7.91 1.72 0.43
CA PHE A 55 -8.24 2.90 1.15
C PHE A 55 -9.73 3.15 1.13
N LYS A 56 -10.17 3.88 2.12
CA LYS A 56 -11.58 4.18 2.35
C LYS A 56 -12.13 5.22 1.34
N ASP A 57 -11.25 5.88 0.62
CA ASP A 57 -11.62 6.91 -0.33
C ASP A 57 -10.45 7.26 -1.18
N GLU A 58 -10.64 8.21 -2.07
CA GLU A 58 -9.63 8.57 -3.01
C GLU A 58 -8.57 9.44 -2.37
N LYS A 59 -8.96 10.37 -1.50
CA LYS A 59 -7.98 11.29 -0.99
C LYS A 59 -7.08 10.59 -0.01
N ALA A 60 -7.65 9.66 0.77
CA ALA A 60 -6.85 8.84 1.69
C ALA A 60 -5.78 8.05 0.90
N MET A 61 -6.15 7.69 -0.32
CA MET A 61 -5.26 6.98 -1.21
C MET A 61 -4.23 7.96 -1.80
N ARG A 62 -4.70 9.16 -2.15
CA ARG A 62 -3.85 10.22 -2.68
C ARG A 62 -2.78 10.59 -1.68
N ASP A 63 -3.20 10.87 -0.44
CA ASP A 63 -2.29 11.29 0.66
C ASP A 63 -1.21 10.27 0.93
N ALA A 64 -1.53 9.01 0.70
CA ALA A 64 -0.56 7.95 0.92
C ALA A 64 0.52 8.02 -0.14
N ILE A 65 0.12 8.43 -1.32
CA ILE A 65 1.03 8.60 -2.42
C ILE A 65 1.83 9.88 -2.19
N GLU A 66 1.11 10.96 -1.95
CA GLU A 66 1.66 12.28 -1.78
C GLU A 66 2.66 12.35 -0.62
N GLY A 67 2.35 11.67 0.47
CA GLY A 67 3.22 11.72 1.62
C GLY A 67 4.20 10.58 1.71
N MET A 68 3.97 9.47 1.01
CA MET A 68 4.86 8.32 1.17
C MET A 68 5.56 7.84 -0.08
N ASN A 69 5.28 8.40 -1.24
CA ASN A 69 6.00 7.92 -2.42
C ASN A 69 7.44 8.42 -2.41
N GLY A 70 8.38 7.49 -2.32
CA GLY A 70 9.76 7.84 -2.35
C GLY A 70 10.46 7.62 -1.03
N GLN A 71 9.70 7.45 0.05
CA GLN A 71 10.30 7.25 1.36
C GLN A 71 10.87 5.84 1.49
N ASP A 72 11.64 5.62 2.54
CA ASP A 72 12.28 4.34 2.76
C ASP A 72 11.42 3.45 3.61
N LEU A 73 11.42 2.20 3.27
CA LEU A 73 10.84 1.17 4.07
C LEU A 73 11.73 -0.04 3.94
N ASP A 74 12.48 -0.31 5.01
CA ASP A 74 13.45 -1.41 5.12
C ASP A 74 14.46 -1.42 3.94
N GLY A 75 15.09 -0.28 3.72
CA GLY A 75 16.15 -0.18 2.72
C GLY A 75 15.64 -0.10 1.29
N ARG A 76 14.41 0.35 1.14
CA ARG A 76 13.82 0.52 -0.19
C ARG A 76 13.06 1.77 -0.26
N ASN A 77 12.92 2.23 -1.45
CA ASN A 77 12.14 3.40 -1.73
C ASN A 77 10.84 2.95 -2.28
N ILE A 78 9.84 3.07 -1.49
CA ILE A 78 8.55 2.57 -1.84
C ILE A 78 7.83 3.43 -2.86
N THR A 79 7.28 2.79 -3.82
CA THR A 79 6.55 3.43 -4.84
C THR A 79 5.07 3.22 -4.57
N VAL A 80 4.40 4.28 -4.29
CA VAL A 80 3.00 4.24 -3.94
C VAL A 80 2.26 4.90 -5.06
N ASN A 81 1.38 4.19 -5.70
CA ASN A 81 0.65 4.77 -6.81
C ASN A 81 -0.79 4.29 -6.82
N GLU A 82 -1.58 4.96 -7.59
CA GLU A 82 -2.98 4.65 -7.73
C GLU A 82 -3.13 3.41 -8.59
N ALA A 83 -3.80 2.42 -8.06
CA ALA A 83 -3.93 1.14 -8.76
C ALA A 83 -5.17 1.11 -9.65
N GLN A 84 -5.67 2.27 -9.97
CA GLN A 84 -6.75 2.37 -10.91
C GLN A 84 -6.12 2.61 -12.29
N SER A 85 -6.77 2.16 -13.34
CA SER A 85 -6.27 2.28 -14.70
C SER A 85 -5.92 3.75 -15.07
N ARG A 86 -4.62 4.01 -15.18
CA ARG A 86 -4.11 5.32 -15.56
C ARG A 86 -3.15 5.16 -16.72
N GLY A 1 -22.37 5.36 1.59
CA GLY A 1 -21.40 5.62 2.65
C GLY A 1 -20.02 5.70 2.06
N MET A 2 -19.03 5.21 2.78
CA MET A 2 -17.64 5.23 2.31
C MET A 2 -16.98 3.92 2.65
N ALA A 3 -17.77 2.90 2.85
CA ALA A 3 -17.23 1.58 3.19
C ALA A 3 -17.50 0.63 2.07
N GLU A 4 -18.40 1.02 1.22
CA GLU A 4 -18.81 0.24 0.06
C GLU A 4 -17.97 0.63 -1.13
N VAL A 5 -17.09 1.55 -0.90
CA VAL A 5 -16.23 2.10 -1.92
C VAL A 5 -14.80 1.91 -1.50
N GLU A 6 -14.02 1.31 -2.36
CA GLU A 6 -12.65 1.08 -2.08
C GLU A 6 -11.76 2.08 -2.76
N TYR A 7 -10.69 2.43 -2.14
CA TYR A 7 -9.69 3.22 -2.76
C TYR A 7 -8.36 2.56 -2.68
N ARG A 8 -8.12 1.80 -3.68
CA ARG A 8 -7.00 0.96 -3.77
C ARG A 8 -5.78 1.71 -4.31
N CYS A 9 -4.69 1.56 -3.62
CA CYS A 9 -3.45 2.15 -3.98
C CYS A 9 -2.44 1.02 -4.10
N PHE A 10 -1.63 1.04 -5.14
CA PHE A 10 -0.67 -0.03 -5.38
C PHE A 10 0.69 0.40 -4.86
N VAL A 11 1.37 -0.47 -4.15
CA VAL A 11 2.67 -0.14 -3.64
C VAL A 11 3.66 -1.22 -4.05
N GLY A 12 4.58 -0.87 -4.87
CA GLY A 12 5.56 -1.79 -5.34
C GLY A 12 6.92 -1.36 -4.94
N GLY A 13 7.82 -2.30 -4.83
CA GLY A 13 9.15 -1.97 -4.43
C GLY A 13 9.25 -1.92 -2.95
N LEU A 14 8.87 -2.99 -2.33
CA LEU A 14 8.89 -3.16 -0.90
C LEU A 14 10.04 -4.07 -0.53
N ALA A 15 10.28 -4.26 0.73
CA ALA A 15 11.37 -5.10 1.16
C ALA A 15 10.90 -6.49 1.55
N TRP A 16 11.78 -7.26 2.11
CA TRP A 16 11.54 -8.66 2.40
C TRP A 16 10.70 -8.84 3.66
N ALA A 17 10.86 -7.94 4.62
CA ALA A 17 10.21 -8.10 5.92
C ALA A 17 8.94 -7.29 6.00
N THR A 18 8.67 -6.55 4.94
CA THR A 18 7.52 -5.75 4.85
C THR A 18 6.29 -6.66 4.89
N THR A 19 5.47 -6.48 5.89
CA THR A 19 4.31 -7.29 6.08
C THR A 19 3.07 -6.46 5.82
N ASP A 20 1.95 -7.11 5.56
CA ASP A 20 0.74 -6.41 5.16
C ASP A 20 0.18 -5.60 6.30
N GLN A 21 0.27 -6.15 7.49
CA GLN A 21 -0.16 -5.47 8.71
C GLN A 21 0.61 -4.16 8.91
N THR A 22 1.93 -4.22 8.75
CA THR A 22 2.79 -3.07 8.97
C THR A 22 2.67 -2.07 7.83
N LEU A 23 2.44 -2.58 6.62
CA LEU A 23 2.23 -1.73 5.44
C LEU A 23 0.96 -0.91 5.63
N GLY A 24 -0.03 -1.53 6.26
CA GLY A 24 -1.28 -0.87 6.51
C GLY A 24 -1.12 0.30 7.45
N GLU A 25 -0.59 0.02 8.63
CA GLU A 25 -0.42 1.03 9.67
C GLU A 25 0.45 2.21 9.24
N ALA A 26 1.37 1.96 8.33
CA ALA A 26 2.20 3.00 7.78
C ALA A 26 1.33 4.03 7.04
N PHE A 27 0.34 3.55 6.33
CA PHE A 27 -0.56 4.40 5.58
C PHE A 27 -1.77 4.88 6.38
N SER A 28 -1.99 4.30 7.55
CA SER A 28 -3.11 4.67 8.42
C SER A 28 -3.04 6.14 8.87
N GLN A 29 -1.90 6.77 8.67
CA GLN A 29 -1.72 8.18 8.96
C GLN A 29 -2.50 9.04 7.94
N PHE A 30 -2.71 8.49 6.75
CA PHE A 30 -3.41 9.20 5.69
C PHE A 30 -4.90 8.94 5.79
N GLY A 31 -5.24 7.69 6.09
CA GLY A 31 -6.61 7.28 6.29
C GLY A 31 -6.64 5.84 6.71
N GLU A 32 -7.75 5.38 7.27
CA GLU A 32 -7.84 4.01 7.73
C GLU A 32 -7.76 3.03 6.58
N ILE A 33 -6.98 2.01 6.79
CA ILE A 33 -6.79 0.96 5.83
C ILE A 33 -7.86 -0.09 6.04
N LEU A 34 -8.51 -0.48 4.97
CA LEU A 34 -9.53 -1.51 5.03
C LEU A 34 -8.88 -2.88 4.98
N ASP A 35 -7.83 -2.97 4.19
CA ASP A 35 -6.98 -4.16 4.07
C ASP A 35 -5.77 -3.76 3.26
N SER A 36 -4.65 -4.28 3.61
CA SER A 36 -3.42 -4.03 2.92
C SER A 36 -2.78 -5.36 2.64
N LYS A 37 -2.07 -5.49 1.54
CA LYS A 37 -1.49 -6.76 1.19
C LYS A 37 -0.10 -6.69 0.66
N ILE A 38 0.67 -7.67 1.07
CA ILE A 38 1.94 -7.96 0.52
C ILE A 38 1.71 -9.18 -0.28
N ILE A 39 2.06 -9.16 -1.50
CA ILE A 39 1.78 -10.28 -2.32
C ILE A 39 2.93 -11.25 -2.29
N ASN A 40 2.62 -12.42 -1.78
CA ASN A 40 3.59 -13.47 -1.61
C ASN A 40 3.85 -14.23 -2.89
N ASP A 41 4.95 -14.89 -2.89
CA ASP A 41 5.50 -15.54 -4.03
C ASP A 41 4.90 -16.90 -4.33
N ARG A 42 4.56 -17.10 -5.58
CA ARG A 42 4.07 -18.37 -6.08
C ARG A 42 5.21 -19.38 -6.21
N GLU A 43 6.42 -18.87 -6.41
CA GLU A 43 7.59 -19.70 -6.62
C GLU A 43 8.04 -20.34 -5.30
N THR A 44 8.39 -19.52 -4.33
CA THR A 44 8.93 -20.03 -3.07
C THR A 44 8.09 -19.66 -1.84
N GLY A 45 7.14 -18.75 -1.99
CA GLY A 45 6.33 -18.35 -0.84
C GLY A 45 6.88 -17.11 -0.13
N ARG A 46 7.98 -16.60 -0.66
CA ARG A 46 8.66 -15.40 -0.12
C ARG A 46 7.83 -14.13 -0.40
N SER A 47 8.30 -13.02 0.09
CA SER A 47 7.70 -11.75 -0.22
C SER A 47 8.18 -11.36 -1.63
N ARG A 48 7.27 -10.96 -2.53
CA ARG A 48 7.71 -10.55 -3.86
C ARG A 48 8.08 -9.08 -3.92
N GLY A 49 8.00 -8.43 -2.78
CA GLY A 49 8.43 -7.06 -2.68
C GLY A 49 7.45 -6.07 -3.26
N PHE A 50 6.17 -6.35 -3.13
CA PHE A 50 5.16 -5.41 -3.58
C PHE A 50 3.81 -5.83 -3.02
N GLY A 51 2.84 -4.97 -3.17
CA GLY A 51 1.51 -5.24 -2.76
C GLY A 51 0.64 -4.06 -3.02
N PHE A 52 -0.35 -3.86 -2.22
CA PHE A 52 -1.24 -2.73 -2.38
C PHE A 52 -1.96 -2.46 -1.06
N VAL A 53 -2.56 -1.30 -0.95
CA VAL A 53 -3.33 -0.94 0.23
C VAL A 53 -4.72 -0.48 -0.18
N THR A 54 -5.70 -0.80 0.61
CA THR A 54 -7.05 -0.43 0.34
C THR A 54 -7.52 0.62 1.36
N PHE A 55 -7.82 1.79 0.87
CA PHE A 55 -8.38 2.85 1.67
C PHE A 55 -9.87 2.89 1.44
N LYS A 56 -10.55 3.67 2.22
CA LYS A 56 -11.99 3.90 2.06
C LYS A 56 -12.19 5.32 1.50
N ASP A 57 -11.17 6.11 1.62
CA ASP A 57 -11.23 7.53 1.36
C ASP A 57 -10.43 7.90 0.13
N GLU A 58 -10.99 8.81 -0.64
CA GLU A 58 -10.44 9.24 -1.89
C GLU A 58 -9.24 10.12 -1.62
N LYS A 59 -9.35 10.92 -0.55
CA LYS A 59 -8.26 11.79 -0.16
C LYS A 59 -7.10 10.93 0.24
N ALA A 60 -7.33 10.09 1.25
CA ALA A 60 -6.34 9.18 1.82
C ALA A 60 -5.59 8.40 0.78
N MET A 61 -6.30 7.92 -0.24
CA MET A 61 -5.66 7.17 -1.31
C MET A 61 -4.61 8.01 -2.00
N ARG A 62 -5.04 9.15 -2.49
CA ARG A 62 -4.23 10.01 -3.29
C ARG A 62 -3.13 10.66 -2.43
N ASP A 63 -3.52 10.98 -1.21
CA ASP A 63 -2.68 11.59 -0.16
C ASP A 63 -1.44 10.71 0.04
N ALA A 64 -1.69 9.42 0.14
CA ALA A 64 -0.67 8.42 0.37
C ALA A 64 0.29 8.32 -0.81
N ILE A 65 -0.24 8.50 -1.99
CA ILE A 65 0.53 8.36 -3.20
C ILE A 65 1.53 9.49 -3.35
N GLU A 66 1.02 10.69 -3.32
CA GLU A 66 1.82 11.85 -3.57
C GLU A 66 2.67 12.26 -2.37
N GLY A 67 2.33 11.75 -1.20
CA GLY A 67 3.10 12.08 -0.01
C GLY A 67 4.11 11.00 0.42
N MET A 68 3.80 9.73 0.20
CA MET A 68 4.64 8.65 0.74
C MET A 68 5.55 8.03 -0.33
N ASN A 69 5.31 8.36 -1.59
CA ASN A 69 6.11 7.81 -2.67
C ASN A 69 7.51 8.38 -2.65
N GLY A 70 8.48 7.51 -2.48
CA GLY A 70 9.85 7.96 -2.46
C GLY A 70 10.48 7.84 -1.10
N GLN A 71 9.73 7.39 -0.11
CA GLN A 71 10.32 7.19 1.21
C GLN A 71 11.03 5.83 1.27
N ASP A 72 11.67 5.57 2.38
CA ASP A 72 12.23 4.26 2.65
C ASP A 72 11.31 3.58 3.61
N LEU A 73 11.06 2.33 3.39
CA LEU A 73 10.24 1.55 4.26
C LEU A 73 10.86 0.16 4.29
N ASP A 74 11.35 -0.22 5.48
CA ASP A 74 11.92 -1.56 5.76
C ASP A 74 13.26 -1.76 5.00
N GLY A 75 13.96 -0.65 4.74
CA GLY A 75 15.25 -0.73 4.08
C GLY A 75 15.10 -0.75 2.59
N ARG A 76 13.99 -0.27 2.13
CA ARG A 76 13.69 -0.23 0.75
C ARG A 76 13.01 1.06 0.35
N ASN A 77 13.42 1.59 -0.76
CA ASN A 77 12.80 2.77 -1.35
C ASN A 77 11.57 2.29 -2.08
N ILE A 78 10.44 2.71 -1.60
CA ILE A 78 9.18 2.21 -2.08
C ILE A 78 8.52 3.15 -3.11
N THR A 79 7.77 2.55 -4.00
CA THR A 79 7.05 3.26 -5.02
C THR A 79 5.54 3.10 -4.77
N VAL A 80 4.88 4.20 -4.52
CA VAL A 80 3.47 4.20 -4.21
C VAL A 80 2.74 4.82 -5.39
N ASN A 81 1.80 4.10 -5.96
CA ASN A 81 1.09 4.59 -7.12
C ASN A 81 -0.41 4.32 -7.04
N GLU A 82 -1.13 4.88 -7.97
CA GLU A 82 -2.57 4.84 -7.98
C GLU A 82 -3.06 3.57 -8.67
N ALA A 83 -3.84 2.78 -7.96
CA ALA A 83 -4.32 1.50 -8.48
C ALA A 83 -5.74 1.62 -8.98
N GLN A 84 -6.13 2.82 -9.38
CA GLN A 84 -7.46 3.09 -9.85
C GLN A 84 -7.77 2.55 -11.21
N SER A 85 -8.23 1.34 -11.21
CA SER A 85 -8.67 0.67 -12.39
C SER A 85 -9.86 -0.21 -12.00
N ARG A 86 -11.04 0.21 -12.39
CA ARG A 86 -12.27 -0.49 -12.06
C ARG A 86 -13.37 -0.05 -13.01
N GLY A 1 -15.80 10.53 -3.34
CA GLY A 1 -16.38 11.50 -2.42
C GLY A 1 -16.29 10.99 -1.02
N MET A 2 -16.73 9.77 -0.82
CA MET A 2 -16.62 9.10 0.46
C MET A 2 -16.87 7.62 0.25
N ALA A 3 -15.88 6.97 -0.35
CA ALA A 3 -15.89 5.53 -0.63
C ALA A 3 -17.04 5.09 -1.54
N GLU A 4 -16.89 5.31 -2.84
CA GLU A 4 -17.89 4.84 -3.79
C GLU A 4 -17.55 3.42 -4.16
N VAL A 5 -16.30 3.17 -4.08
CA VAL A 5 -15.66 1.92 -4.36
C VAL A 5 -14.50 1.87 -3.35
N GLU A 6 -13.82 0.76 -3.22
CA GLU A 6 -12.67 0.73 -2.36
C GLU A 6 -11.50 1.38 -3.06
N TYR A 7 -10.77 2.21 -2.34
CA TYR A 7 -9.73 2.94 -2.98
C TYR A 7 -8.41 2.35 -2.74
N ARG A 8 -8.08 1.49 -3.62
CA ARG A 8 -6.93 0.69 -3.55
C ARG A 8 -5.75 1.30 -4.27
N CYS A 9 -4.65 1.25 -3.60
CA CYS A 9 -3.41 1.77 -4.04
C CYS A 9 -2.46 0.62 -4.29
N PHE A 10 -1.63 0.75 -5.30
CA PHE A 10 -0.64 -0.25 -5.64
C PHE A 10 0.72 0.21 -5.15
N VAL A 11 1.36 -0.60 -4.35
CA VAL A 11 2.66 -0.25 -3.83
C VAL A 11 3.64 -1.37 -4.16
N GLY A 12 4.58 -1.06 -4.99
CA GLY A 12 5.58 -2.02 -5.37
C GLY A 12 6.95 -1.58 -4.98
N GLY A 13 7.89 -2.49 -5.03
CA GLY A 13 9.26 -2.17 -4.69
C GLY A 13 9.47 -2.23 -3.22
N LEU A 14 8.89 -3.23 -2.60
CA LEU A 14 8.93 -3.45 -1.17
C LEU A 14 10.15 -4.28 -0.80
N ALA A 15 10.37 -4.47 0.48
CA ALA A 15 11.49 -5.28 0.93
C ALA A 15 11.00 -6.66 1.29
N TRP A 16 11.92 -7.56 1.53
CA TRP A 16 11.59 -8.94 1.89
C TRP A 16 11.13 -9.03 3.34
N ALA A 17 11.27 -7.93 4.05
CA ALA A 17 10.89 -7.87 5.46
C ALA A 17 9.65 -7.02 5.65
N THR A 18 9.14 -6.47 4.55
CA THR A 18 7.98 -5.62 4.60
C THR A 18 6.73 -6.46 4.88
N THR A 19 6.04 -6.14 5.94
CA THR A 19 4.85 -6.86 6.28
C THR A 19 3.63 -6.07 5.84
N ASP A 20 2.49 -6.73 5.72
CA ASP A 20 1.28 -6.04 5.32
C ASP A 20 0.77 -5.22 6.47
N GLN A 21 1.19 -5.62 7.66
CA GLN A 21 0.95 -4.92 8.90
C GLN A 21 1.64 -3.53 8.85
N THR A 22 2.96 -3.54 8.69
CA THR A 22 3.75 -2.30 8.65
C THR A 22 3.34 -1.41 7.45
N LEU A 23 3.05 -2.06 6.33
CA LEU A 23 2.60 -1.38 5.12
C LEU A 23 1.28 -0.63 5.40
N GLY A 24 0.41 -1.25 6.16
CA GLY A 24 -0.86 -0.66 6.47
C GLY A 24 -0.74 0.52 7.41
N GLU A 25 0.05 0.34 8.45
CA GLU A 25 0.25 1.36 9.48
C GLU A 25 0.77 2.67 8.91
N ALA A 26 1.73 2.57 8.00
CA ALA A 26 2.34 3.73 7.37
C ALA A 26 1.28 4.61 6.67
N PHE A 27 0.37 3.96 5.97
CA PHE A 27 -0.66 4.68 5.25
C PHE A 27 -1.89 4.96 6.10
N SER A 28 -1.97 4.28 7.24
CA SER A 28 -3.08 4.45 8.17
C SER A 28 -2.99 5.81 8.86
N GLN A 29 -1.83 6.43 8.73
CA GLN A 29 -1.59 7.75 9.28
C GLN A 29 -2.27 8.81 8.40
N PHE A 30 -2.71 8.39 7.23
CA PHE A 30 -3.34 9.29 6.28
C PHE A 30 -4.79 8.94 6.08
N GLY A 31 -5.08 7.66 5.96
CA GLY A 31 -6.44 7.26 5.76
C GLY A 31 -6.75 5.96 6.39
N GLU A 32 -8.01 5.67 6.50
CA GLU A 32 -8.48 4.45 7.07
C GLU A 32 -8.29 3.31 6.08
N ILE A 33 -7.53 2.34 6.50
CA ILE A 33 -7.18 1.21 5.68
C ILE A 33 -8.20 0.11 5.88
N LEU A 34 -8.64 -0.49 4.80
CA LEU A 34 -9.56 -1.60 4.89
C LEU A 34 -8.77 -2.89 5.01
N ASP A 35 -7.68 -2.96 4.25
CA ASP A 35 -6.73 -4.07 4.28
C ASP A 35 -5.52 -3.68 3.46
N SER A 36 -4.38 -4.15 3.85
CA SER A 36 -3.16 -3.92 3.15
C SER A 36 -2.47 -5.26 3.00
N LYS A 37 -1.84 -5.51 1.86
CA LYS A 37 -1.23 -6.80 1.61
C LYS A 37 0.09 -6.72 0.92
N ILE A 38 0.92 -7.68 1.26
CA ILE A 38 2.14 -7.93 0.55
C ILE A 38 1.80 -9.12 -0.30
N ILE A 39 1.86 -8.98 -1.57
CA ILE A 39 1.48 -10.07 -2.40
C ILE A 39 2.67 -10.97 -2.61
N ASN A 40 2.66 -12.03 -1.85
CA ASN A 40 3.71 -13.00 -1.85
C ASN A 40 3.53 -14.00 -2.95
N ASP A 41 4.55 -14.76 -3.17
CA ASP A 41 4.56 -15.76 -4.20
C ASP A 41 4.25 -17.08 -3.54
N ARG A 42 3.07 -17.58 -3.80
CA ARG A 42 2.60 -18.81 -3.18
C ARG A 42 3.34 -20.02 -3.75
N GLU A 43 3.66 -19.92 -5.00
CA GLU A 43 4.25 -20.98 -5.78
C GLU A 43 5.67 -21.36 -5.29
N THR A 44 6.50 -20.37 -5.04
CA THR A 44 7.85 -20.63 -4.59
C THR A 44 8.03 -20.36 -3.10
N GLY A 45 6.98 -19.84 -2.47
CA GLY A 45 7.03 -19.53 -1.04
C GLY A 45 7.83 -18.27 -0.77
N ARG A 46 7.97 -17.44 -1.77
CA ARG A 46 8.74 -16.22 -1.66
C ARG A 46 7.80 -15.02 -1.68
N SER A 47 8.32 -13.84 -1.89
CA SER A 47 7.49 -12.68 -2.00
C SER A 47 7.66 -12.11 -3.38
N ARG A 48 6.71 -11.33 -3.84
CA ARG A 48 6.78 -10.74 -5.16
C ARG A 48 7.19 -9.27 -5.08
N GLY A 49 7.47 -8.83 -3.86
CA GLY A 49 8.03 -7.51 -3.62
C GLY A 49 7.07 -6.36 -3.88
N PHE A 50 5.79 -6.62 -3.85
CA PHE A 50 4.82 -5.57 -4.05
C PHE A 50 3.55 -5.94 -3.31
N GLY A 51 2.66 -5.01 -3.20
CA GLY A 51 1.41 -5.26 -2.57
C GLY A 51 0.39 -4.22 -2.91
N PHE A 52 -0.69 -4.25 -2.20
CA PHE A 52 -1.79 -3.33 -2.40
C PHE A 52 -2.25 -2.83 -1.06
N VAL A 53 -2.73 -1.62 -1.04
CA VAL A 53 -3.28 -1.02 0.15
C VAL A 53 -4.67 -0.51 -0.18
N THR A 54 -5.66 -1.08 0.43
CA THR A 54 -7.01 -0.67 0.20
C THR A 54 -7.46 0.37 1.22
N PHE A 55 -7.74 1.55 0.75
CA PHE A 55 -8.21 2.65 1.55
C PHE A 55 -9.71 2.74 1.42
N LYS A 56 -10.31 3.40 2.36
CA LYS A 56 -11.71 3.73 2.28
C LYS A 56 -11.86 5.04 1.50
N ASP A 57 -10.98 5.95 1.77
CA ASP A 57 -11.11 7.30 1.26
C ASP A 57 -10.14 7.51 0.12
N GLU A 58 -10.61 8.17 -0.91
CA GLU A 58 -9.83 8.37 -2.12
C GLU A 58 -8.85 9.51 -1.95
N LYS A 59 -9.28 10.57 -1.24
CA LYS A 59 -8.37 11.66 -0.97
C LYS A 59 -7.21 11.15 -0.16
N ALA A 60 -7.51 10.39 0.87
CA ALA A 60 -6.51 9.84 1.77
C ALA A 60 -5.55 8.93 1.02
N MET A 61 -6.09 8.25 0.00
CA MET A 61 -5.29 7.43 -0.88
C MET A 61 -4.29 8.32 -1.62
N ARG A 62 -4.77 9.45 -2.12
CA ARG A 62 -3.93 10.42 -2.84
C ARG A 62 -2.85 10.98 -1.93
N ASP A 63 -3.24 11.38 -0.71
CA ASP A 63 -2.29 11.92 0.31
C ASP A 63 -1.17 10.90 0.55
N ALA A 64 -1.54 9.63 0.50
CA ALA A 64 -0.62 8.55 0.70
C ALA A 64 0.30 8.39 -0.51
N ILE A 65 -0.28 8.40 -1.68
CA ILE A 65 0.47 8.21 -2.93
C ILE A 65 1.45 9.34 -3.19
N GLU A 66 0.92 10.53 -3.21
CA GLU A 66 1.64 11.70 -3.58
C GLU A 66 2.54 12.21 -2.46
N GLY A 67 2.30 11.76 -1.25
CA GLY A 67 3.11 12.19 -0.13
C GLY A 67 4.16 11.16 0.32
N MET A 68 3.86 9.87 0.18
CA MET A 68 4.75 8.83 0.70
C MET A 68 5.49 8.09 -0.42
N ASN A 69 5.47 8.65 -1.60
CA ASN A 69 6.18 8.05 -2.71
C ASN A 69 7.69 8.22 -2.49
N GLY A 70 8.41 7.13 -2.34
CA GLY A 70 9.85 7.20 -2.19
C GLY A 70 10.31 7.06 -0.76
N GLN A 71 9.36 6.96 0.18
CA GLN A 71 9.70 6.81 1.60
C GLN A 71 10.37 5.48 1.86
N ASP A 72 11.04 5.39 2.96
CA ASP A 72 11.58 4.15 3.41
C ASP A 72 10.50 3.47 4.21
N LEU A 73 10.29 2.24 3.95
CA LEU A 73 9.37 1.44 4.66
C LEU A 73 10.00 0.07 4.79
N ASP A 74 10.42 -0.23 6.01
CA ASP A 74 11.08 -1.51 6.38
C ASP A 74 12.46 -1.65 5.74
N GLY A 75 13.15 -0.53 5.52
CA GLY A 75 14.50 -0.56 4.99
C GLY A 75 14.55 -0.53 3.49
N ARG A 76 13.46 -0.14 2.90
CA ARG A 76 13.35 -0.05 1.49
C ARG A 76 12.58 1.19 1.06
N ASN A 77 13.04 1.83 0.00
CA ASN A 77 12.33 2.96 -0.60
C ASN A 77 11.22 2.41 -1.45
N ILE A 78 10.03 2.60 -1.01
CA ILE A 78 8.90 2.03 -1.65
C ILE A 78 8.23 2.97 -2.64
N THR A 79 7.59 2.40 -3.61
CA THR A 79 6.97 3.15 -4.66
C THR A 79 5.44 3.03 -4.56
N VAL A 80 4.79 4.15 -4.36
CA VAL A 80 3.35 4.19 -4.16
C VAL A 80 2.70 4.80 -5.39
N ASN A 81 1.71 4.14 -5.94
CA ASN A 81 1.01 4.65 -7.09
C ASN A 81 -0.48 4.28 -7.02
N GLU A 82 -1.27 4.85 -7.88
CA GLU A 82 -2.70 4.70 -7.81
C GLU A 82 -3.18 3.49 -8.61
N ALA A 83 -3.99 2.66 -7.96
CA ALA A 83 -4.55 1.46 -8.56
C ALA A 83 -6.06 1.60 -8.63
N GLN A 84 -6.46 2.85 -8.87
CA GLN A 84 -7.86 3.31 -8.88
C GLN A 84 -8.87 2.31 -9.45
N SER A 85 -9.64 1.76 -8.56
CA SER A 85 -10.62 0.78 -8.85
C SER A 85 -11.75 1.33 -9.73
N ARG A 86 -11.74 0.92 -10.98
CA ARG A 86 -12.76 1.29 -11.94
C ARG A 86 -12.87 0.25 -13.04
N GLY A 1 -14.48 10.50 3.14
CA GLY A 1 -14.68 11.88 2.69
C GLY A 1 -16.10 12.13 2.26
N MET A 2 -16.34 11.95 0.97
CA MET A 2 -17.65 12.12 0.36
C MET A 2 -17.71 11.15 -0.83
N ALA A 3 -16.90 10.13 -0.73
CA ALA A 3 -16.71 9.13 -1.74
C ALA A 3 -16.07 7.97 -1.04
N GLU A 4 -16.89 7.11 -0.52
CA GLU A 4 -16.45 6.07 0.33
C GLU A 4 -16.43 4.80 -0.47
N VAL A 5 -15.38 4.64 -1.20
CA VAL A 5 -15.22 3.58 -2.16
C VAL A 5 -13.83 3.01 -1.97
N GLU A 6 -13.63 1.75 -2.36
CA GLU A 6 -12.34 1.15 -2.20
C GLU A 6 -11.31 1.78 -3.15
N TYR A 7 -10.49 2.61 -2.60
CA TYR A 7 -9.41 3.16 -3.34
C TYR A 7 -8.18 2.38 -3.09
N ARG A 8 -7.95 1.49 -3.98
CA ARG A 8 -6.89 0.55 -3.88
C ARG A 8 -5.62 1.15 -4.45
N CYS A 9 -4.60 1.14 -3.68
CA CYS A 9 -3.34 1.69 -4.05
C CYS A 9 -2.34 0.56 -4.24
N PHE A 10 -1.50 0.71 -5.22
CA PHE A 10 -0.48 -0.27 -5.53
C PHE A 10 0.83 0.22 -4.97
N VAL A 11 1.43 -0.57 -4.11
CA VAL A 11 2.71 -0.23 -3.57
C VAL A 11 3.69 -1.33 -3.93
N GLY A 12 4.62 -0.99 -4.75
CA GLY A 12 5.60 -1.93 -5.19
C GLY A 12 6.97 -1.48 -4.83
N GLY A 13 7.88 -2.42 -4.76
CA GLY A 13 9.23 -2.08 -4.41
C GLY A 13 9.38 -2.05 -2.92
N LEU A 14 8.90 -3.09 -2.29
CA LEU A 14 8.95 -3.23 -0.86
C LEU A 14 10.22 -3.95 -0.46
N ALA A 15 10.45 -4.07 0.81
CA ALA A 15 11.60 -4.76 1.32
C ALA A 15 11.21 -6.19 1.63
N TRP A 16 12.18 -7.00 1.96
CA TRP A 16 11.94 -8.39 2.30
C TRP A 16 11.34 -8.44 3.71
N ALA A 17 11.57 -7.37 4.46
CA ALA A 17 11.10 -7.27 5.82
C ALA A 17 9.76 -6.54 5.89
N THR A 18 9.29 -6.03 4.76
CA THR A 18 8.05 -5.30 4.71
C THR A 18 6.89 -6.24 4.94
N THR A 19 6.16 -6.00 5.97
CA THR A 19 5.04 -6.78 6.28
C THR A 19 3.81 -6.00 5.91
N ASP A 20 2.70 -6.67 5.73
CA ASP A 20 1.46 -5.98 5.47
C ASP A 20 0.98 -5.25 6.69
N GLN A 21 1.46 -5.67 7.83
CA GLN A 21 1.19 -4.99 9.07
C GLN A 21 1.85 -3.60 9.00
N THR A 22 3.18 -3.57 8.82
CA THR A 22 3.93 -2.30 8.76
C THR A 22 3.44 -1.43 7.60
N LEU A 23 3.07 -2.09 6.51
CA LEU A 23 2.50 -1.45 5.35
C LEU A 23 1.20 -0.73 5.76
N GLY A 24 0.31 -1.47 6.40
CA GLY A 24 -0.95 -0.93 6.84
C GLY A 24 -0.79 0.16 7.88
N GLU A 25 0.07 -0.06 8.87
CA GLU A 25 0.34 0.88 9.96
C GLU A 25 0.73 2.25 9.42
N ALA A 26 1.69 2.23 8.49
CA ALA A 26 2.19 3.45 7.87
C ALA A 26 1.09 4.23 7.16
N PHE A 27 0.25 3.53 6.42
CA PHE A 27 -0.79 4.19 5.66
C PHE A 27 -2.02 4.54 6.49
N SER A 28 -2.12 3.98 7.69
CA SER A 28 -3.24 4.29 8.59
C SER A 28 -3.15 5.73 9.09
N GLN A 29 -1.97 6.31 8.95
CA GLN A 29 -1.74 7.69 9.33
C GLN A 29 -2.31 8.62 8.25
N PHE A 30 -2.52 8.09 7.07
CA PHE A 30 -2.98 8.87 5.95
C PHE A 30 -4.49 8.72 5.77
N GLY A 31 -5.02 7.54 6.08
CA GLY A 31 -6.45 7.38 6.04
C GLY A 31 -6.93 5.99 6.38
N GLU A 32 -8.22 5.80 6.21
CA GLU A 32 -8.93 4.55 6.51
C GLU A 32 -8.48 3.43 5.59
N ILE A 33 -8.01 2.36 6.16
CA ILE A 33 -7.56 1.20 5.41
C ILE A 33 -8.67 0.16 5.39
N LEU A 34 -8.92 -0.41 4.23
CA LEU A 34 -9.89 -1.48 4.10
C LEU A 34 -9.18 -2.81 4.09
N ASP A 35 -8.06 -2.86 3.41
CA ASP A 35 -7.26 -4.06 3.31
C ASP A 35 -5.88 -3.68 2.87
N SER A 36 -4.91 -4.40 3.33
CA SER A 36 -3.53 -4.20 2.96
C SER A 36 -2.80 -5.50 3.13
N LYS A 37 -2.33 -6.06 2.04
CA LYS A 37 -1.66 -7.34 2.08
C LYS A 37 -0.46 -7.38 1.16
N ILE A 38 0.55 -8.11 1.59
CA ILE A 38 1.73 -8.33 0.77
C ILE A 38 1.40 -9.47 -0.18
N ILE A 39 1.75 -9.32 -1.42
CA ILE A 39 1.47 -10.34 -2.37
C ILE A 39 2.66 -11.28 -2.47
N ASN A 40 2.44 -12.51 -2.10
CA ASN A 40 3.45 -13.52 -2.15
C ASN A 40 3.36 -14.31 -3.43
N ASP A 41 4.43 -14.96 -3.76
CA ASP A 41 4.48 -15.79 -4.89
C ASP A 41 4.24 -17.19 -4.43
N ARG A 42 3.10 -17.69 -4.75
CA ARG A 42 2.65 -18.99 -4.31
C ARG A 42 3.36 -20.16 -4.98
N GLU A 43 4.18 -19.88 -5.97
CA GLU A 43 4.89 -20.92 -6.67
C GLU A 43 6.28 -21.10 -6.05
N THR A 44 6.97 -19.99 -5.88
CA THR A 44 8.31 -20.02 -5.30
C THR A 44 8.32 -19.92 -3.77
N GLY A 45 7.19 -19.51 -3.21
CA GLY A 45 7.06 -19.48 -1.76
C GLY A 45 7.48 -18.16 -1.11
N ARG A 46 8.02 -17.26 -1.90
CA ARG A 46 8.48 -15.99 -1.33
C ARG A 46 7.68 -14.78 -1.77
N SER A 47 7.89 -13.69 -1.07
CA SER A 47 7.21 -12.43 -1.31
C SER A 47 7.56 -11.87 -2.71
N ARG A 48 6.55 -11.31 -3.40
CA ARG A 48 6.78 -10.74 -4.72
C ARG A 48 7.34 -9.32 -4.67
N GLY A 49 7.33 -8.74 -3.49
CA GLY A 49 7.95 -7.44 -3.30
C GLY A 49 7.01 -6.29 -3.52
N PHE A 50 5.73 -6.55 -3.48
CA PHE A 50 4.75 -5.51 -3.63
C PHE A 50 3.49 -5.91 -2.88
N GLY A 51 2.62 -4.96 -2.66
CA GLY A 51 1.40 -5.21 -1.97
C GLY A 51 0.37 -4.17 -2.32
N PHE A 52 -0.82 -4.36 -1.83
CA PHE A 52 -1.89 -3.42 -2.08
C PHE A 52 -2.35 -2.81 -0.79
N VAL A 53 -2.66 -1.55 -0.83
CA VAL A 53 -3.19 -0.84 0.30
C VAL A 53 -4.49 -0.22 -0.13
N THR A 54 -5.55 -0.65 0.44
CA THR A 54 -6.85 -0.18 0.09
C THR A 54 -7.35 0.83 1.09
N PHE A 55 -7.75 1.95 0.57
CA PHE A 55 -8.30 3.00 1.34
C PHE A 55 -9.77 3.08 1.10
N LYS A 56 -10.49 3.70 1.97
CA LYS A 56 -11.92 3.87 1.80
C LYS A 56 -12.20 5.32 1.38
N ASP A 57 -11.17 6.12 1.42
CA ASP A 57 -11.28 7.55 1.20
C ASP A 57 -10.37 8.02 0.09
N GLU A 58 -10.88 8.93 -0.72
CA GLU A 58 -10.16 9.53 -1.85
C GLU A 58 -8.89 10.26 -1.37
N LYS A 59 -9.04 11.09 -0.33
CA LYS A 59 -7.93 11.90 0.16
C LYS A 59 -6.88 10.97 0.67
N ALA A 60 -7.31 10.00 1.44
CA ALA A 60 -6.47 8.98 2.04
C ALA A 60 -5.53 8.35 1.03
N MET A 61 -6.06 7.98 -0.13
CA MET A 61 -5.23 7.37 -1.15
C MET A 61 -4.26 8.38 -1.76
N ARG A 62 -4.75 9.56 -2.09
CA ARG A 62 -3.90 10.62 -2.72
C ARG A 62 -2.78 11.03 -1.77
N ASP A 63 -3.16 11.22 -0.53
CA ASP A 63 -2.27 11.62 0.57
C ASP A 63 -1.15 10.59 0.69
N ALA A 64 -1.51 9.35 0.45
CA ALA A 64 -0.61 8.24 0.56
C ALA A 64 0.31 8.17 -0.64
N ILE A 65 -0.22 8.41 -1.82
CA ILE A 65 0.57 8.30 -3.04
C ILE A 65 1.55 9.46 -3.12
N GLU A 66 1.03 10.67 -3.05
CA GLU A 66 1.84 11.84 -3.18
C GLU A 66 2.77 12.05 -1.97
N GLY A 67 2.49 11.36 -0.87
CA GLY A 67 3.32 11.49 0.31
C GLY A 67 4.31 10.35 0.50
N MET A 68 3.88 9.12 0.28
CA MET A 68 4.72 7.95 0.60
C MET A 68 5.57 7.49 -0.58
N ASN A 69 5.30 7.97 -1.77
CA ASN A 69 6.06 7.52 -2.92
C ASN A 69 7.47 8.08 -2.91
N GLY A 70 8.44 7.20 -2.81
CA GLY A 70 9.81 7.61 -2.84
C GLY A 70 10.50 7.45 -1.52
N GLN A 71 9.75 7.40 -0.43
CA GLN A 71 10.37 7.28 0.89
C GLN A 71 10.64 5.83 1.24
N ASP A 72 11.22 5.64 2.40
CA ASP A 72 11.60 4.34 2.88
C ASP A 72 10.46 3.70 3.65
N LEU A 73 10.37 2.41 3.52
CA LEU A 73 9.50 1.59 4.29
C LEU A 73 10.21 0.26 4.50
N ASP A 74 10.63 0.05 5.74
CA ASP A 74 11.28 -1.18 6.21
C ASP A 74 12.66 -1.39 5.57
N GLY A 75 13.33 -0.30 5.18
CA GLY A 75 14.68 -0.41 4.62
C GLY A 75 14.69 -0.42 3.11
N ARG A 76 13.58 -0.06 2.52
CA ARG A 76 13.47 0.02 1.08
C ARG A 76 12.67 1.23 0.68
N ASN A 77 13.08 1.89 -0.37
CA ASN A 77 12.35 3.01 -0.89
C ASN A 77 11.25 2.50 -1.80
N ILE A 78 10.06 2.77 -1.41
CA ILE A 78 8.89 2.22 -2.01
C ILE A 78 8.29 3.10 -3.11
N THR A 79 7.66 2.45 -4.07
CA THR A 79 6.99 3.11 -5.15
C THR A 79 5.48 2.95 -4.96
N VAL A 80 4.81 4.04 -4.76
CA VAL A 80 3.40 4.06 -4.45
C VAL A 80 2.64 4.71 -5.60
N ASN A 81 1.64 4.03 -6.13
CA ASN A 81 0.85 4.57 -7.22
C ASN A 81 -0.61 4.15 -7.12
N GLU A 82 -1.43 4.73 -7.97
CA GLU A 82 -2.86 4.51 -7.96
C GLU A 82 -3.23 3.24 -8.71
N ALA A 83 -3.86 2.32 -8.00
CA ALA A 83 -4.43 1.13 -8.63
C ALA A 83 -5.91 1.40 -8.82
N GLN A 84 -6.33 2.50 -8.20
CA GLN A 84 -7.66 3.06 -8.18
C GLN A 84 -8.65 2.17 -7.44
N SER A 85 -8.96 1.04 -8.01
CA SER A 85 -9.89 0.14 -7.38
C SER A 85 -9.67 -1.30 -7.83
N ARG A 86 -10.44 -1.69 -8.78
CA ARG A 86 -10.45 -3.05 -9.33
C ARG A 86 -10.88 -3.02 -10.79
N GLY A 1 -16.91 7.87 0.51
CA GLY A 1 -17.69 9.11 0.57
C GLY A 1 -19.13 8.81 0.51
N MET A 2 -19.86 9.50 -0.36
CA MET A 2 -21.28 9.18 -0.58
C MET A 2 -21.37 7.91 -1.40
N ALA A 3 -20.32 7.67 -2.16
CA ALA A 3 -20.19 6.46 -2.92
C ALA A 3 -19.40 5.47 -2.06
N GLU A 4 -19.64 4.21 -2.31
CA GLU A 4 -19.05 3.13 -1.53
C GLU A 4 -17.82 2.55 -2.23
N VAL A 5 -17.44 3.21 -3.29
CA VAL A 5 -16.28 2.86 -4.08
C VAL A 5 -15.02 2.99 -3.24
N GLU A 6 -14.34 1.89 -3.11
CA GLU A 6 -13.12 1.84 -2.38
C GLU A 6 -11.93 2.00 -3.29
N TYR A 7 -10.93 2.67 -2.82
CA TYR A 7 -9.78 2.94 -3.62
C TYR A 7 -8.65 2.01 -3.35
N ARG A 8 -8.26 1.33 -4.38
CA ARG A 8 -7.23 0.35 -4.34
C ARG A 8 -5.91 1.04 -4.74
N CYS A 9 -4.93 0.95 -3.90
CA CYS A 9 -3.64 1.57 -4.13
C CYS A 9 -2.59 0.49 -4.32
N PHE A 10 -1.61 0.77 -5.14
CA PHE A 10 -0.53 -0.15 -5.46
C PHE A 10 0.76 0.34 -4.83
N VAL A 11 1.44 -0.53 -4.12
CA VAL A 11 2.71 -0.20 -3.52
C VAL A 11 3.72 -1.28 -3.88
N GLY A 12 4.71 -0.90 -4.64
CA GLY A 12 5.76 -1.81 -5.02
C GLY A 12 7.10 -1.31 -4.57
N GLY A 13 8.05 -2.20 -4.43
CA GLY A 13 9.38 -1.81 -4.01
C GLY A 13 9.52 -1.95 -2.51
N LEU A 14 8.85 -2.94 -1.98
CA LEU A 14 8.85 -3.18 -0.56
C LEU A 14 10.12 -3.87 -0.14
N ALA A 15 10.41 -3.84 1.13
CA ALA A 15 11.62 -4.42 1.62
C ALA A 15 11.39 -5.86 2.09
N TRP A 16 12.43 -6.45 2.61
CA TRP A 16 12.42 -7.85 3.04
C TRP A 16 11.69 -8.04 4.37
N ALA A 17 11.46 -6.94 5.07
CA ALA A 17 10.84 -7.01 6.38
C ALA A 17 9.42 -6.46 6.35
N THR A 18 9.02 -5.93 5.22
CA THR A 18 7.72 -5.31 5.12
C THR A 18 6.61 -6.37 5.09
N THR A 19 5.76 -6.31 6.08
CA THR A 19 4.62 -7.19 6.11
C THR A 19 3.39 -6.37 5.80
N ASP A 20 2.26 -7.01 5.62
CA ASP A 20 1.01 -6.30 5.34
C ASP A 20 0.51 -5.56 6.53
N GLN A 21 0.97 -5.96 7.69
CA GLN A 21 0.62 -5.30 8.91
C GLN A 21 1.33 -3.96 8.93
N THR A 22 2.65 -4.02 8.72
CA THR A 22 3.50 -2.87 8.67
C THR A 22 3.08 -1.93 7.52
N LEU A 23 2.67 -2.52 6.42
CA LEU A 23 2.16 -1.78 5.27
C LEU A 23 0.92 -0.98 5.70
N GLY A 24 0.01 -1.68 6.37
CA GLY A 24 -1.21 -1.09 6.84
C GLY A 24 -0.98 0.01 7.85
N GLU A 25 -0.21 -0.26 8.90
CA GLU A 25 0.03 0.69 9.98
C GLU A 25 0.68 1.99 9.47
N ALA A 26 1.62 1.85 8.54
CA ALA A 26 2.32 2.97 7.97
C ALA A 26 1.38 3.86 7.15
N PHE A 27 0.58 3.22 6.32
CA PHE A 27 -0.35 3.96 5.46
C PHE A 27 -1.56 4.45 6.23
N SER A 28 -1.85 3.84 7.37
CA SER A 28 -2.96 4.22 8.23
C SER A 28 -2.69 5.56 8.90
N GLN A 29 -1.45 6.01 8.85
CA GLN A 29 -1.06 7.28 9.42
C GLN A 29 -1.45 8.40 8.45
N PHE A 30 -1.76 8.01 7.22
CA PHE A 30 -2.13 8.95 6.19
C PHE A 30 -3.57 8.76 5.76
N GLY A 31 -3.98 7.52 5.58
CA GLY A 31 -5.31 7.28 5.10
C GLY A 31 -6.01 6.15 5.81
N GLU A 32 -7.24 5.95 5.40
CA GLU A 32 -8.15 4.96 5.98
C GLU A 32 -7.87 3.62 5.34
N ILE A 33 -7.41 2.67 6.10
CA ILE A 33 -7.11 1.36 5.56
C ILE A 33 -8.32 0.45 5.68
N LEU A 34 -8.75 -0.07 4.56
CA LEU A 34 -9.82 -1.05 4.55
C LEU A 34 -9.21 -2.44 4.54
N ASP A 35 -8.10 -2.54 3.85
CA ASP A 35 -7.33 -3.77 3.74
C ASP A 35 -5.98 -3.43 3.18
N SER A 36 -5.01 -4.23 3.51
CA SER A 36 -3.68 -4.08 3.01
C SER A 36 -3.01 -5.43 3.05
N LYS A 37 -2.58 -5.92 1.91
CA LYS A 37 -1.98 -7.23 1.84
C LYS A 37 -0.78 -7.28 0.94
N ILE A 38 0.21 -8.04 1.36
CA ILE A 38 1.39 -8.27 0.58
C ILE A 38 1.09 -9.44 -0.33
N ILE A 39 1.50 -9.35 -1.55
CA ILE A 39 1.30 -10.42 -2.46
C ILE A 39 2.51 -11.35 -2.36
N ASN A 40 2.25 -12.60 -2.07
CA ASN A 40 3.31 -13.56 -1.85
C ASN A 40 3.91 -14.07 -3.13
N ASP A 41 5.13 -14.47 -3.01
CA ASP A 41 5.89 -15.03 -4.07
C ASP A 41 5.81 -16.53 -3.87
N ARG A 42 5.07 -17.18 -4.71
CA ARG A 42 4.78 -18.60 -4.57
C ARG A 42 6.03 -19.39 -4.86
N GLU A 43 6.69 -18.95 -5.91
CA GLU A 43 7.86 -19.55 -6.46
C GLU A 43 9.00 -19.72 -5.45
N THR A 44 9.17 -18.77 -4.56
CA THR A 44 10.24 -18.89 -3.57
C THR A 44 9.74 -18.92 -2.13
N GLY A 45 8.45 -18.71 -1.93
CA GLY A 45 7.90 -18.68 -0.58
C GLY A 45 8.20 -17.35 0.11
N ARG A 46 8.45 -16.36 -0.71
CA ARG A 46 8.77 -15.02 -0.25
C ARG A 46 7.61 -14.07 -0.53
N SER A 47 7.90 -12.80 -0.56
CA SER A 47 6.96 -11.80 -0.98
C SER A 47 7.34 -11.38 -2.41
N ARG A 48 6.35 -10.97 -3.21
CA ARG A 48 6.61 -10.54 -4.61
C ARG A 48 7.37 -9.21 -4.63
N GLY A 49 7.36 -8.53 -3.50
CA GLY A 49 8.03 -7.25 -3.40
C GLY A 49 7.08 -6.09 -3.56
N PHE A 50 5.79 -6.40 -3.59
CA PHE A 50 4.78 -5.38 -3.70
C PHE A 50 3.53 -5.85 -2.99
N GLY A 51 2.62 -4.94 -2.76
CA GLY A 51 1.39 -5.24 -2.12
C GLY A 51 0.35 -4.21 -2.47
N PHE A 52 -0.83 -4.39 -1.98
CA PHE A 52 -1.91 -3.46 -2.24
C PHE A 52 -2.44 -2.91 -0.95
N VAL A 53 -2.87 -1.68 -1.00
CA VAL A 53 -3.43 -0.99 0.15
C VAL A 53 -4.77 -0.43 -0.26
N THR A 54 -5.76 -0.62 0.53
CA THR A 54 -7.08 -0.18 0.20
C THR A 54 -7.56 0.91 1.13
N PHE A 55 -8.14 1.92 0.54
CA PHE A 55 -8.65 3.07 1.24
C PHE A 55 -10.12 3.23 0.94
N LYS A 56 -10.82 3.93 1.80
CA LYS A 56 -12.21 4.20 1.54
C LYS A 56 -12.39 5.40 0.64
N ASP A 57 -11.74 6.50 0.98
CA ASP A 57 -11.89 7.69 0.17
C ASP A 57 -10.66 8.06 -0.59
N GLU A 58 -10.88 8.72 -1.72
CA GLU A 58 -9.84 9.09 -2.67
C GLU A 58 -8.74 9.90 -2.01
N LYS A 59 -9.12 10.96 -1.29
CA LYS A 59 -8.14 11.84 -0.67
C LYS A 59 -7.26 11.07 0.31
N ALA A 60 -7.86 10.19 1.10
CA ALA A 60 -7.13 9.41 2.09
C ALA A 60 -6.10 8.50 1.41
N MET A 61 -6.46 8.04 0.23
CA MET A 61 -5.57 7.24 -0.60
C MET A 61 -4.45 8.13 -1.10
N ARG A 62 -4.86 9.25 -1.66
CA ARG A 62 -4.01 10.22 -2.28
C ARG A 62 -2.97 10.78 -1.30
N ASP A 63 -3.42 11.13 -0.10
CA ASP A 63 -2.53 11.66 0.98
C ASP A 63 -1.43 10.65 1.27
N ALA A 64 -1.76 9.38 1.13
CA ALA A 64 -0.83 8.33 1.42
C ALA A 64 0.09 8.08 0.24
N ILE A 65 -0.38 8.36 -0.95
CA ILE A 65 0.39 8.15 -2.15
C ILE A 65 1.53 9.15 -2.24
N GLU A 66 1.23 10.44 -2.21
CA GLU A 66 2.26 11.44 -2.28
C GLU A 66 3.12 11.49 -1.02
N GLY A 67 2.59 10.97 0.08
CA GLY A 67 3.35 10.94 1.31
C GLY A 67 4.37 9.82 1.36
N MET A 68 4.07 8.71 0.72
CA MET A 68 4.94 7.53 0.77
C MET A 68 5.73 7.29 -0.51
N ASN A 69 5.23 7.79 -1.62
CA ASN A 69 5.88 7.52 -2.91
C ASN A 69 7.24 8.19 -2.98
N GLY A 70 8.28 7.38 -3.09
CA GLY A 70 9.59 7.92 -3.23
C GLY A 70 10.45 7.73 -2.01
N GLN A 71 9.84 7.50 -0.86
CA GLN A 71 10.64 7.34 0.34
C GLN A 71 11.06 5.90 0.54
N ASP A 72 11.90 5.69 1.52
CA ASP A 72 12.39 4.39 1.87
C ASP A 72 11.57 3.90 3.05
N LEU A 73 11.12 2.67 2.99
CA LEU A 73 10.32 2.08 4.03
C LEU A 73 10.82 0.65 4.28
N ASP A 74 11.14 0.39 5.56
CA ASP A 74 11.72 -0.90 6.05
C ASP A 74 13.02 -1.24 5.36
N GLY A 75 13.70 -0.24 4.86
CA GLY A 75 14.94 -0.48 4.21
C GLY A 75 14.82 -0.54 2.70
N ARG A 76 13.63 -0.27 2.13
CA ARG A 76 13.56 -0.16 0.69
C ARG A 76 12.65 0.98 0.19
N ASN A 77 13.05 1.63 -0.91
CA ASN A 77 12.32 2.72 -1.52
C ASN A 77 11.11 2.21 -2.24
N ILE A 78 9.99 2.70 -1.82
CA ILE A 78 8.74 2.25 -2.30
C ILE A 78 8.16 3.19 -3.35
N THR A 79 7.51 2.60 -4.31
CA THR A 79 6.84 3.30 -5.34
C THR A 79 5.35 3.13 -5.10
N VAL A 80 4.67 4.23 -4.87
CA VAL A 80 3.27 4.20 -4.50
C VAL A 80 2.46 4.96 -5.54
N ASN A 81 1.39 4.37 -5.97
CA ASN A 81 0.46 4.98 -6.91
C ASN A 81 -0.90 4.35 -6.73
N GLU A 82 -1.89 4.86 -7.38
CA GLU A 82 -3.18 4.26 -7.32
C GLU A 82 -3.21 3.07 -8.25
N ALA A 83 -4.00 2.12 -7.91
CA ALA A 83 -4.09 0.91 -8.69
C ALA A 83 -5.28 1.01 -9.61
N GLN A 84 -6.05 2.10 -9.43
CA GLN A 84 -7.26 2.38 -10.17
C GLN A 84 -8.33 1.33 -9.87
N SER A 85 -9.43 1.36 -10.64
CA SER A 85 -10.55 0.45 -10.45
C SER A 85 -11.11 0.70 -9.04
N ARG A 86 -11.68 -0.30 -8.43
CA ARG A 86 -12.18 -0.17 -7.08
C ARG A 86 -11.88 -1.43 -6.29
N GLY A 1 -20.18 1.02 -6.27
CA GLY A 1 -21.05 1.55 -7.34
C GLY A 1 -20.71 2.98 -7.57
N MET A 2 -21.73 3.86 -7.73
CA MET A 2 -21.47 5.31 -7.83
C MET A 2 -21.02 5.81 -6.46
N ALA A 3 -21.47 5.10 -5.45
CA ALA A 3 -21.04 5.27 -4.10
C ALA A 3 -20.56 3.91 -3.66
N GLU A 4 -19.86 3.85 -2.55
CA GLU A 4 -19.26 2.63 -2.05
C GLU A 4 -18.24 2.13 -3.06
N VAL A 5 -17.14 2.81 -3.02
CA VAL A 5 -16.01 2.59 -3.88
C VAL A 5 -14.81 2.33 -3.00
N GLU A 6 -13.91 1.49 -3.46
CA GLU A 6 -12.72 1.21 -2.75
C GLU A 6 -11.57 1.84 -3.50
N TYR A 7 -10.62 2.34 -2.79
CA TYR A 7 -9.48 2.87 -3.41
C TYR A 7 -8.28 2.05 -3.15
N ARG A 8 -7.97 1.28 -4.13
CA ARG A 8 -6.88 0.37 -4.11
C ARG A 8 -5.62 1.14 -4.48
N CYS A 9 -4.66 1.09 -3.62
CA CYS A 9 -3.40 1.75 -3.81
C CYS A 9 -2.35 0.69 -4.10
N PHE A 10 -1.48 0.97 -5.03
CA PHE A 10 -0.43 0.06 -5.43
C PHE A 10 0.87 0.52 -4.80
N VAL A 11 1.47 -0.33 -4.02
CA VAL A 11 2.75 -0.02 -3.43
C VAL A 11 3.72 -1.09 -3.88
N GLY A 12 4.68 -0.70 -4.66
CA GLY A 12 5.68 -1.62 -5.14
C GLY A 12 7.04 -1.16 -4.77
N GLY A 13 7.97 -2.08 -4.73
CA GLY A 13 9.32 -1.74 -4.37
C GLY A 13 9.48 -1.77 -2.88
N LEU A 14 8.96 -2.82 -2.30
CA LEU A 14 8.99 -3.02 -0.87
C LEU A 14 10.32 -3.59 -0.43
N ALA A 15 10.48 -3.73 0.86
CA ALA A 15 11.70 -4.22 1.40
C ALA A 15 11.55 -5.66 1.88
N TRP A 16 12.56 -6.13 2.57
CA TRP A 16 12.67 -7.51 2.99
C TRP A 16 11.82 -7.85 4.21
N ALA A 17 11.44 -6.87 4.99
CA ALA A 17 10.68 -7.13 6.21
C ALA A 17 9.27 -6.60 6.08
N THR A 18 8.94 -6.14 4.91
CA THR A 18 7.67 -5.56 4.67
C THR A 18 6.58 -6.62 4.73
N THR A 19 5.71 -6.44 5.66
CA THR A 19 4.63 -7.33 5.92
C THR A 19 3.38 -6.58 5.92
N ASP A 20 2.32 -7.28 6.02
CA ASP A 20 1.02 -6.73 5.94
C ASP A 20 0.79 -5.76 7.08
N GLN A 21 1.39 -6.03 8.23
CA GLN A 21 1.28 -5.13 9.35
C GLN A 21 2.01 -3.83 9.07
N THR A 22 3.30 -3.92 8.69
CA THR A 22 4.09 -2.74 8.45
C THR A 22 3.53 -1.90 7.30
N LEU A 23 2.84 -2.56 6.38
CA LEU A 23 2.15 -1.89 5.30
C LEU A 23 0.92 -1.14 5.87
N GLY A 24 0.07 -1.89 6.56
CA GLY A 24 -1.16 -1.35 7.10
C GLY A 24 -0.94 -0.26 8.12
N GLU A 25 -0.06 -0.51 9.07
CA GLU A 25 0.22 0.43 10.17
C GLU A 25 0.74 1.76 9.62
N ALA A 26 1.60 1.68 8.60
CA ALA A 26 2.19 2.86 8.00
C ALA A 26 1.15 3.69 7.24
N PHE A 27 0.31 3.03 6.47
CA PHE A 27 -0.68 3.75 5.68
C PHE A 27 -1.92 4.12 6.48
N SER A 28 -2.05 3.53 7.65
CA SER A 28 -3.14 3.85 8.56
C SER A 28 -2.95 5.27 9.11
N GLN A 29 -1.76 5.82 8.91
CA GLN A 29 -1.47 7.17 9.31
C GLN A 29 -2.06 8.15 8.30
N PHE A 30 -2.41 7.65 7.12
CA PHE A 30 -2.99 8.50 6.08
C PHE A 30 -4.50 8.38 6.08
N GLY A 31 -5.02 7.17 6.16
CA GLY A 31 -6.46 7.06 6.18
C GLY A 31 -6.98 5.70 6.51
N GLU A 32 -8.29 5.57 6.33
CA GLU A 32 -9.05 4.37 6.64
C GLU A 32 -8.61 3.20 5.79
N ILE A 33 -8.13 2.19 6.44
CA ILE A 33 -7.65 1.00 5.78
C ILE A 33 -8.78 -0.04 5.73
N LEU A 34 -9.21 -0.38 4.55
CA LEU A 34 -10.24 -1.39 4.38
C LEU A 34 -9.60 -2.77 4.26
N ASP A 35 -8.37 -2.77 3.77
CA ASP A 35 -7.61 -3.98 3.50
C ASP A 35 -6.16 -3.59 3.23
N SER A 36 -5.24 -4.45 3.55
CA SER A 36 -3.85 -4.21 3.34
C SER A 36 -3.11 -5.54 3.23
N LYS A 37 -2.79 -5.91 2.01
CA LYS A 37 -2.14 -7.16 1.77
C LYS A 37 -0.95 -7.03 0.85
N ILE A 38 0.12 -7.64 1.28
CA ILE A 38 1.31 -7.76 0.48
C ILE A 38 1.05 -8.86 -0.52
N ILE A 39 1.50 -8.68 -1.74
CA ILE A 39 1.36 -9.71 -2.72
C ILE A 39 2.40 -10.75 -2.42
N ASN A 40 1.94 -11.80 -1.83
CA ASN A 40 2.78 -12.87 -1.38
C ASN A 40 2.99 -13.87 -2.50
N ASP A 41 3.96 -14.68 -2.29
CA ASP A 41 4.29 -15.73 -3.18
C ASP A 41 3.63 -16.97 -2.64
N ARG A 42 2.69 -17.50 -3.37
CA ARG A 42 1.90 -18.64 -2.90
C ARG A 42 2.73 -19.91 -2.85
N GLU A 43 3.68 -19.98 -3.73
CA GLU A 43 4.50 -21.14 -3.92
C GLU A 43 5.54 -21.31 -2.79
N THR A 44 6.20 -20.24 -2.41
CA THR A 44 7.23 -20.32 -1.39
C THR A 44 6.90 -19.57 -0.09
N GLY A 45 5.80 -18.84 -0.08
CA GLY A 45 5.41 -18.11 1.12
C GLY A 45 6.15 -16.79 1.30
N ARG A 46 6.85 -16.36 0.26
CA ARG A 46 7.62 -15.12 0.32
C ARG A 46 6.75 -13.90 -0.04
N SER A 47 7.35 -12.75 -0.06
CA SER A 47 6.69 -11.54 -0.50
C SER A 47 7.20 -11.24 -1.92
N ARG A 48 6.33 -10.82 -2.81
CA ARG A 48 6.71 -10.60 -4.21
C ARG A 48 7.13 -9.15 -4.51
N GLY A 49 7.52 -8.43 -3.47
CA GLY A 49 8.10 -7.11 -3.65
C GLY A 49 7.10 -5.98 -3.75
N PHE A 50 5.83 -6.29 -3.76
CA PHE A 50 4.82 -5.25 -3.83
C PHE A 50 3.56 -5.69 -3.09
N GLY A 51 2.67 -4.76 -2.85
CA GLY A 51 1.46 -5.04 -2.15
C GLY A 51 0.42 -4.00 -2.45
N PHE A 52 -0.77 -4.21 -1.96
CA PHE A 52 -1.86 -3.29 -2.16
C PHE A 52 -2.44 -2.83 -0.85
N VAL A 53 -2.80 -1.57 -0.81
CA VAL A 53 -3.43 -0.98 0.35
C VAL A 53 -4.82 -0.52 -0.10
N THR A 54 -5.80 -0.69 0.72
CA THR A 54 -7.13 -0.33 0.36
C THR A 54 -7.68 0.75 1.25
N PHE A 55 -8.10 1.82 0.64
CA PHE A 55 -8.71 2.93 1.32
C PHE A 55 -10.13 3.06 0.87
N LYS A 56 -10.89 3.90 1.54
CA LYS A 56 -12.24 4.17 1.07
C LYS A 56 -12.34 5.60 0.54
N ASP A 57 -11.40 6.42 0.94
CA ASP A 57 -11.35 7.80 0.50
C ASP A 57 -10.26 7.96 -0.53
N GLU A 58 -10.45 8.86 -1.48
CA GLU A 58 -9.50 9.02 -2.51
C GLU A 58 -8.33 9.87 -2.04
N LYS A 59 -8.59 10.86 -1.19
CA LYS A 59 -7.51 11.72 -0.74
C LYS A 59 -6.57 10.95 0.15
N ALA A 60 -7.14 10.11 1.00
CA ALA A 60 -6.37 9.20 1.84
C ALA A 60 -5.45 8.34 0.97
N MET A 61 -5.96 7.90 -0.17
CA MET A 61 -5.15 7.14 -1.11
C MET A 61 -4.09 8.05 -1.73
N ARG A 62 -4.48 9.29 -2.00
CA ARG A 62 -3.59 10.29 -2.58
C ARG A 62 -2.45 10.58 -1.63
N ASP A 63 -2.76 10.87 -0.37
CA ASP A 63 -1.75 11.16 0.67
C ASP A 63 -0.82 10.00 0.86
N ALA A 64 -1.35 8.81 0.66
CA ALA A 64 -0.55 7.60 0.76
C ALA A 64 0.47 7.57 -0.35
N ILE A 65 0.07 8.07 -1.49
CA ILE A 65 0.93 8.18 -2.64
C ILE A 65 1.91 9.36 -2.45
N GLU A 66 1.34 10.52 -2.19
CA GLU A 66 2.04 11.78 -2.03
C GLU A 66 3.12 11.72 -0.93
N GLY A 67 2.77 11.14 0.21
CA GLY A 67 3.67 11.11 1.32
C GLY A 67 4.55 9.87 1.41
N MET A 68 4.35 8.90 0.54
CA MET A 68 5.16 7.67 0.60
C MET A 68 5.96 7.39 -0.64
N ASN A 69 5.52 7.87 -1.79
CA ASN A 69 6.21 7.55 -3.03
C ASN A 69 7.57 8.22 -3.09
N GLY A 70 8.61 7.42 -3.11
CA GLY A 70 9.93 7.96 -3.22
C GLY A 70 10.74 7.83 -1.95
N GLN A 71 10.14 7.36 -0.86
CA GLN A 71 10.91 7.23 0.36
C GLN A 71 11.18 5.76 0.69
N ASP A 72 12.26 5.55 1.41
CA ASP A 72 12.67 4.21 1.81
C ASP A 72 11.88 3.73 3.01
N LEU A 73 10.85 3.00 2.74
CA LEU A 73 10.01 2.44 3.76
C LEU A 73 10.48 1.04 4.02
N ASP A 74 10.71 0.74 5.29
CA ASP A 74 11.20 -0.58 5.76
C ASP A 74 12.59 -0.87 5.16
N GLY A 75 13.28 0.22 4.82
CA GLY A 75 14.60 0.09 4.29
C GLY A 75 14.69 0.14 2.76
N ARG A 76 13.55 0.23 2.07
CA ARG A 76 13.62 0.31 0.61
C ARG A 76 12.62 1.32 0.06
N ASN A 77 13.07 2.09 -0.88
CA ASN A 77 12.28 3.14 -1.54
C ASN A 77 11.11 2.61 -2.29
N ILE A 78 9.96 2.94 -1.81
CA ILE A 78 8.72 2.45 -2.33
C ILE A 78 8.16 3.35 -3.42
N THR A 79 7.52 2.72 -4.36
CA THR A 79 6.86 3.36 -5.45
C THR A 79 5.37 3.18 -5.24
N VAL A 80 4.67 4.25 -5.05
CA VAL A 80 3.27 4.20 -4.70
C VAL A 80 2.46 4.92 -5.76
N ASN A 81 1.37 4.32 -6.19
CA ASN A 81 0.49 4.89 -7.21
C ASN A 81 -0.91 4.34 -7.05
N GLU A 82 -1.86 4.87 -7.79
CA GLU A 82 -3.23 4.45 -7.67
C GLU A 82 -3.46 3.21 -8.50
N ALA A 83 -4.10 2.25 -7.92
CA ALA A 83 -4.38 1.01 -8.58
C ALA A 83 -5.75 1.09 -9.24
N GLN A 84 -6.52 2.08 -8.81
CA GLN A 84 -7.77 2.45 -9.45
C GLN A 84 -7.44 3.45 -10.56
N SER A 85 -6.50 3.05 -11.40
CA SER A 85 -5.97 3.86 -12.47
C SER A 85 -7.08 4.29 -13.46
N ARG A 86 -7.44 5.54 -13.40
CA ARG A 86 -8.48 6.06 -14.27
C ARG A 86 -7.86 6.76 -15.46
N GLY A 1 -15.57 11.27 -6.26
CA GLY A 1 -15.46 11.67 -7.65
C GLY A 1 -16.74 11.41 -8.42
N MET A 2 -17.27 10.20 -8.31
CA MET A 2 -18.47 9.76 -9.03
C MET A 2 -18.72 8.30 -8.73
N ALA A 3 -17.64 7.53 -8.75
CA ALA A 3 -17.70 6.14 -8.45
C ALA A 3 -16.91 5.89 -7.19
N GLU A 4 -17.59 6.05 -6.09
CA GLU A 4 -16.99 5.92 -4.80
C GLU A 4 -17.05 4.51 -4.34
N VAL A 5 -15.98 3.87 -4.61
CA VAL A 5 -15.78 2.49 -4.41
C VAL A 5 -14.39 2.32 -3.88
N GLU A 6 -14.19 1.29 -3.08
CA GLU A 6 -12.94 0.97 -2.40
C GLU A 6 -11.73 1.20 -3.31
N TYR A 7 -10.86 2.06 -2.88
CA TYR A 7 -9.75 2.47 -3.69
C TYR A 7 -8.49 1.70 -3.37
N ARG A 8 -8.09 0.93 -4.33
CA ARG A 8 -6.93 0.08 -4.26
C ARG A 8 -5.69 0.92 -4.66
N CYS A 9 -4.64 0.79 -3.91
CA CYS A 9 -3.39 1.46 -4.19
C CYS A 9 -2.35 0.42 -4.55
N PHE A 10 -1.46 0.77 -5.43
CA PHE A 10 -0.42 -0.12 -5.88
C PHE A 10 0.91 0.35 -5.33
N VAL A 11 1.57 -0.51 -4.56
CA VAL A 11 2.82 -0.18 -3.95
C VAL A 11 3.87 -1.23 -4.31
N GLY A 12 4.85 -0.83 -5.05
CA GLY A 12 5.94 -1.69 -5.42
C GLY A 12 7.23 -1.18 -4.86
N GLY A 13 8.21 -2.05 -4.72
CA GLY A 13 9.49 -1.64 -4.20
C GLY A 13 9.60 -1.99 -2.73
N LEU A 14 8.74 -2.88 -2.30
CA LEU A 14 8.69 -3.30 -0.92
C LEU A 14 9.81 -4.27 -0.63
N ALA A 15 10.10 -4.46 0.62
CA ALA A 15 11.20 -5.27 1.02
C ALA A 15 10.77 -6.71 1.26
N TRP A 16 11.76 -7.57 1.37
CA TRP A 16 11.61 -9.02 1.60
C TRP A 16 11.11 -9.29 3.05
N ALA A 17 11.03 -8.22 3.83
CA ALA A 17 10.58 -8.29 5.20
C ALA A 17 9.34 -7.42 5.41
N THR A 18 8.86 -6.77 4.35
CA THR A 18 7.71 -5.91 4.46
C THR A 18 6.45 -6.74 4.73
N THR A 19 5.85 -6.48 5.84
CA THR A 19 4.69 -7.19 6.27
C THR A 19 3.49 -6.39 6.01
N ASP A 20 2.39 -7.07 6.04
CA ASP A 20 1.12 -6.49 5.85
C ASP A 20 0.85 -5.50 6.98
N GLN A 21 1.44 -5.81 8.13
CA GLN A 21 1.35 -4.99 9.31
C GLN A 21 2.12 -3.67 9.04
N THR A 22 3.41 -3.78 8.70
CA THR A 22 4.24 -2.58 8.47
C THR A 22 3.73 -1.73 7.29
N LEU A 23 3.07 -2.38 6.35
CA LEU A 23 2.44 -1.68 5.24
C LEU A 23 1.24 -0.90 5.77
N GLY A 24 0.43 -1.59 6.57
CA GLY A 24 -0.78 -1.02 7.12
C GLY A 24 -0.53 0.19 7.99
N GLU A 25 0.39 0.05 8.97
CA GLU A 25 0.68 1.13 9.91
C GLU A 25 1.11 2.42 9.19
N ALA A 26 1.94 2.27 8.18
CA ALA A 26 2.46 3.37 7.40
C ALA A 26 1.34 4.15 6.71
N PHE A 27 0.37 3.45 6.19
CA PHE A 27 -0.72 4.08 5.47
C PHE A 27 -1.85 4.51 6.38
N SER A 28 -1.96 3.88 7.56
CA SER A 28 -3.03 4.24 8.51
C SER A 28 -2.81 5.64 9.08
N GLN A 29 -1.60 6.16 8.86
CA GLN A 29 -1.25 7.51 9.25
C GLN A 29 -1.93 8.53 8.34
N PHE A 30 -2.45 8.06 7.21
CA PHE A 30 -3.07 8.95 6.25
C PHE A 30 -4.56 8.72 6.19
N GLY A 31 -5.00 7.47 6.16
CA GLY A 31 -6.41 7.23 6.07
C GLY A 31 -6.81 5.86 6.53
N GLU A 32 -8.06 5.54 6.30
CA GLU A 32 -8.65 4.29 6.68
C GLU A 32 -8.16 3.16 5.79
N ILE A 33 -7.67 2.13 6.41
CA ILE A 33 -7.19 1.00 5.68
C ILE A 33 -8.25 -0.06 5.70
N LEU A 34 -8.79 -0.36 4.56
CA LEU A 34 -9.80 -1.39 4.44
C LEU A 34 -9.12 -2.74 4.40
N ASP A 35 -7.98 -2.78 3.72
CA ASP A 35 -7.15 -3.95 3.64
C ASP A 35 -5.78 -3.54 3.20
N SER A 36 -4.81 -4.29 3.59
CA SER A 36 -3.45 -4.05 3.22
C SER A 36 -2.74 -5.37 3.11
N LYS A 37 -2.56 -5.81 1.91
CA LYS A 37 -1.95 -7.08 1.67
C LYS A 37 -0.75 -7.00 0.78
N ILE A 38 0.31 -7.54 1.27
CA ILE A 38 1.51 -7.71 0.53
C ILE A 38 1.28 -8.87 -0.39
N ILE A 39 1.78 -8.79 -1.59
CA ILE A 39 1.68 -9.90 -2.47
C ILE A 39 2.80 -10.85 -2.11
N ASN A 40 2.46 -11.72 -1.21
CA ASN A 40 3.38 -12.68 -0.72
C ASN A 40 3.39 -13.90 -1.57
N ASP A 41 4.51 -14.51 -1.62
CA ASP A 41 4.74 -15.72 -2.34
C ASP A 41 4.11 -16.88 -1.61
N ARG A 42 3.67 -17.86 -2.35
CA ARG A 42 3.02 -19.03 -1.77
C ARG A 42 4.03 -19.93 -1.05
N GLU A 43 5.20 -20.09 -1.65
CA GLU A 43 6.16 -21.09 -1.21
C GLU A 43 7.01 -20.57 -0.06
N THR A 44 7.53 -19.38 -0.22
CA THR A 44 8.38 -18.79 0.79
C THR A 44 7.56 -18.02 1.80
N GLY A 45 6.30 -17.73 1.43
CA GLY A 45 5.39 -16.96 2.27
C GLY A 45 5.89 -15.54 2.48
N ARG A 46 6.66 -15.04 1.53
CA ARG A 46 7.29 -13.75 1.68
C ARG A 46 6.94 -12.77 0.59
N SER A 47 7.17 -11.52 0.91
CA SER A 47 6.86 -10.39 0.08
C SER A 47 7.58 -10.46 -1.28
N ARG A 48 6.81 -10.49 -2.37
CA ARG A 48 7.39 -10.58 -3.71
C ARG A 48 7.75 -9.20 -4.28
N GLY A 49 8.08 -8.27 -3.40
CA GLY A 49 8.54 -6.97 -3.81
C GLY A 49 7.46 -5.92 -3.93
N PHE A 50 6.21 -6.30 -3.72
CA PHE A 50 5.14 -5.33 -3.84
C PHE A 50 3.89 -5.78 -3.08
N GLY A 51 2.94 -4.88 -2.96
CA GLY A 51 1.72 -5.15 -2.26
C GLY A 51 0.67 -4.13 -2.60
N PHE A 52 -0.51 -4.30 -2.06
CA PHE A 52 -1.61 -3.39 -2.29
C PHE A 52 -2.22 -2.90 -0.99
N VAL A 53 -2.72 -1.69 -1.01
CA VAL A 53 -3.38 -1.09 0.15
C VAL A 53 -4.76 -0.62 -0.32
N THR A 54 -5.75 -0.74 0.51
CA THR A 54 -7.07 -0.29 0.16
C THR A 54 -7.58 0.81 1.08
N PHE A 55 -8.04 1.87 0.47
CA PHE A 55 -8.64 3.00 1.14
C PHE A 55 -10.10 3.08 0.75
N LYS A 56 -10.85 3.90 1.42
CA LYS A 56 -12.23 4.10 1.08
C LYS A 56 -12.42 5.50 0.50
N ASP A 57 -11.57 6.42 0.92
CA ASP A 57 -11.62 7.78 0.40
C ASP A 57 -10.50 8.03 -0.60
N GLU A 58 -10.81 8.81 -1.61
CA GLU A 58 -9.88 9.10 -2.67
C GLU A 58 -8.84 10.12 -2.25
N LYS A 59 -9.24 11.04 -1.38
CA LYS A 59 -8.31 12.05 -0.92
C LYS A 59 -7.28 11.38 -0.04
N ALA A 60 -7.75 10.65 0.97
CA ALA A 60 -6.90 9.95 1.93
C ALA A 60 -5.91 9.05 1.21
N MET A 61 -6.39 8.41 0.15
CA MET A 61 -5.56 7.59 -0.72
C MET A 61 -4.40 8.40 -1.29
N ARG A 62 -4.70 9.60 -1.75
CA ARG A 62 -3.71 10.45 -2.40
C ARG A 62 -2.76 11.10 -1.42
N ASP A 63 -3.26 11.47 -0.23
CA ASP A 63 -2.37 11.98 0.85
C ASP A 63 -1.34 10.92 1.16
N ALA A 64 -1.76 9.68 0.98
CA ALA A 64 -0.93 8.54 1.22
C ALA A 64 0.04 8.34 0.08
N ILE A 65 -0.41 8.56 -1.13
CA ILE A 65 0.43 8.37 -2.30
C ILE A 65 1.51 9.45 -2.35
N GLU A 66 1.08 10.70 -2.35
CA GLU A 66 1.98 11.83 -2.42
C GLU A 66 2.87 11.95 -1.18
N GLY A 67 2.48 11.30 -0.08
CA GLY A 67 3.27 11.37 1.13
C GLY A 67 4.17 10.16 1.35
N MET A 68 3.85 9.03 0.74
CA MET A 68 4.62 7.79 0.97
C MET A 68 5.45 7.41 -0.26
N ASN A 69 5.03 7.85 -1.42
CA ASN A 69 5.75 7.55 -2.67
C ASN A 69 7.09 8.25 -2.68
N GLY A 70 8.14 7.48 -2.70
CA GLY A 70 9.45 8.07 -2.77
C GLY A 70 10.23 7.94 -1.49
N GLN A 71 9.60 7.45 -0.44
CA GLN A 71 10.33 7.26 0.80
C GLN A 71 10.65 5.80 1.00
N ASP A 72 11.36 5.51 2.05
CA ASP A 72 11.76 4.17 2.37
C ASP A 72 10.88 3.55 3.42
N LEU A 73 10.62 2.28 3.24
CA LEU A 73 9.87 1.45 4.16
C LEU A 73 10.59 0.13 4.21
N ASP A 74 10.84 -0.36 5.43
CA ASP A 74 11.58 -1.64 5.68
C ASP A 74 12.98 -1.61 5.03
N GLY A 75 13.51 -0.40 4.89
CA GLY A 75 14.82 -0.19 4.34
C GLY A 75 14.86 -0.28 2.84
N ARG A 76 13.72 -0.04 2.21
CA ARG A 76 13.63 -0.07 0.76
C ARG A 76 12.84 1.10 0.31
N ASN A 77 13.16 1.63 -0.81
CA ASN A 77 12.49 2.81 -1.32
C ASN A 77 11.32 2.37 -2.13
N ILE A 78 10.18 2.80 -1.72
CA ILE A 78 8.95 2.28 -2.24
C ILE A 78 8.23 3.26 -3.17
N THR A 79 7.62 2.71 -4.18
CA THR A 79 6.87 3.46 -5.14
C THR A 79 5.38 3.22 -4.91
N VAL A 80 4.67 4.26 -4.56
CA VAL A 80 3.25 4.18 -4.29
C VAL A 80 2.52 4.92 -5.41
N ASN A 81 1.52 4.31 -5.97
CA ASN A 81 0.75 4.95 -7.02
C ASN A 81 -0.72 4.58 -6.95
N GLU A 82 -1.53 5.37 -7.61
CA GLU A 82 -2.95 5.21 -7.62
C GLU A 82 -3.33 4.06 -8.53
N ALA A 83 -3.98 3.09 -7.97
CA ALA A 83 -4.42 1.98 -8.74
C ALA A 83 -5.91 2.10 -9.03
N GLN A 84 -6.57 2.94 -8.24
CA GLN A 84 -8.03 3.10 -8.29
C GLN A 84 -8.75 1.78 -7.97
N SER A 85 -10.00 1.69 -8.26
CA SER A 85 -10.77 0.52 -7.98
C SER A 85 -10.42 -0.66 -8.92
N ARG A 86 -9.53 -1.52 -8.47
CA ARG A 86 -9.17 -2.72 -9.24
C ARG A 86 -9.54 -3.95 -8.42
N GLY A 1 -20.24 -1.33 5.25
CA GLY A 1 -19.48 -0.35 6.01
C GLY A 1 -20.13 1.02 5.97
N MET A 2 -20.33 1.54 4.77
CA MET A 2 -20.90 2.88 4.54
C MET A 2 -21.06 3.07 3.06
N ALA A 3 -19.96 2.88 2.40
CA ALA A 3 -19.86 2.92 0.98
C ALA A 3 -18.96 1.78 0.64
N GLU A 4 -19.47 0.82 -0.06
CA GLU A 4 -18.75 -0.41 -0.27
C GLU A 4 -17.94 -0.30 -1.57
N VAL A 5 -17.09 0.67 -1.58
CA VAL A 5 -16.23 1.00 -2.68
C VAL A 5 -14.89 1.32 -2.07
N GLU A 6 -13.86 0.72 -2.58
CA GLU A 6 -12.56 0.92 -2.03
C GLU A 6 -11.56 1.51 -3.00
N TYR A 7 -10.62 2.24 -2.47
CA TYR A 7 -9.58 2.80 -3.23
C TYR A 7 -8.32 2.04 -3.00
N ARG A 8 -7.88 1.45 -4.05
CA ARG A 8 -6.79 0.54 -4.02
C ARG A 8 -5.54 1.24 -4.50
N CYS A 9 -4.51 1.15 -3.73
CA CYS A 9 -3.26 1.75 -4.05
C CYS A 9 -2.22 0.64 -4.28
N PHE A 10 -1.42 0.80 -5.30
CA PHE A 10 -0.36 -0.15 -5.64
C PHE A 10 0.94 0.37 -5.07
N VAL A 11 1.58 -0.41 -4.24
CA VAL A 11 2.86 -0.03 -3.69
C VAL A 11 3.89 -1.07 -4.08
N GLY A 12 4.83 -0.68 -4.89
CA GLY A 12 5.88 -1.56 -5.31
C GLY A 12 7.22 -1.07 -4.84
N GLY A 13 8.18 -1.96 -4.79
CA GLY A 13 9.50 -1.58 -4.35
C GLY A 13 9.67 -1.84 -2.87
N LEU A 14 8.91 -2.81 -2.38
CA LEU A 14 8.91 -3.14 -0.96
C LEU A 14 10.13 -3.94 -0.58
N ALA A 15 10.31 -4.14 0.70
CA ALA A 15 11.46 -4.80 1.21
C ALA A 15 11.15 -6.25 1.60
N TRP A 16 12.08 -6.84 2.30
CA TRP A 16 12.06 -8.25 2.65
C TRP A 16 11.10 -8.52 3.82
N ALA A 17 10.96 -7.58 4.72
CA ALA A 17 10.24 -7.84 5.97
C ALA A 17 8.90 -7.13 6.02
N THR A 18 8.57 -6.44 4.96
CA THR A 18 7.35 -5.70 4.88
C THR A 18 6.17 -6.68 4.97
N THR A 19 5.38 -6.52 6.00
CA THR A 19 4.27 -7.38 6.24
C THR A 19 2.96 -6.64 6.01
N ASP A 20 1.91 -7.39 5.76
CA ASP A 20 0.62 -6.83 5.39
C ASP A 20 -0.04 -6.10 6.53
N GLN A 21 0.15 -6.61 7.72
CA GLN A 21 -0.29 -5.95 8.91
C GLN A 21 0.41 -4.58 9.05
N THR A 22 1.74 -4.59 9.06
CA THR A 22 2.52 -3.38 9.28
C THR A 22 2.33 -2.36 8.15
N LEU A 23 2.02 -2.85 6.95
CA LEU A 23 1.69 -2.00 5.82
C LEU A 23 0.46 -1.14 6.16
N GLY A 24 -0.43 -1.73 6.96
CA GLY A 24 -1.63 -1.05 7.39
C GLY A 24 -1.30 0.07 8.33
N GLU A 25 -0.56 -0.25 9.40
CA GLU A 25 -0.14 0.75 10.40
C GLU A 25 0.60 1.91 9.75
N ALA A 26 1.45 1.59 8.79
CA ALA A 26 2.24 2.57 8.07
C ALA A 26 1.35 3.56 7.32
N PHE A 27 0.36 3.06 6.64
CA PHE A 27 -0.52 3.92 5.86
C PHE A 27 -1.69 4.47 6.66
N SER A 28 -1.89 3.95 7.87
CA SER A 28 -2.97 4.40 8.75
C SER A 28 -2.72 5.85 9.19
N GLN A 29 -1.50 6.32 8.96
CA GLN A 29 -1.14 7.71 9.19
C GLN A 29 -1.94 8.63 8.25
N PHE A 30 -2.19 8.13 7.06
CA PHE A 30 -2.83 8.92 6.02
C PHE A 30 -4.33 8.73 6.05
N GLY A 31 -4.80 7.50 6.23
CA GLY A 31 -6.21 7.33 6.23
C GLY A 31 -6.68 5.95 6.61
N GLU A 32 -7.91 5.70 6.24
CA GLU A 32 -8.63 4.48 6.56
C GLU A 32 -8.05 3.30 5.84
N ILE A 33 -7.56 2.35 6.56
CA ILE A 33 -7.06 1.15 5.97
C ILE A 33 -8.13 0.09 6.04
N LEU A 34 -8.67 -0.27 4.90
CA LEU A 34 -9.70 -1.28 4.82
C LEU A 34 -9.05 -2.64 4.63
N ASP A 35 -7.88 -2.62 4.04
CA ASP A 35 -7.12 -3.81 3.70
C ASP A 35 -5.72 -3.39 3.30
N SER A 36 -4.78 -4.25 3.49
CA SER A 36 -3.41 -4.03 3.13
C SER A 36 -2.75 -5.37 2.91
N LYS A 37 -2.50 -5.70 1.67
CA LYS A 37 -1.96 -7.00 1.32
C LYS A 37 -0.56 -6.92 0.81
N ILE A 38 0.25 -7.79 1.33
CA ILE A 38 1.57 -8.01 0.81
C ILE A 38 1.48 -9.25 0.00
N ILE A 39 1.67 -9.09 -1.25
CA ILE A 39 1.56 -10.19 -2.12
C ILE A 39 2.89 -10.90 -2.09
N ASN A 40 2.86 -12.11 -1.61
CA ASN A 40 4.05 -12.86 -1.31
C ASN A 40 4.29 -13.97 -2.31
N ASP A 41 5.49 -14.51 -2.30
CA ASP A 41 5.85 -15.61 -3.13
C ASP A 41 5.82 -16.89 -2.35
N ARG A 42 5.31 -17.93 -2.99
CA ARG A 42 5.29 -19.25 -2.41
C ARG A 42 6.70 -19.79 -2.41
N GLU A 43 7.44 -19.36 -3.42
CA GLU A 43 8.75 -19.84 -3.73
C GLU A 43 9.71 -19.76 -2.54
N THR A 44 9.88 -18.59 -1.99
CA THR A 44 10.81 -18.42 -0.89
C THR A 44 10.07 -18.00 0.40
N GLY A 45 8.93 -17.38 0.24
CA GLY A 45 8.16 -16.95 1.38
C GLY A 45 8.37 -15.47 1.66
N ARG A 46 8.82 -14.75 0.65
CA ARG A 46 9.04 -13.31 0.80
C ARG A 46 7.95 -12.58 0.06
N SER A 47 8.06 -11.27 0.00
CA SER A 47 7.16 -10.46 -0.76
C SER A 47 7.52 -10.56 -2.25
N ARG A 48 6.55 -10.29 -3.14
CA ARG A 48 6.83 -10.23 -4.58
C ARG A 48 7.53 -8.92 -4.90
N GLY A 49 7.68 -8.10 -3.88
CA GLY A 49 8.30 -6.83 -4.02
C GLY A 49 7.28 -5.74 -4.13
N PHE A 50 6.03 -6.08 -3.91
CA PHE A 50 4.96 -5.10 -3.98
C PHE A 50 3.76 -5.56 -3.15
N GLY A 51 2.84 -4.67 -2.94
CA GLY A 51 1.66 -4.95 -2.21
C GLY A 51 0.58 -3.95 -2.54
N PHE A 52 -0.55 -4.09 -1.92
CA PHE A 52 -1.68 -3.21 -2.16
C PHE A 52 -2.20 -2.65 -0.85
N VAL A 53 -2.53 -1.39 -0.87
CA VAL A 53 -3.09 -0.74 0.29
C VAL A 53 -4.49 -0.31 -0.07
N THR A 54 -5.42 -0.49 0.81
CA THR A 54 -6.79 -0.20 0.54
C THR A 54 -7.33 0.87 1.46
N PHE A 55 -7.81 1.93 0.87
CA PHE A 55 -8.41 3.03 1.56
C PHE A 55 -9.86 3.09 1.21
N LYS A 56 -10.64 3.82 1.98
CA LYS A 56 -12.03 3.98 1.64
C LYS A 56 -12.22 5.29 0.90
N ASP A 57 -11.43 6.28 1.25
CA ASP A 57 -11.52 7.55 0.59
C ASP A 57 -10.37 7.77 -0.38
N GLU A 58 -10.75 8.33 -1.46
CA GLU A 58 -9.95 8.72 -2.60
C GLU A 58 -8.75 9.60 -2.18
N LYS A 59 -9.02 10.61 -1.39
CA LYS A 59 -8.04 11.61 -1.02
C LYS A 59 -7.15 11.08 0.05
N ALA A 60 -7.73 10.28 0.93
CA ALA A 60 -6.95 9.59 1.95
C ALA A 60 -5.91 8.70 1.28
N MET A 61 -6.30 8.14 0.14
CA MET A 61 -5.40 7.34 -0.66
C MET A 61 -4.37 8.24 -1.36
N ARG A 62 -4.84 9.36 -1.91
CA ARG A 62 -3.96 10.29 -2.62
C ARG A 62 -2.85 10.83 -1.76
N ASP A 63 -3.19 11.32 -0.57
CA ASP A 63 -2.16 11.86 0.36
C ASP A 63 -1.12 10.77 0.68
N ALA A 64 -1.57 9.53 0.68
CA ALA A 64 -0.70 8.40 0.95
C ALA A 64 0.23 8.16 -0.24
N ILE A 65 -0.25 8.44 -1.41
CA ILE A 65 0.54 8.28 -2.61
C ILE A 65 1.54 9.43 -2.70
N GLU A 66 1.02 10.62 -2.67
CA GLU A 66 1.79 11.84 -2.78
C GLU A 66 2.83 11.99 -1.65
N GLY A 67 2.52 11.49 -0.46
CA GLY A 67 3.42 11.63 0.67
C GLY A 67 4.31 10.42 0.97
N MET A 68 4.12 9.33 0.25
CA MET A 68 4.91 8.11 0.52
C MET A 68 5.73 7.67 -0.71
N ASN A 69 5.29 8.08 -1.88
CA ASN A 69 5.98 7.72 -3.12
C ASN A 69 7.36 8.35 -3.20
N GLY A 70 8.38 7.53 -3.22
CA GLY A 70 9.73 8.04 -3.36
C GLY A 70 10.57 7.91 -2.11
N GLN A 71 9.96 7.54 -1.01
CA GLN A 71 10.72 7.38 0.22
C GLN A 71 11.02 5.92 0.52
N ASP A 72 11.78 5.70 1.57
CA ASP A 72 12.23 4.36 1.92
C ASP A 72 11.44 3.83 3.10
N LEU A 73 10.98 2.61 3.00
CA LEU A 73 10.21 1.95 4.00
C LEU A 73 10.70 0.52 4.12
N ASP A 74 11.04 0.13 5.36
CA ASP A 74 11.52 -1.24 5.72
C ASP A 74 12.84 -1.56 4.99
N GLY A 75 13.56 -0.53 4.64
CA GLY A 75 14.82 -0.72 3.99
C GLY A 75 14.72 -0.63 2.49
N ARG A 76 13.51 -0.41 1.96
CA ARG A 76 13.34 -0.23 0.54
C ARG A 76 12.59 0.97 0.11
N ASN A 77 13.04 1.48 -1.00
CA ASN A 77 12.50 2.69 -1.57
C ASN A 77 11.33 2.32 -2.39
N ILE A 78 10.21 2.79 -1.96
CA ILE A 78 8.97 2.36 -2.48
C ILE A 78 8.35 3.33 -3.45
N THR A 79 7.76 2.77 -4.46
CA THR A 79 7.07 3.48 -5.46
C THR A 79 5.57 3.28 -5.20
N VAL A 80 4.90 4.34 -4.89
CA VAL A 80 3.51 4.28 -4.53
C VAL A 80 2.71 4.90 -5.66
N ASN A 81 1.75 4.18 -6.16
CA ASN A 81 0.92 4.66 -7.23
C ASN A 81 -0.51 4.22 -7.01
N GLU A 82 -1.38 4.72 -7.82
CA GLU A 82 -2.78 4.46 -7.68
C GLU A 82 -3.18 3.28 -8.54
N ALA A 83 -3.86 2.31 -7.94
CA ALA A 83 -4.35 1.16 -8.66
C ALA A 83 -5.77 1.46 -9.12
N GLN A 84 -5.87 2.62 -9.76
CA GLN A 84 -7.10 3.24 -10.24
C GLN A 84 -8.09 2.28 -10.94
N SER A 85 -7.72 1.82 -12.08
CA SER A 85 -8.63 1.10 -12.94
C SER A 85 -8.65 -0.39 -12.63
N ARG A 86 -9.51 -0.76 -11.70
CA ARG A 86 -9.79 -2.14 -11.31
C ARG A 86 -10.98 -2.21 -10.39
N GLY A 1 -13.00 12.53 2.17
CA GLY A 1 -14.38 12.83 1.81
C GLY A 1 -15.09 11.58 1.42
N MET A 2 -16.39 11.69 1.16
CA MET A 2 -17.22 10.56 0.77
C MET A 2 -16.66 9.89 -0.47
N ALA A 3 -16.49 8.61 -0.38
CA ALA A 3 -15.92 7.80 -1.41
C ALA A 3 -16.29 6.39 -1.10
N GLU A 4 -17.43 6.00 -1.56
CA GLU A 4 -17.95 4.72 -1.20
C GLU A 4 -17.55 3.70 -2.24
N VAL A 5 -16.29 3.35 -2.18
CA VAL A 5 -15.67 2.41 -3.06
C VAL A 5 -14.31 2.08 -2.44
N GLU A 6 -13.69 1.05 -2.90
CA GLU A 6 -12.40 0.63 -2.41
C GLU A 6 -11.29 1.34 -3.18
N TYR A 7 -10.54 2.21 -2.52
CA TYR A 7 -9.46 2.85 -3.18
C TYR A 7 -8.20 2.11 -2.98
N ARG A 8 -7.96 1.21 -3.86
CA ARG A 8 -6.81 0.38 -3.80
C ARG A 8 -5.64 1.06 -4.44
N CYS A 9 -4.56 1.08 -3.74
CA CYS A 9 -3.34 1.70 -4.14
C CYS A 9 -2.28 0.63 -4.34
N PHE A 10 -1.40 0.84 -5.27
CA PHE A 10 -0.32 -0.08 -5.59
C PHE A 10 0.96 0.43 -4.96
N VAL A 11 1.63 -0.43 -4.22
CA VAL A 11 2.89 -0.07 -3.63
C VAL A 11 3.92 -1.14 -3.96
N GLY A 12 4.90 -0.77 -4.72
CA GLY A 12 5.95 -1.66 -5.10
C GLY A 12 7.29 -1.19 -4.57
N GLY A 13 8.23 -2.10 -4.43
CA GLY A 13 9.53 -1.75 -3.93
C GLY A 13 9.60 -1.93 -2.45
N LEU A 14 8.84 -2.88 -1.95
CA LEU A 14 8.75 -3.16 -0.55
C LEU A 14 9.95 -3.94 -0.04
N ALA A 15 10.05 -4.05 1.25
CA ALA A 15 11.17 -4.65 1.87
C ALA A 15 10.86 -6.07 2.32
N TRP A 16 11.85 -6.69 2.93
CA TRP A 16 11.73 -8.07 3.37
C TRP A 16 10.92 -8.15 4.65
N ALA A 17 11.00 -7.11 5.46
CA ALA A 17 10.29 -7.06 6.73
C ALA A 17 8.92 -6.46 6.56
N THR A 18 8.55 -6.12 5.34
CA THR A 18 7.28 -5.54 5.11
C THR A 18 6.21 -6.62 5.12
N THR A 19 5.32 -6.51 6.05
CA THR A 19 4.23 -7.41 6.24
C THR A 19 2.97 -6.66 6.11
N ASP A 20 1.93 -7.40 5.96
CA ASP A 20 0.62 -6.89 5.72
C ASP A 20 0.17 -5.96 6.84
N GLN A 21 0.62 -6.26 8.06
CA GLN A 21 0.27 -5.47 9.23
C GLN A 21 0.87 -4.08 9.10
N THR A 22 2.20 -4.03 8.99
CA THR A 22 2.93 -2.78 8.98
C THR A 22 2.58 -1.96 7.74
N LEU A 23 2.19 -2.64 6.67
CA LEU A 23 1.74 -1.99 5.46
C LEU A 23 0.51 -1.14 5.80
N GLY A 24 -0.43 -1.74 6.51
CA GLY A 24 -1.63 -1.05 6.92
C GLY A 24 -1.33 0.00 7.97
N GLU A 25 -0.48 -0.35 8.93
CA GLU A 25 -0.09 0.54 10.04
C GLU A 25 0.50 1.85 9.50
N ALA A 26 1.39 1.72 8.54
CA ALA A 26 2.08 2.85 7.95
C ALA A 26 1.12 3.76 7.18
N PHE A 27 0.20 3.16 6.45
CA PHE A 27 -0.71 3.94 5.63
C PHE A 27 -1.91 4.51 6.38
N SER A 28 -2.15 4.02 7.59
CA SER A 28 -3.25 4.51 8.44
C SER A 28 -3.04 6.01 8.76
N GLN A 29 -1.77 6.44 8.71
CA GLN A 29 -1.40 7.83 8.91
C GLN A 29 -2.05 8.73 7.84
N PHE A 30 -2.22 8.18 6.67
CA PHE A 30 -2.79 8.91 5.56
C PHE A 30 -4.29 8.77 5.58
N GLY A 31 -4.76 7.57 5.88
CA GLY A 31 -6.17 7.31 5.97
C GLY A 31 -6.44 5.85 6.24
N GLU A 32 -7.65 5.56 6.68
CA GLU A 32 -8.03 4.21 7.04
C GLU A 32 -8.05 3.21 5.90
N ILE A 33 -7.64 2.02 6.26
CA ILE A 33 -7.40 0.92 5.36
C ILE A 33 -8.61 -0.02 5.32
N LEU A 34 -8.88 -0.57 4.15
CA LEU A 34 -9.91 -1.59 3.99
C LEU A 34 -9.25 -2.96 3.93
N ASP A 35 -8.16 -3.03 3.19
CA ASP A 35 -7.37 -4.25 3.07
C ASP A 35 -5.96 -3.84 2.75
N SER A 36 -5.02 -4.62 3.15
CA SER A 36 -3.64 -4.37 2.88
C SER A 36 -2.92 -5.70 2.75
N LYS A 37 -2.59 -6.06 1.55
CA LYS A 37 -1.96 -7.33 1.30
C LYS A 37 -0.68 -7.21 0.53
N ILE A 38 0.35 -7.81 1.09
CA ILE A 38 1.61 -7.97 0.44
C ILE A 38 1.42 -9.12 -0.53
N ILE A 39 1.88 -8.95 -1.73
CA ILE A 39 1.77 -10.01 -2.68
C ILE A 39 2.79 -11.08 -2.34
N ASN A 40 2.29 -12.17 -1.89
CA ASN A 40 3.10 -13.31 -1.54
C ASN A 40 3.01 -14.34 -2.65
N ASP A 41 4.03 -15.13 -2.76
CA ASP A 41 4.08 -16.17 -3.77
C ASP A 41 3.16 -17.30 -3.34
N ARG A 42 2.48 -17.89 -4.30
CA ARG A 42 1.57 -19.00 -4.05
C ARG A 42 2.28 -20.31 -3.68
N GLU A 43 3.59 -20.31 -3.77
CA GLU A 43 4.39 -21.47 -3.47
C GLU A 43 4.73 -21.54 -1.97
N THR A 44 5.45 -20.54 -1.52
CA THR A 44 5.99 -20.56 -0.17
C THR A 44 5.53 -19.38 0.68
N GLY A 45 4.73 -18.50 0.10
CA GLY A 45 4.28 -17.34 0.86
C GLY A 45 5.32 -16.22 0.89
N ARG A 46 6.45 -16.44 0.22
CA ARG A 46 7.53 -15.45 0.14
C ARG A 46 7.03 -14.17 -0.54
N SER A 47 7.42 -13.03 -0.03
CA SER A 47 7.02 -11.75 -0.54
C SER A 47 7.52 -11.53 -1.99
N ARG A 48 6.71 -10.85 -2.79
CA ARG A 48 7.06 -10.58 -4.19
C ARG A 48 7.59 -9.16 -4.35
N GLY A 49 7.76 -8.46 -3.25
CA GLY A 49 8.37 -7.14 -3.27
C GLY A 49 7.38 -6.01 -3.50
N PHE A 50 6.10 -6.32 -3.52
CA PHE A 50 5.09 -5.30 -3.69
C PHE A 50 3.79 -5.75 -3.05
N GLY A 51 2.86 -4.84 -2.91
CA GLY A 51 1.60 -5.14 -2.32
C GLY A 51 0.58 -4.08 -2.63
N PHE A 52 -0.64 -4.31 -2.21
CA PHE A 52 -1.71 -3.38 -2.42
C PHE A 52 -2.27 -2.90 -1.11
N VAL A 53 -2.58 -1.62 -1.05
CA VAL A 53 -3.14 -1.00 0.14
C VAL A 53 -4.47 -0.38 -0.26
N THR A 54 -5.51 -0.77 0.36
CA THR A 54 -6.81 -0.27 0.02
C THR A 54 -7.33 0.69 1.05
N PHE A 55 -7.79 1.81 0.57
CA PHE A 55 -8.28 2.89 1.36
C PHE A 55 -9.77 3.07 1.21
N LYS A 56 -10.35 3.77 2.15
CA LYS A 56 -11.77 4.06 2.14
C LYS A 56 -12.04 5.49 1.64
N ASP A 57 -11.02 6.29 1.61
CA ASP A 57 -11.18 7.70 1.26
C ASP A 57 -10.29 8.08 0.09
N GLU A 58 -10.73 9.03 -0.72
CA GLU A 58 -9.97 9.56 -1.86
C GLU A 58 -8.73 10.28 -1.35
N LYS A 59 -8.91 11.02 -0.23
CA LYS A 59 -7.82 11.74 0.41
C LYS A 59 -6.81 10.73 0.83
N ALA A 60 -7.31 9.69 1.47
CA ALA A 60 -6.51 8.64 2.03
C ALA A 60 -5.63 8.01 0.97
N MET A 61 -6.18 7.75 -0.21
CA MET A 61 -5.40 7.11 -1.25
C MET A 61 -4.35 8.06 -1.84
N ARG A 62 -4.74 9.28 -2.12
CA ARG A 62 -3.83 10.21 -2.80
C ARG A 62 -2.79 10.78 -1.90
N ASP A 63 -3.17 11.06 -0.69
CA ASP A 63 -2.25 11.59 0.32
C ASP A 63 -1.19 10.53 0.64
N ALA A 64 -1.60 9.27 0.49
CA ALA A 64 -0.72 8.14 0.67
C ALA A 64 0.28 8.10 -0.46
N ILE A 65 -0.13 8.55 -1.60
CA ILE A 65 0.72 8.57 -2.74
C ILE A 65 1.71 9.72 -2.60
N GLU A 66 1.19 10.92 -2.44
CA GLU A 66 2.00 12.12 -2.37
C GLU A 66 3.00 12.08 -1.20
N GLY A 67 2.61 11.51 -0.08
CA GLY A 67 3.48 11.52 1.07
C GLY A 67 4.27 10.24 1.29
N MET A 68 4.03 9.21 0.52
CA MET A 68 4.76 7.94 0.75
C MET A 68 5.56 7.52 -0.50
N ASN A 69 5.19 8.04 -1.66
CA ASN A 69 5.84 7.67 -2.93
C ASN A 69 7.23 8.27 -3.04
N GLY A 70 8.23 7.42 -3.15
CA GLY A 70 9.57 7.91 -3.35
C GLY A 70 10.41 7.90 -2.10
N GLN A 71 9.83 7.51 -0.98
CA GLN A 71 10.59 7.46 0.25
C GLN A 71 10.98 6.04 0.64
N ASP A 72 11.64 5.93 1.77
CA ASP A 72 12.19 4.66 2.22
C ASP A 72 11.26 3.94 3.17
N LEU A 73 11.27 2.63 3.06
CA LEU A 73 10.63 1.76 3.99
C LEU A 73 11.51 0.52 4.12
N ASP A 74 12.17 0.44 5.26
CA ASP A 74 13.12 -0.64 5.59
C ASP A 74 14.22 -0.78 4.53
N GLY A 75 14.94 0.31 4.30
CA GLY A 75 16.10 0.30 3.41
C GLY A 75 15.72 0.02 1.97
N ARG A 76 14.51 0.38 1.64
CA ARG A 76 13.95 0.15 0.35
C ARG A 76 13.20 1.37 -0.07
N ASN A 77 13.14 1.60 -1.32
CA ASN A 77 12.46 2.78 -1.83
C ASN A 77 11.19 2.34 -2.47
N ILE A 78 10.12 2.87 -1.99
CA ILE A 78 8.82 2.41 -2.40
C ILE A 78 8.14 3.35 -3.39
N THR A 79 7.49 2.74 -4.33
CA THR A 79 6.72 3.43 -5.33
C THR A 79 5.24 3.25 -5.00
N VAL A 80 4.56 4.34 -4.83
CA VAL A 80 3.15 4.33 -4.43
C VAL A 80 2.34 5.09 -5.48
N ASN A 81 1.32 4.44 -6.04
CA ASN A 81 0.41 5.10 -7.00
C ASN A 81 -0.93 4.38 -6.97
N GLU A 82 -1.94 4.91 -7.64
CA GLU A 82 -3.27 4.31 -7.60
C GLU A 82 -3.31 2.99 -8.30
N ALA A 83 -4.18 2.18 -7.83
CA ALA A 83 -4.47 0.89 -8.40
C ALA A 83 -5.97 0.84 -8.64
N GLN A 84 -6.53 2.03 -8.74
CA GLN A 84 -7.93 2.26 -8.93
C GLN A 84 -8.02 3.56 -9.77
N SER A 85 -9.11 4.30 -9.67
CA SER A 85 -9.35 5.55 -10.40
C SER A 85 -8.15 6.51 -10.35
N ARG A 86 -7.55 6.75 -11.51
CA ARG A 86 -6.41 7.64 -11.62
C ARG A 86 -6.84 8.95 -12.26
N GLY A 1 -14.31 6.94 -5.93
CA GLY A 1 -15.01 7.39 -7.12
C GLY A 1 -16.08 8.39 -6.77
N MET A 2 -15.65 9.49 -6.16
CA MET A 2 -16.52 10.56 -5.62
C MET A 2 -17.19 10.06 -4.36
N ALA A 3 -16.44 10.13 -3.26
CA ALA A 3 -16.85 9.70 -1.89
C ALA A 3 -16.82 8.23 -1.76
N GLU A 4 -17.63 7.64 -2.53
CA GLU A 4 -17.86 6.29 -2.50
C GLU A 4 -16.96 5.69 -3.51
N VAL A 5 -16.73 4.46 -3.33
CA VAL A 5 -15.90 3.62 -4.17
C VAL A 5 -14.44 3.75 -3.78
N GLU A 6 -13.98 2.69 -3.21
CA GLU A 6 -12.67 2.54 -2.68
C GLU A 6 -11.54 2.61 -3.70
N TYR A 7 -10.38 2.97 -3.20
CA TYR A 7 -9.17 3.06 -3.97
C TYR A 7 -8.09 2.25 -3.34
N ARG A 8 -7.16 1.86 -4.10
CA ARG A 8 -6.15 0.97 -3.63
C ARG A 8 -4.84 1.39 -4.19
N CYS A 9 -3.86 1.40 -3.40
CA CYS A 9 -2.58 1.81 -3.81
C CYS A 9 -1.73 0.61 -4.13
N PHE A 10 -1.09 0.70 -5.25
CA PHE A 10 -0.16 -0.27 -5.71
C PHE A 10 1.19 0.19 -5.23
N VAL A 11 1.74 -0.50 -4.29
CA VAL A 11 3.01 -0.14 -3.80
C VAL A 11 3.99 -1.17 -4.29
N GLY A 12 4.87 -0.74 -5.14
CA GLY A 12 5.84 -1.60 -5.70
C GLY A 12 7.21 -1.23 -5.24
N GLY A 13 8.04 -2.19 -5.02
CA GLY A 13 9.36 -1.92 -4.58
C GLY A 13 9.44 -1.94 -3.09
N LEU A 14 8.87 -2.95 -2.50
CA LEU A 14 8.89 -3.13 -1.06
C LEU A 14 10.10 -3.95 -0.69
N ALA A 15 10.32 -4.14 0.59
CA ALA A 15 11.40 -4.95 1.03
C ALA A 15 10.88 -6.34 1.27
N TRP A 16 11.77 -7.26 1.50
CA TRP A 16 11.37 -8.64 1.71
C TRP A 16 10.82 -8.84 3.11
N ALA A 17 11.12 -7.90 3.99
CA ALA A 17 10.71 -8.00 5.38
C ALA A 17 9.45 -7.18 5.65
N THR A 18 8.98 -6.46 4.64
CA THR A 18 7.81 -5.64 4.78
C THR A 18 6.57 -6.51 5.01
N THR A 19 5.94 -6.31 6.15
CA THR A 19 4.79 -7.09 6.52
C THR A 19 3.55 -6.32 6.27
N ASP A 20 2.49 -7.06 6.19
CA ASP A 20 1.19 -6.56 5.92
C ASP A 20 0.73 -5.58 6.98
N GLN A 21 1.20 -5.80 8.21
CA GLN A 21 0.79 -4.98 9.33
C GLN A 21 1.35 -3.61 9.15
N THR A 22 2.66 -3.56 8.99
CA THR A 22 3.40 -2.36 8.86
C THR A 22 3.03 -1.59 7.59
N LEU A 23 2.58 -2.31 6.57
CA LEU A 23 2.08 -1.69 5.37
C LEU A 23 0.84 -0.87 5.75
N GLY A 24 -0.03 -1.48 6.53
CA GLY A 24 -1.22 -0.81 7.00
C GLY A 24 -0.89 0.31 7.97
N GLU A 25 0.02 0.03 8.91
CA GLU A 25 0.48 0.98 9.95
C GLU A 25 0.90 2.30 9.32
N ALA A 26 1.70 2.19 8.27
CA ALA A 26 2.23 3.33 7.56
C ALA A 26 1.12 4.19 6.92
N PHE A 27 0.14 3.55 6.33
CA PHE A 27 -0.89 4.28 5.62
C PHE A 27 -2.07 4.70 6.49
N SER A 28 -2.13 4.18 7.71
CA SER A 28 -3.20 4.53 8.66
C SER A 28 -3.13 6.01 9.07
N GLN A 29 -2.01 6.63 8.76
CA GLN A 29 -1.80 8.03 9.05
C GLN A 29 -2.55 8.90 8.02
N PHE A 30 -2.82 8.33 6.86
CA PHE A 30 -3.48 9.07 5.79
C PHE A 30 -4.97 8.90 5.86
N GLY A 31 -5.41 7.67 6.07
CA GLY A 31 -6.82 7.41 6.17
C GLY A 31 -7.10 6.04 6.71
N GLU A 32 -8.24 5.50 6.35
CA GLU A 32 -8.67 4.22 6.83
C GLU A 32 -8.15 3.09 5.95
N ILE A 33 -8.02 1.93 6.52
CA ILE A 33 -7.46 0.82 5.80
C ILE A 33 -8.51 -0.27 5.66
N LEU A 34 -8.91 -0.56 4.45
CA LEU A 34 -9.82 -1.66 4.20
C LEU A 34 -9.04 -2.93 3.95
N ASP A 35 -7.86 -2.75 3.41
CA ASP A 35 -6.98 -3.85 3.04
C ASP A 35 -5.55 -3.35 2.98
N SER A 36 -4.64 -4.19 3.36
CA SER A 36 -3.25 -3.93 3.26
C SER A 36 -2.55 -5.27 3.19
N LYS A 37 -2.19 -5.65 2.00
CA LYS A 37 -1.57 -6.92 1.79
C LYS A 37 -0.34 -6.83 0.94
N ILE A 38 0.70 -7.45 1.42
CA ILE A 38 1.90 -7.64 0.69
C ILE A 38 1.61 -8.80 -0.23
N ILE A 39 1.98 -8.69 -1.46
CA ILE A 39 1.76 -9.76 -2.36
C ILE A 39 2.81 -10.83 -2.14
N ASN A 40 2.44 -11.76 -1.32
CA ASN A 40 3.27 -12.89 -1.05
C ASN A 40 2.94 -13.94 -2.08
N ASP A 41 3.92 -14.70 -2.41
CA ASP A 41 3.80 -15.71 -3.43
C ASP A 41 3.04 -16.90 -2.89
N ARG A 42 2.26 -17.53 -3.74
CA ARG A 42 1.47 -18.67 -3.35
C ARG A 42 2.39 -19.87 -3.17
N GLU A 43 3.27 -20.06 -4.13
CA GLU A 43 4.08 -21.26 -4.23
C GLU A 43 5.21 -21.26 -3.21
N THR A 44 5.99 -20.20 -3.21
CA THR A 44 7.13 -20.12 -2.33
C THR A 44 6.81 -19.45 -0.99
N GLY A 45 5.69 -18.73 -0.94
CA GLY A 45 5.26 -18.07 0.30
C GLY A 45 6.03 -16.80 0.61
N ARG A 46 6.95 -16.43 -0.25
CA ARG A 46 7.80 -15.27 -0.02
C ARG A 46 7.14 -13.99 -0.49
N SER A 47 7.57 -12.89 0.06
CA SER A 47 7.16 -11.59 -0.38
C SER A 47 7.63 -11.41 -1.85
N ARG A 48 6.74 -10.94 -2.73
CA ARG A 48 7.10 -10.75 -4.14
C ARG A 48 7.55 -9.33 -4.46
N GLY A 49 7.65 -8.50 -3.43
CA GLY A 49 8.25 -7.18 -3.62
C GLY A 49 7.26 -6.05 -3.84
N PHE A 50 5.99 -6.33 -3.75
CA PHE A 50 5.00 -5.28 -3.92
C PHE A 50 3.74 -5.64 -3.13
N GLY A 51 2.86 -4.69 -2.94
CA GLY A 51 1.67 -4.93 -2.18
C GLY A 51 0.60 -3.91 -2.50
N PHE A 52 -0.56 -4.09 -1.91
CA PHE A 52 -1.68 -3.20 -2.11
C PHE A 52 -2.23 -2.70 -0.79
N VAL A 53 -2.77 -1.48 -0.82
CA VAL A 53 -3.42 -0.88 0.34
C VAL A 53 -4.74 -0.28 -0.12
N THR A 54 -5.83 -0.74 0.39
CA THR A 54 -7.13 -0.25 0.02
C THR A 54 -7.68 0.74 1.07
N PHE A 55 -8.18 1.85 0.59
CA PHE A 55 -8.81 2.90 1.38
C PHE A 55 -10.18 3.09 0.80
N LYS A 56 -11.16 3.46 1.58
CA LYS A 56 -12.45 3.76 0.99
C LYS A 56 -12.52 5.25 0.72
N ASP A 57 -11.56 5.98 1.25
CA ASP A 57 -11.50 7.42 1.08
C ASP A 57 -10.46 7.83 0.04
N GLU A 58 -10.85 8.77 -0.78
CA GLU A 58 -10.06 9.25 -1.88
C GLU A 58 -9.00 10.24 -1.39
N LYS A 59 -9.27 10.90 -0.27
CA LYS A 59 -8.27 11.78 0.33
C LYS A 59 -7.14 10.90 0.75
N ALA A 60 -7.48 9.90 1.54
CA ALA A 60 -6.58 8.93 2.08
C ALA A 60 -5.68 8.35 1.02
N MET A 61 -6.26 7.86 -0.06
CA MET A 61 -5.51 7.24 -1.12
C MET A 61 -4.54 8.23 -1.80
N ARG A 62 -4.99 9.47 -2.05
CA ARG A 62 -4.20 10.42 -2.77
C ARG A 62 -3.06 10.90 -1.90
N ASP A 63 -3.40 11.16 -0.66
CA ASP A 63 -2.49 11.63 0.37
C ASP A 63 -1.44 10.54 0.64
N ALA A 64 -1.87 9.30 0.47
CA ALA A 64 -1.04 8.12 0.61
C ALA A 64 -0.02 8.05 -0.53
N ILE A 65 -0.54 8.18 -1.74
CA ILE A 65 0.24 8.11 -2.95
C ILE A 65 1.35 9.15 -2.97
N GLU A 66 1.00 10.40 -2.76
CA GLU A 66 1.97 11.47 -2.80
C GLU A 66 2.79 11.56 -1.50
N GLY A 67 2.28 10.96 -0.44
CA GLY A 67 2.96 11.02 0.84
C GLY A 67 4.01 9.95 1.04
N MET A 68 3.75 8.73 0.57
CA MET A 68 4.71 7.63 0.78
C MET A 68 5.51 7.30 -0.46
N ASN A 69 5.32 8.05 -1.51
CA ASN A 69 6.06 7.82 -2.74
C ASN A 69 7.50 8.28 -2.56
N GLY A 70 8.44 7.36 -2.63
CA GLY A 70 9.83 7.77 -2.57
C GLY A 70 10.45 7.65 -1.20
N GLN A 71 9.80 6.97 -0.27
CA GLN A 71 10.39 6.81 1.05
C GLN A 71 10.94 5.39 1.22
N ASP A 72 11.84 5.23 2.15
CA ASP A 72 12.49 3.94 2.39
C ASP A 72 11.89 3.21 3.57
N LEU A 73 11.06 2.26 3.25
CA LEU A 73 10.36 1.47 4.23
C LEU A 73 11.10 0.14 4.31
N ASP A 74 11.53 -0.21 5.53
CA ASP A 74 12.33 -1.44 5.82
C ASP A 74 13.66 -1.42 5.06
N GLY A 75 14.14 -0.23 4.78
CA GLY A 75 15.40 -0.09 4.08
C GLY A 75 15.25 -0.24 2.59
N ARG A 76 14.05 -0.02 2.11
CA ARG A 76 13.79 -0.07 0.70
C ARG A 76 12.87 1.07 0.28
N ASN A 77 13.26 1.71 -0.78
CA ASN A 77 12.53 2.85 -1.31
C ASN A 77 11.35 2.35 -2.11
N ILE A 78 10.20 2.72 -1.66
CA ILE A 78 8.96 2.23 -2.17
C ILE A 78 8.29 3.22 -3.13
N THR A 79 7.67 2.70 -4.15
CA THR A 79 6.95 3.50 -5.10
C THR A 79 5.44 3.25 -4.93
N VAL A 80 4.72 4.29 -4.56
CA VAL A 80 3.28 4.18 -4.32
C VAL A 80 2.52 4.88 -5.44
N ASN A 81 1.52 4.22 -5.97
CA ASN A 81 0.68 4.75 -7.04
C ASN A 81 -0.69 4.10 -6.96
N GLU A 82 -1.66 4.61 -7.71
CA GLU A 82 -3.03 4.12 -7.64
C GLU A 82 -3.19 2.82 -8.44
N ALA A 83 -3.84 1.86 -7.83
CA ALA A 83 -4.04 0.55 -8.39
C ALA A 83 -5.25 0.51 -9.32
N GLN A 84 -6.11 1.51 -9.22
CA GLN A 84 -7.24 1.65 -10.13
C GLN A 84 -6.83 2.37 -11.41
N SER A 85 -5.84 3.22 -11.31
CA SER A 85 -5.36 3.96 -12.45
C SER A 85 -4.11 3.29 -12.98
N ARG A 86 -4.25 2.54 -14.05
CA ARG A 86 -3.11 1.84 -14.61
C ARG A 86 -2.82 2.37 -16.00
N GLY A 1 -17.75 2.13 2.66
CA GLY A 1 -18.85 1.18 2.54
C GLY A 1 -19.90 1.63 1.53
N MET A 2 -20.25 2.91 1.54
CA MET A 2 -21.30 3.41 0.67
C MET A 2 -20.75 4.45 -0.31
N ALA A 3 -20.30 5.59 0.22
CA ALA A 3 -19.79 6.67 -0.64
C ALA A 3 -18.28 6.70 -0.57
N GLU A 4 -17.77 5.88 0.27
CA GLU A 4 -16.40 5.74 0.54
C GLU A 4 -16.04 4.32 0.26
N VAL A 5 -16.02 4.06 -0.98
CA VAL A 5 -15.75 2.80 -1.56
C VAL A 5 -14.23 2.62 -1.69
N GLU A 6 -13.77 1.38 -1.73
CA GLU A 6 -12.36 1.06 -1.68
C GLU A 6 -11.54 1.75 -2.77
N TYR A 7 -10.49 2.36 -2.34
CA TYR A 7 -9.51 2.86 -3.21
C TYR A 7 -8.24 2.17 -2.95
N ARG A 8 -8.02 1.22 -3.77
CA ARG A 8 -6.92 0.35 -3.67
C ARG A 8 -5.71 0.97 -4.33
N CYS A 9 -4.64 1.00 -3.61
CA CYS A 9 -3.41 1.60 -4.03
C CYS A 9 -2.37 0.52 -4.25
N PHE A 10 -1.49 0.73 -5.20
CA PHE A 10 -0.45 -0.22 -5.54
C PHE A 10 0.84 0.27 -4.94
N VAL A 11 1.46 -0.53 -4.10
CA VAL A 11 2.72 -0.17 -3.54
C VAL A 11 3.73 -1.25 -3.90
N GLY A 12 4.68 -0.89 -4.71
CA GLY A 12 5.70 -1.81 -5.13
C GLY A 12 7.03 -1.38 -4.62
N GLY A 13 7.96 -2.29 -4.58
CA GLY A 13 9.27 -1.98 -4.09
C GLY A 13 9.28 -2.05 -2.59
N LEU A 14 8.84 -3.16 -2.08
CA LEU A 14 8.75 -3.37 -0.66
C LEU A 14 10.04 -3.94 -0.11
N ALA A 15 10.17 -3.91 1.19
CA ALA A 15 11.40 -4.22 1.84
C ALA A 15 11.50 -5.61 2.42
N TRP A 16 12.38 -5.76 3.39
CA TRP A 16 12.79 -7.05 3.90
C TRP A 16 11.77 -7.61 4.87
N ALA A 17 11.11 -6.75 5.59
CA ALA A 17 10.20 -7.17 6.64
C ALA A 17 8.84 -6.56 6.43
N THR A 18 8.60 -6.11 5.23
CA THR A 18 7.35 -5.52 4.91
C THR A 18 6.26 -6.61 4.84
N THR A 19 5.31 -6.49 5.71
CA THR A 19 4.22 -7.41 5.83
C THR A 19 2.97 -6.67 5.67
N ASP A 20 1.93 -7.41 5.63
CA ASP A 20 0.61 -6.89 5.46
C ASP A 20 0.27 -5.93 6.58
N GLN A 21 0.82 -6.22 7.75
CA GLN A 21 0.58 -5.41 8.91
C GLN A 21 1.43 -4.14 8.83
N THR A 22 2.75 -4.32 8.67
CA THR A 22 3.68 -3.19 8.65
C THR A 22 3.44 -2.22 7.48
N LEU A 23 2.90 -2.73 6.38
CA LEU A 23 2.57 -1.87 5.27
C LEU A 23 1.27 -1.10 5.58
N GLY A 24 0.36 -1.78 6.24
CA GLY A 24 -0.93 -1.21 6.55
C GLY A 24 -0.85 -0.13 7.61
N GLU A 25 -0.12 -0.41 8.69
CA GLU A 25 0.01 0.52 9.82
C GLU A 25 0.59 1.87 9.37
N ALA A 26 1.56 1.82 8.46
CA ALA A 26 2.22 3.00 7.94
C ALA A 26 1.23 3.91 7.22
N PHE A 27 0.35 3.32 6.45
CA PHE A 27 -0.61 4.09 5.69
C PHE A 27 -1.87 4.42 6.49
N SER A 28 -2.04 3.76 7.62
CA SER A 28 -3.20 3.98 8.48
C SER A 28 -3.10 5.33 9.19
N GLN A 29 -1.91 5.91 9.16
CA GLN A 29 -1.68 7.22 9.75
C GLN A 29 -2.11 8.31 8.79
N PHE A 30 -2.39 7.92 7.56
CA PHE A 30 -2.81 8.84 6.52
C PHE A 30 -4.30 8.68 6.29
N GLY A 31 -4.77 7.45 6.27
CA GLY A 31 -6.17 7.23 6.06
C GLY A 31 -6.61 5.91 6.59
N GLU A 32 -7.91 5.76 6.71
CA GLU A 32 -8.52 4.52 7.15
C GLU A 32 -8.26 3.43 6.10
N ILE A 33 -7.65 2.36 6.54
CA ILE A 33 -7.30 1.25 5.70
C ILE A 33 -8.39 0.21 5.76
N LEU A 34 -8.78 -0.31 4.62
CA LEU A 34 -9.77 -1.36 4.56
C LEU A 34 -9.08 -2.70 4.56
N ASP A 35 -7.97 -2.79 3.83
CA ASP A 35 -7.17 -3.99 3.76
C ASP A 35 -5.80 -3.64 3.24
N SER A 36 -4.85 -4.46 3.54
CA SER A 36 -3.51 -4.29 3.06
C SER A 36 -2.89 -5.66 2.87
N LYS A 37 -2.75 -6.06 1.63
CA LYS A 37 -2.23 -7.36 1.32
C LYS A 37 -1.02 -7.31 0.44
N ILE A 38 0.03 -7.91 0.93
CA ILE A 38 1.24 -8.10 0.19
C ILE A 38 0.98 -9.24 -0.78
N ILE A 39 1.45 -9.08 -1.98
CA ILE A 39 1.34 -10.14 -2.93
C ILE A 39 2.44 -11.12 -2.65
N ASN A 40 2.05 -12.26 -2.16
CA ASN A 40 2.99 -13.28 -1.79
C ASN A 40 3.48 -14.06 -2.97
N ASP A 41 4.61 -14.62 -2.80
CA ASP A 41 5.30 -15.36 -3.80
C ASP A 41 4.95 -16.82 -3.75
N ARG A 42 4.25 -17.28 -4.75
CA ARG A 42 3.91 -18.67 -4.84
C ARG A 42 5.06 -19.62 -5.19
N GLU A 43 6.21 -19.06 -5.56
CA GLU A 43 7.38 -19.88 -5.82
C GLU A 43 8.10 -20.29 -4.53
N THR A 44 8.49 -19.31 -3.73
CA THR A 44 9.27 -19.59 -2.54
C THR A 44 8.50 -19.36 -1.23
N GLY A 45 7.28 -18.86 -1.34
CA GLY A 45 6.48 -18.61 -0.14
C GLY A 45 6.84 -17.29 0.51
N ARG A 46 7.51 -16.44 -0.23
CA ARG A 46 7.94 -15.15 0.28
C ARG A 46 7.01 -14.05 -0.25
N SER A 47 7.52 -12.86 -0.40
CA SER A 47 6.76 -11.75 -0.94
C SER A 47 7.23 -11.46 -2.37
N ARG A 48 6.32 -11.01 -3.24
CA ARG A 48 6.69 -10.67 -4.63
C ARG A 48 7.37 -9.31 -4.70
N GLY A 49 7.38 -8.61 -3.59
CA GLY A 49 8.04 -7.33 -3.52
C GLY A 49 7.10 -6.17 -3.70
N PHE A 50 5.81 -6.45 -3.75
CA PHE A 50 4.81 -5.40 -3.88
C PHE A 50 3.51 -5.87 -3.22
N GLY A 51 2.62 -4.93 -2.98
CA GLY A 51 1.38 -5.24 -2.35
C GLY A 51 0.36 -4.15 -2.57
N PHE A 52 -0.84 -4.39 -2.15
CA PHE A 52 -1.91 -3.43 -2.28
C PHE A 52 -2.36 -2.91 -0.94
N VAL A 53 -2.60 -1.64 -0.87
CA VAL A 53 -3.10 -0.99 0.32
C VAL A 53 -4.44 -0.37 -0.03
N THR A 54 -5.45 -0.75 0.66
CA THR A 54 -6.76 -0.28 0.37
C THR A 54 -7.20 0.82 1.31
N PHE A 55 -7.52 1.95 0.74
CA PHE A 55 -7.97 3.08 1.46
C PHE A 55 -9.47 3.18 1.36
N LYS A 56 -10.05 3.77 2.36
CA LYS A 56 -11.48 3.98 2.44
C LYS A 56 -11.92 5.11 1.49
N ASP A 57 -11.02 6.06 1.26
CA ASP A 57 -11.34 7.19 0.38
C ASP A 57 -10.17 7.54 -0.50
N GLU A 58 -10.50 8.05 -1.67
CA GLU A 58 -9.58 8.45 -2.70
C GLU A 58 -8.65 9.61 -2.25
N LYS A 59 -9.16 10.51 -1.42
CA LYS A 59 -8.37 11.67 -0.94
C LYS A 59 -7.34 11.18 0.06
N ALA A 60 -7.76 10.22 0.88
CA ALA A 60 -6.88 9.63 1.87
C ALA A 60 -5.78 8.83 1.18
N MET A 61 -6.10 8.37 -0.01
CA MET A 61 -5.16 7.66 -0.83
C MET A 61 -4.16 8.64 -1.44
N ARG A 62 -4.67 9.82 -1.87
CA ARG A 62 -3.85 10.88 -2.49
C ARG A 62 -2.68 11.27 -1.63
N ASP A 63 -2.96 11.70 -0.41
CA ASP A 63 -1.91 12.15 0.53
C ASP A 63 -0.89 11.02 0.78
N ALA A 64 -1.35 9.79 0.67
CA ALA A 64 -0.51 8.65 0.89
C ALA A 64 0.39 8.40 -0.32
N ILE A 65 -0.14 8.60 -1.51
CA ILE A 65 0.62 8.38 -2.72
C ILE A 65 1.61 9.51 -2.91
N GLU A 66 1.09 10.72 -2.95
CA GLU A 66 1.87 11.90 -3.18
C GLU A 66 2.90 12.16 -2.05
N GLY A 67 2.65 11.60 -0.88
CA GLY A 67 3.55 11.79 0.24
C GLY A 67 4.56 10.64 0.43
N MET A 68 4.11 9.40 0.29
CA MET A 68 4.97 8.23 0.61
C MET A 68 5.72 7.70 -0.61
N ASN A 69 5.40 8.17 -1.79
CA ASN A 69 6.03 7.66 -3.00
C ASN A 69 7.47 8.12 -3.12
N GLY A 70 8.41 7.20 -3.09
CA GLY A 70 9.79 7.55 -3.27
C GLY A 70 10.61 7.41 -2.02
N GLN A 71 9.98 7.52 -0.86
CA GLN A 71 10.72 7.44 0.38
C GLN A 71 11.01 6.01 0.77
N ASP A 72 11.77 5.84 1.82
CA ASP A 72 12.12 4.54 2.32
C ASP A 72 11.06 4.05 3.26
N LEU A 73 10.81 2.79 3.20
CA LEU A 73 9.98 2.12 4.11
C LEU A 73 10.57 0.76 4.36
N ASP A 74 11.12 0.58 5.55
CA ASP A 74 11.66 -0.71 6.04
C ASP A 74 12.93 -1.12 5.24
N GLY A 75 13.63 -0.13 4.70
CA GLY A 75 14.86 -0.42 3.99
C GLY A 75 14.68 -0.51 2.49
N ARG A 76 13.57 -0.04 1.98
CA ARG A 76 13.35 0.00 0.56
C ARG A 76 12.67 1.29 0.16
N ASN A 77 13.06 1.85 -0.96
CA ASN A 77 12.34 2.98 -1.52
C ASN A 77 11.09 2.45 -2.18
N ILE A 78 9.99 2.73 -1.57
CA ILE A 78 8.72 2.23 -2.03
C ILE A 78 8.14 3.10 -3.14
N THR A 79 7.54 2.46 -4.08
CA THR A 79 6.91 3.12 -5.17
C THR A 79 5.40 3.00 -4.96
N VAL A 80 4.76 4.11 -4.76
CA VAL A 80 3.35 4.13 -4.45
C VAL A 80 2.61 4.76 -5.61
N ASN A 81 1.58 4.10 -6.10
CA ASN A 81 0.80 4.63 -7.20
C ASN A 81 -0.65 4.22 -7.06
N GLU A 82 -1.49 4.82 -7.87
CA GLU A 82 -2.91 4.57 -7.85
C GLU A 82 -3.20 3.27 -8.62
N ALA A 83 -3.75 2.28 -7.93
CA ALA A 83 -4.03 0.98 -8.57
C ALA A 83 -5.26 1.04 -9.46
N GLN A 84 -5.97 2.17 -9.38
CA GLN A 84 -7.13 2.41 -10.24
C GLN A 84 -6.64 2.68 -11.68
N SER A 85 -5.35 3.06 -11.76
CA SER A 85 -4.64 3.30 -13.00
C SER A 85 -5.10 4.57 -13.76
N ARG A 86 -4.90 5.70 -13.13
CA ARG A 86 -5.05 7.01 -13.74
C ARG A 86 -3.75 7.77 -13.60
#